data_8PPR
#
_entry.id   8PPR
#
_cell.length_a   1.00
_cell.length_b   1.00
_cell.length_c   1.00
_cell.angle_alpha   90.00
_cell.angle_beta   90.00
_cell.angle_gamma   90.00
#
_symmetry.space_group_name_H-M   'P 1'
#
loop_
_entity.id
_entity.type
_entity.pdbx_description
1 polymer 'Kinetochore-associated protein DSN1 homolog'
2 polymer 'Protein MIS12 homolog'
3 polymer 'Kinetochore-associated protein NSL1 homolog'
4 polymer 'Polyamine-modulated factor 1'
5 polymer 'Kinetochore protein Spc24'
6 polymer 'Kinetochore protein Spc25'
7 polymer 'Kinetochore scaffold 1'
8 polymer 'ZW10 interactor'
9 water water
#
loop_
_entity_poly.entity_id
_entity_poly.type
_entity_poly.pdbx_seq_one_letter_code
_entity_poly.pdbx_strand_id
1 'polypeptide(L)'
;MTSVTRSEIIDEKGPVMSKTHDHQLESSLSPVEVFAKTSASLEMNQGVSEERIHLGSSPKKGGNCDLSHQERLQSKSLHL
SPQEQSASYQDRRQSWRRASMKETNRRKSLHPIHQGITELSRSISVDLAESKRLGCLLLSSFQFSIQKLEPFLRDTKGFS
LESFRAKASSLSEELKHFADGLETDGTLQKCFEDSNGKASDFSLEASVAEMKEYITKFSLERQTWDQLLLHYQQEAKEIL
SRGSTEAKITEVKVEPMTYLGSSQNEVLNTKPDYQKILQNQSKVFDCMELVMDELQGSVKQLQAFMDESTQCFQKVSVQL
GKRSMQQLDPSPARKLLKLQLQNPPAIHGSGSGSCQ
;
D
2 'polypeptide(L)'
;MSVDPMTYEAQFFGFTPQTCMLRIYIAFQDYLFEVMQAVEQVILKKLDGIPDCDISPVQIRKCTEKFLCFMKGHFDNLFS
KMEQLFLQLILRIPSNILLPEDKCKETPYSEEDFQHLQKEIEQLQEKYKTELCTKQALLAELEEQKIVQAKLKQTLTFFD
ELHNVGRDHGTSDFRESLVSLVQNSRKLQNIRDNVEKESKRLKIS
;
M
3 'polypeptide(L)'
;MAGSPELVVLDPPWDKELAAGTESQALVSATPREDFRVRCTSKRAVTEMLQLCGRFVQKLGDALPEEIREPALRDAQWTF
ESAVQENISINGQAWQEASDNCFMDSDIKVLEDQFDEIIVDIATKRKQYPRKILECVIKTIKAKQEILKQYHPVVHPLDL
KYDPDPAPHMENLKCRGETVAKEISEAMKSLPALIEQGEGFSQVLRMQPVIHLQRIHQEVFSSCHRKPDAKPENFITQIE
TTPTETASRKTSDMVLKRKQTKDCPQRKWYPLRPKKINLDT
;
N
4 'polypeptide(L)'
;MAEASSANLGSGCEEKRHEGSSSESVPPGTTISRVKLLDTMVDTFLQKLVAAGSYQRFTDCYKCFYQLQPAMTQQIYDKF
IAQLQTSIREEISDIKEEGNLEAVLNALDKIVEEGKVRKEPAWRPSGIPEKDLHSVMAPYFLQQRDTLRRHVQKQEAENQ
QLADAVLAGRRQVEELQLQVQAQQQAWQALHREQRELVAVLREPE
;
P
5 'polypeptide(L)'
;MAAFRDIEEVSQGLLSLLGANRAEAQQRRLLGRHEQVVERLLETQDGAEKQLREILTMEKEVAQSLLNAKEQVHQGGVEL
QQLEAGLQEAGEEDTRLKASLLQLTRELEELKEIEADLERQEKEVDEDTTVTIPSAVYVAQLYHQVSKIEWDYECEPGMV
KGIHHGPSVAQPIHLDSTQLSRKFISDYLWSLVDTEW
;
F
6 'polypeptide(L)'
;MVEDELALFDKSINEFWNKFKSTDTSCQMAGLRDTYKDSIKAFAEKLSVKLKEEERMVEMFLEYQNQISRQNKLIQEKKD
NLLKLIAEVKGKKQELEVLTANIQDLKEEYSRKKETISTANKANAERLKRLQKSADLYKDRLGLEIRKIYGEKLQFIFTN
IDPKNPESPFMFSLHLNEARDYEVSDSAPHLEGLAEFQENVRKTNNFSAFLANVRKAFTATVYN
;
G
7 'polypeptide(L)'
;MDGVSSEANEENDNIERPVRRRHSSILKPPRSPLQDLRGGNERVQESNALRNKKNSRRVSFADTIKVFQTESHMKIVRKS
EMEGCSAMVPSQLQLLPPGFKRFSCLSLPETETGENLLLIQNKKLEDNYCEITGMNTLLSAPIHTQMQQKEFSIIEHTRE
RKHANDQTVIFSDENQMDLTSSHTVMITKGLLDNPISEKSTKIDTTSFLANLKLHTEDSRMKKEVNFSVDQNTSSENKID
FNDFIKRLKTGKCSAFPDVPDKENFEIPIYSKEPNSASSTHQMHVSLKEDENNSNITRLFREKDDGMNFTQCHTANIQTL
IPTSSETNSRESKGNDITIYGNDFMDLTFNHTLQILPATGNFSEIENQTQNAMDVTTGYGTKASGNKTVFKSKQNTAFQD
LSINSADKIHITRSHIMGAETHIVSQTCNQDARILAMTPESIYSNPSIQGCKTVFYSSCNDAMEMTKCLSNMREEKNLLK
HDSNYAKMYCNPDAMSSLTEKTIYSGEENMDITKSHTVAIDNQIFKQDQSNVQIAAAPTPEKEMMLQNLMTTSEDGKMNV
NCNSVPHVSKERIQQSLSNPLSISLTDRKTELLSGENMDLTESHTSNLGSQVPLAAYNLAPESTSESHSQSKSSSDECEE
ITKSRNEPFQRSDIIAKNSLTDTWNKDKDWVLKILPYLDKDSPQSADCNQEIATSHNIVYCGGVLDKQITNRNTVSWEQS
LFSTTKPLFSSGQFSMKNHDTAISSHTVKSVLGQNSKLAEPLRKSLSNPTPDYCHDKMIICSEEEQNMDLTKSHTVVIGF
GPSELQELGKTNLEHTTGQLTTMNRQIAVKVEKCGKSPIEKSGVLKSNCIMDVLEDESVQKPKFPKEKQNVKIWGRKSVG
GPKIDKTIVFSEDDKNDMDITKSYTIEINHRPLLEKRDCHLVPLAGTSETILYTCRQDDMEITRSHTTALECKTVSPDEI
TTRPMDKTVVFVDNHVELEMTESHTVFIDYQEKERTDRPNFELSQRKSLGTPTVICTPTEESVFFPGNGESDRLVANDSQ
LTPLEEWSNNRGPVEVADNMELSKSATCKNIKDVQSPGFLNEPLSSKSQRRKSLKLKNDKTIVFSENHKNDMDITQSCMV
EIDNESALEDKEDFHLAGASKTILYSCGQDDMEITRSHTTALECKTLLPNEIAIRPMDKTVLFTDNYSDLEVTDSHTVFI
DCQATEKILEENPKFGIGKGKNLGVSFPKDNSCVQEIAEKQALAVGNKIVLHTEQKQQLFAATNRTTNEIIKFHSAAMDE
KVIGKVVDQACTLEKAQVESCQLNNRDRRNVDFTSSHATAVCGSSDNYSCLPNVISCTDNLEGSAMLLCDKDEEKANYCP
VQNDLAYANDFASEYYLESEGQPLSAPCPLLEKEEVIQTSTKGQLDCVITLHKDQDLIKDPRNLLANQTLVYSQDLGEMT
KLNSKRVSFKLPKDQMKVYVDDIYVIPQPHFSTDQPPLPKKGQSSINKEEVILSKAGNKSLNIIENSSAPICENKPKILN
SEEWFAAACKKELKENIQTTNYNTALDFHSNSDVTKQVIQTHVNAGEAPDPVITSNVPCFHSIKPNLNNLNGKTGEFLAF
QTVHLPPLPEQLLELGNKAHNDMHIVQATEIHNINIISSNAKDSRDEENKKSHNGAETTSLPPKTVFKDKVRRCSLGIFL
PRLPNKRNCSVTGIDDLEQIPADTTDINHLETQPVSSKDSGIGSVAGKLNLSPSQYINEENLPVYPDEINSSDSINIETE
EKALIETYQKEISPYENKMGKTCNSQKRTWVQEEEDIHKEKKIRKNEIKFSDTTQDREIFDHHTEEDIDKSANSVLIKNL
SRTPSSCSSSLDSIKADGTSLDFSTYRSSQMESQFLRDTICEESLREKLQDGRITIREFFILLQVHILIQKPRQSNLPGN
FTVNTPPTPEDLMLSQYVYRPKIQIYREDCEARRQKIEELKLSASNQDKLLVDINKNLWEKMRHCSDKELKAFGIYLNKI
KSCFTKMTKVFTHQGKVALYGKLVQSAQNEREKLQIKIDEMDKILKKIDNCLTEMETETKNLEDEEKNNPVEEWDSEMRA
AEKELEQLKTEEEELQRNLLELEVQKEQTLAQIDFMQKQRNRTEELLDQLSLSEWDVVEWSDDQAVFTFVYDTIQLTITF
EESVVGFPFLDKRYRKIVDVNFQSLLDEDQAPPSSLLVHKLIFQYVEEKESWKKTCTTQHQLPKMLEEFSLVVHHCRLLG
EEIEYLKRWGPNYNLMNIDINNNELRLLFSSSAAFAKFEITLFLSAYYPSVPLPSTIQNHVGNTSQDDIATILSKVPLEN
NYLKNVVKQIYQDLFQDCHFYH
;
K
8 'polypeptide(L)'
;MEAAETEAEAAALEVLAEVAGILEPVGLQEEAELPAKILVEFVVDSQKKDKLLCSQLQVADFLQNILAQEDTAKGLDPLA
SEDTSRQKAIAAKEQWKELKATYREHVEAIKIGLTKALTQMEEAQRKRTQLREAFEQLQAKKQMAMEKRRAVQNQWQLQQ
EKHLQHLAEVSAEVRERKTGTQQELDRVFQKLGNLKQQAEQERDKLQRYQTFLQLLYTLQGKLLFPEAEAEAENLPDDKP
QQPTRPQEQSTGDTMGRDPGVSFKAVGLQPAGDVNLP
;
Z
#
# COMPACT_ATOMS: atom_id res chain seq x y z
N ARG A 93 77.82 -5.03 10.50
CA ARG A 93 78.07 -5.84 11.68
C ARG A 93 79.18 -5.20 12.51
N GLN A 94 80.32 -4.95 11.88
CA GLN A 94 81.46 -4.35 12.53
C GLN A 94 81.48 -2.85 12.22
N SER A 95 81.37 -2.04 13.26
CA SER A 95 81.47 -0.59 13.12
C SER A 95 82.02 -0.04 14.43
N TRP A 96 83.16 0.63 14.35
CA TRP A 96 83.89 1.01 15.55
C TRP A 96 83.16 2.08 16.34
N ARG A 97 83.08 1.87 17.66
CA ARG A 97 82.63 2.86 18.62
C ARG A 97 83.81 3.30 19.47
N ARG A 98 83.63 4.42 20.19
CA ARG A 98 84.67 4.83 21.11
C ARG A 98 84.76 3.87 22.30
N ALA A 99 83.63 3.29 22.70
CA ALA A 99 83.66 2.26 23.73
C ALA A 99 84.35 1.00 23.22
N SER A 100 84.22 0.70 21.93
CA SER A 100 84.87 -0.47 21.35
C SER A 100 86.40 -0.35 21.37
N MET A 101 86.93 0.86 21.51
CA MET A 101 88.37 1.08 21.52
C MET A 101 88.93 1.43 22.88
N LYS A 102 88.08 1.77 23.87
CA LYS A 102 88.56 1.96 25.23
C LYS A 102 89.10 0.66 25.80
N GLU A 103 88.44 -0.47 25.51
CA GLU A 103 88.92 -1.76 25.96
C GLU A 103 90.29 -2.10 25.36
N THR A 104 90.59 -1.54 24.19
CA THR A 104 91.89 -1.76 23.58
C THR A 104 92.97 -1.04 24.39
N ASN A 105 94.02 -1.77 24.74
CA ASN A 105 95.07 -1.21 25.59
C ASN A 105 95.91 -0.21 24.81
N ARG A 106 96.23 0.90 25.45
CA ARG A 106 97.08 1.95 24.89
C ARG A 106 98.31 2.13 25.77
N ARG A 107 99.23 2.98 25.31
CA ARG A 107 100.45 3.29 26.06
C ARG A 107 100.64 4.79 26.03
N LYS A 108 100.30 5.46 27.13
CA LYS A 108 100.45 6.90 27.25
C LYS A 108 101.75 7.31 27.92
N SER A 109 102.61 6.34 28.27
CA SER A 109 103.88 6.64 28.91
C SER A 109 104.91 5.59 28.51
N LEU A 110 106.18 6.01 28.51
CA LEU A 110 107.27 5.12 28.16
C LEU A 110 107.45 4.03 29.22
N HIS A 111 107.78 2.83 28.76
CA HIS A 111 108.14 1.77 29.69
C HIS A 111 109.51 2.06 30.29
N PRO A 112 109.64 1.98 31.62
CA PRO A 112 110.93 2.26 32.25
C PRO A 112 111.93 1.16 31.98
N ILE A 113 113.21 1.51 32.08
CA ILE A 113 114.28 0.53 31.93
C ILE A 113 114.19 -0.52 33.03
N HIS A 114 113.95 -0.07 34.26
CA HIS A 114 113.91 -0.97 35.40
C HIS A 114 112.71 -1.92 35.32
N GLN A 115 112.91 -3.13 35.84
CA GLN A 115 111.89 -4.16 35.87
C GLN A 115 111.58 -4.54 37.30
N GLY A 116 110.33 -4.94 37.54
CA GLY A 116 109.89 -5.30 38.87
C GLY A 116 109.52 -4.13 39.77
N ILE A 117 109.61 -2.90 39.28
CA ILE A 117 109.22 -1.75 40.09
C ILE A 117 107.73 -1.76 40.35
N THR A 118 106.93 -2.23 39.38
CA THR A 118 105.49 -2.32 39.58
C THR A 118 105.13 -3.36 40.64
N GLU A 119 105.98 -4.38 40.80
CA GLU A 119 105.72 -5.43 41.79
C GLU A 119 105.99 -4.97 43.22
N LEU A 120 106.61 -3.80 43.40
CA LEU A 120 106.84 -3.30 44.75
C LEU A 120 105.52 -3.06 45.48
N SER A 121 104.55 -2.47 44.79
CA SER A 121 103.22 -2.28 45.39
C SER A 121 102.51 -3.61 45.59
N ARG A 122 102.72 -4.56 44.68
CA ARG A 122 102.10 -5.88 44.83
C ARG A 122 102.63 -6.58 46.08
N SER A 123 103.92 -6.45 46.35
CA SER A 123 104.50 -7.09 47.52
C SER A 123 104.01 -6.48 48.84
N ILE A 124 103.47 -5.27 48.79
CA ILE A 124 102.94 -4.62 49.99
C ILE A 124 101.47 -4.99 50.13
N SER A 125 101.12 -5.55 51.28
CA SER A 125 99.74 -5.96 51.52
C SER A 125 98.83 -4.75 51.69
N VAL A 126 97.58 -4.91 51.28
CA VAL A 126 96.59 -3.85 51.40
C VAL A 126 95.97 -3.76 52.78
N ASP A 127 96.35 -4.65 53.70
CA ASP A 127 95.83 -4.58 55.06
C ASP A 127 96.28 -3.32 55.76
N LEU A 128 97.50 -2.86 55.49
CA LEU A 128 98.00 -1.62 56.09
C LEU A 128 97.23 -0.43 55.54
N ALA A 129 97.19 0.65 56.33
CA ALA A 129 96.54 1.87 55.89
C ALA A 129 97.28 2.45 54.68
N GLU A 130 96.53 3.19 53.86
CA GLU A 130 97.08 3.72 52.61
C GLU A 130 98.30 4.59 52.87
N SER A 131 98.34 5.30 54.00
CA SER A 131 99.55 6.03 54.38
C SER A 131 100.70 5.07 54.65
N LYS A 132 100.42 3.95 55.34
CA LYS A 132 101.45 2.94 55.56
C LYS A 132 101.87 2.28 54.25
N ARG A 133 100.93 2.08 53.32
CA ARG A 133 101.29 1.58 52.01
C ARG A 133 102.20 2.55 51.28
N LEU A 134 101.92 3.85 51.38
CA LEU A 134 102.79 4.86 50.77
C LEU A 134 104.18 4.80 51.38
N GLY A 135 104.26 4.71 52.72
CA GLY A 135 105.55 4.63 53.36
C GLY A 135 106.33 3.40 52.96
N CYS A 136 105.66 2.25 52.92
CA CYS A 136 106.32 1.01 52.51
C CYS A 136 106.79 1.08 51.06
N LEU A 137 105.96 1.65 50.18
CA LEU A 137 106.36 1.79 48.78
C LEU A 137 107.56 2.72 48.63
N LEU A 138 107.57 3.84 49.36
CA LEU A 138 108.70 4.76 49.29
C LEU A 138 109.97 4.11 49.82
N LEU A 139 109.85 3.35 50.92
CA LEU A 139 111.02 2.64 51.46
C LEU A 139 111.52 1.59 50.46
N SER A 140 110.60 0.86 49.83
CA SER A 140 111.00 -0.13 48.84
C SER A 140 111.69 0.53 47.65
N SER A 141 111.19 1.70 47.23
CA SER A 141 111.85 2.44 46.16
C SER A 141 113.25 2.88 46.57
N PHE A 142 113.40 3.30 47.84
CA PHE A 142 114.72 3.70 48.33
C PHE A 142 115.69 2.52 48.30
N GLN A 143 115.26 1.35 48.79
CA GLN A 143 116.13 0.18 48.75
C GLN A 143 116.43 -0.26 47.32
N PHE A 144 115.44 -0.16 46.43
CA PHE A 144 115.67 -0.52 45.04
C PHE A 144 116.71 0.40 44.40
N SER A 145 116.62 1.70 44.69
CA SER A 145 117.61 2.64 44.18
C SER A 145 118.99 2.34 44.74
N ILE A 146 119.06 2.01 46.03
CA ILE A 146 120.35 1.70 46.65
C ILE A 146 120.97 0.47 45.99
N GLN A 147 120.17 -0.59 45.81
CA GLN A 147 120.69 -1.82 45.22
C GLN A 147 120.97 -1.67 43.72
N LYS A 148 120.31 -0.72 43.05
CA LYS A 148 120.65 -0.45 41.66
C LYS A 148 121.95 0.34 41.54
N LEU A 149 122.18 1.29 42.45
CA LEU A 149 123.40 2.08 42.43
C LEU A 149 124.61 1.31 42.98
N GLU A 150 124.36 0.25 43.77
CA GLU A 150 125.47 -0.49 44.36
C GLU A 150 126.45 -1.05 43.34
N PRO A 151 126.04 -1.75 42.28
CA PRO A 151 127.02 -2.27 41.32
C PRO A 151 127.28 -1.38 40.12
N PHE A 152 126.54 -0.28 39.97
CA PHE A 152 126.72 0.59 38.81
C PHE A 152 128.10 1.26 38.81
N LEU A 153 128.57 1.70 39.98
CA LEU A 153 129.81 2.43 40.10
C LEU A 153 130.93 1.61 40.71
N ARG A 154 130.83 0.28 40.65
CA ARG A 154 131.90 -0.57 41.15
C ARG A 154 133.17 -0.41 40.32
N ASP A 155 133.04 -0.09 39.04
CA ASP A 155 134.20 0.06 38.17
C ASP A 155 135.07 1.25 38.54
N THR A 156 134.51 2.24 39.23
CA THR A 156 135.29 3.41 39.63
C THR A 156 136.35 3.01 40.64
N LYS A 157 137.56 3.56 40.47
CA LYS A 157 138.67 3.29 41.37
C LYS A 157 138.35 3.77 42.78
N GLY A 158 138.18 2.83 43.71
CA GLY A 158 137.80 3.18 45.06
C GLY A 158 136.29 3.31 45.19
N PHE A 159 135.69 2.52 46.07
CA PHE A 159 134.23 2.52 46.21
C PHE A 159 133.90 1.95 47.57
N SER A 160 133.40 2.80 48.48
CA SER A 160 133.13 2.41 49.86
C SER A 160 131.77 1.71 49.92
N LEU A 161 131.77 0.45 49.47
CA LEU A 161 130.53 -0.30 49.34
C LEU A 161 129.96 -0.68 50.71
N GLU A 162 130.82 -1.10 51.63
CA GLU A 162 130.35 -1.51 52.96
C GLU A 162 129.74 -0.33 53.73
N SER A 163 130.43 0.82 53.72
CA SER A 163 129.85 2.00 54.35
C SER A 163 128.61 2.47 53.61
N PHE A 164 128.54 2.25 52.30
CA PHE A 164 127.34 2.57 51.54
C PHE A 164 126.16 1.75 52.04
N ARG A 165 126.35 0.44 52.25
CA ARG A 165 125.26 -0.38 52.76
C ARG A 165 124.89 0.01 54.19
N ALA A 166 125.90 0.29 55.02
CA ALA A 166 125.62 0.68 56.41
C ALA A 166 124.80 1.97 56.45
N LYS A 167 125.21 2.99 55.68
CA LYS A 167 124.46 4.23 55.64
C LYS A 167 123.10 4.05 54.99
N ALA A 168 122.98 3.15 54.00
CA ALA A 168 121.68 2.88 53.40
C ALA A 168 120.73 2.29 54.41
N SER A 169 121.20 1.34 55.22
CA SER A 169 120.34 0.76 56.25
C SER A 169 119.96 1.79 57.31
N SER A 170 120.93 2.59 57.76
CA SER A 170 120.64 3.60 58.77
C SER A 170 119.64 4.63 58.25
N LEU A 171 119.83 5.09 57.01
CA LEU A 171 118.92 6.05 56.42
C LEU A 171 117.58 5.43 56.06
N SER A 172 117.52 4.12 55.82
CA SER A 172 116.23 3.46 55.63
C SER A 172 115.45 3.43 56.93
N GLU A 173 116.12 3.13 58.04
CA GLU A 173 115.45 3.20 59.34
C GLU A 173 114.98 4.63 59.64
N GLU A 174 115.85 5.61 59.39
CA GLU A 174 115.49 7.00 59.61
C GLU A 174 114.35 7.43 58.70
N LEU A 175 114.32 6.91 57.47
CA LEU A 175 113.26 7.25 56.52
C LEU A 175 111.95 6.58 56.89
N LYS A 176 111.99 5.37 57.46
CA LYS A 176 110.78 4.77 58.01
C LYS A 176 110.22 5.63 59.14
N HIS A 177 111.10 6.11 60.04
CA HIS A 177 110.64 7.02 61.08
C HIS A 177 110.09 8.32 60.50
N PHE A 178 110.74 8.83 59.45
CA PHE A 178 110.27 10.05 58.81
C PHE A 178 108.90 9.86 58.18
N ALA A 179 108.69 8.73 57.52
CA ALA A 179 107.38 8.43 56.94
C ALA A 179 106.32 8.27 58.03
N ASP A 180 106.68 7.65 59.16
CA ASP A 180 105.74 7.56 60.27
C ASP A 180 105.37 8.94 60.80
N GLY A 181 106.37 9.83 60.92
CA GLY A 181 106.08 11.18 61.38
C GLY A 181 105.20 11.95 60.40
N LEU A 182 105.49 11.80 59.10
CA LEU A 182 104.65 12.44 58.08
C LEU A 182 103.24 11.90 58.10
N GLU A 183 103.07 10.60 58.38
CA GLU A 183 101.74 10.05 58.58
C GLU A 183 101.06 10.68 59.79
N THR A 184 101.80 10.85 60.88
CA THR A 184 101.21 11.40 62.10
C THR A 184 100.76 12.84 61.90
N ASP A 185 101.58 13.67 61.25
CA ASP A 185 101.21 15.06 61.08
C ASP A 185 100.13 15.27 60.03
N GLY A 186 99.82 14.26 59.23
CA GLY A 186 98.72 14.32 58.28
C GLY A 186 99.08 14.84 56.91
N THR A 187 100.25 15.45 56.75
CA THR A 187 100.63 15.96 55.43
C THR A 187 100.92 14.83 54.45
N LEU A 188 101.34 13.67 54.94
CA LEU A 188 101.50 12.52 54.06
C LEU A 188 100.15 12.05 53.53
N GLN A 189 99.10 12.16 54.35
CA GLN A 189 97.76 11.78 53.93
C GLN A 189 97.17 12.74 52.90
N LYS A 190 97.81 13.89 52.66
CA LYS A 190 97.26 14.89 51.74
C LYS A 190 97.21 14.39 50.31
N CYS A 191 97.88 13.28 49.99
CA CYS A 191 97.79 12.72 48.64
C CYS A 191 96.41 12.16 48.35
N PHE A 192 95.57 11.99 49.37
CA PHE A 192 94.23 11.43 49.21
C PHE A 192 93.14 12.50 49.25
N GLU A 193 93.51 13.77 49.09
CA GLU A 193 92.56 14.88 49.04
C GLU A 193 92.71 15.62 47.72
N ASP A 194 91.58 16.00 47.13
CA ASP A 194 91.57 16.68 45.84
C ASP A 194 91.49 18.19 46.03
N SER A 195 92.13 18.92 45.13
CA SER A 195 92.10 20.38 45.17
C SER A 195 90.84 20.90 44.48
N ASN A 196 90.79 22.22 44.28
CA ASN A 196 89.69 22.89 43.60
C ASN A 196 90.30 23.80 42.54
N GLY A 197 90.54 23.24 41.36
CA GLY A 197 91.04 24.02 40.25
C GLY A 197 89.93 24.53 39.35
N LYS A 198 89.00 25.29 39.94
CA LYS A 198 87.82 25.74 39.21
C LYS A 198 88.16 26.69 38.07
N ALA A 199 89.32 27.36 38.14
CA ALA A 199 89.69 28.31 37.09
C ALA A 199 89.78 27.63 35.73
N SER A 200 90.36 26.44 35.70
CA SER A 200 90.35 25.64 34.48
C SER A 200 89.11 24.76 34.36
N ASP A 201 88.27 24.71 35.39
CA ASP A 201 87.15 23.77 35.38
C ASP A 201 85.88 24.39 34.80
N PHE A 202 85.63 25.68 35.06
CA PHE A 202 84.29 26.23 34.84
C PHE A 202 83.79 25.95 33.43
N SER A 203 84.66 26.08 32.43
CA SER A 203 84.28 25.73 31.06
C SER A 203 83.95 24.24 30.96
N LEU A 204 84.69 23.40 31.68
CA LEU A 204 84.44 21.96 31.61
C LEU A 204 83.08 21.61 32.20
N GLU A 205 82.75 22.16 33.37
CA GLU A 205 81.39 21.92 33.89
C GLU A 205 80.32 22.53 32.98
N ALA A 206 80.60 23.65 32.32
CA ALA A 206 79.62 24.18 31.38
C ALA A 206 79.39 23.20 30.23
N SER A 207 80.47 22.65 29.67
CA SER A 207 80.33 21.67 28.61
C SER A 207 79.63 20.41 29.08
N VAL A 208 79.89 19.99 30.33
CA VAL A 208 79.22 18.81 30.87
C VAL A 208 77.73 19.07 31.05
N ALA A 209 77.36 20.27 31.47
CA ALA A 209 75.94 20.61 31.55
C ALA A 209 75.28 20.59 30.18
N GLU A 210 75.98 21.11 29.17
CA GLU A 210 75.46 21.03 27.80
C GLU A 210 75.28 19.58 27.36
N MET A 211 76.26 18.72 27.68
CA MET A 211 76.15 17.31 27.33
C MET A 211 74.99 16.64 28.05
N LYS A 212 74.78 16.98 29.33
CA LYS A 212 73.65 16.42 30.06
C LYS A 212 72.33 16.83 29.43
N GLU A 213 72.21 18.11 29.07
CA GLU A 213 71.00 18.56 28.39
C GLU A 213 70.79 17.82 27.08
N TYR A 214 71.86 17.67 26.29
CA TYR A 214 71.75 17.00 25.01
C TYR A 214 71.34 15.53 25.17
N ILE A 215 71.95 14.83 26.11
CA ILE A 215 71.63 13.41 26.29
C ILE A 215 70.22 13.24 26.82
N THR A 216 69.77 14.14 27.69
CA THR A 216 68.38 14.07 28.14
C THR A 216 67.41 14.29 26.99
N LYS A 217 67.68 15.30 26.16
CA LYS A 217 66.83 15.57 25.01
C LYS A 217 66.80 14.38 24.07
N PHE A 218 67.95 13.77 23.82
CA PHE A 218 68.02 12.65 22.89
C PHE A 218 67.39 11.40 23.47
N SER A 219 67.47 11.22 24.79
CA SER A 219 66.77 10.11 25.44
C SER A 219 65.26 10.26 25.30
N LEU A 220 64.74 11.46 25.52
CA LEU A 220 63.32 11.69 25.27
C LEU A 220 62.97 11.47 23.81
N GLU A 221 63.87 11.87 22.90
CA GLU A 221 63.60 11.69 21.48
C GLU A 221 63.51 10.21 21.10
N ARG A 222 64.46 9.39 21.59
CA ARG A 222 64.42 7.98 21.27
C ARG A 222 63.25 7.29 21.94
N GLN A 223 62.87 7.73 23.15
CA GLN A 223 61.67 7.19 23.79
C GLN A 223 60.44 7.48 22.95
N THR A 224 60.32 8.72 22.45
CA THR A 224 59.19 9.08 21.60
C THR A 224 59.21 8.28 20.29
N TRP A 225 60.40 8.06 19.74
CA TRP A 225 60.53 7.26 18.52
C TRP A 225 60.03 5.84 18.76
N ASP A 226 60.45 5.24 19.88
CA ASP A 226 60.01 3.88 20.20
C ASP A 226 58.51 3.84 20.42
N GLN A 227 57.96 4.85 21.10
CA GLN A 227 56.52 4.91 21.33
C GLN A 227 55.76 4.99 20.01
N LEU A 228 56.24 5.83 19.08
CA LEU A 228 55.59 5.95 17.78
C LEU A 228 55.66 4.64 17.02
N LEU A 229 56.82 3.98 17.04
CA LEU A 229 56.96 2.71 16.33
C LEU A 229 56.01 1.66 16.91
N LEU A 230 55.97 1.54 18.23
CA LEU A 230 55.10 0.54 18.83
C LEU A 230 53.63 0.86 18.58
N HIS A 231 53.28 2.14 18.65
CA HIS A 231 51.90 2.55 18.37
C HIS A 231 51.49 2.15 16.95
N TYR A 232 52.34 2.47 15.98
CA TYR A 232 51.96 2.20 14.60
C TYR A 232 51.93 0.71 14.31
N GLN A 233 52.91 -0.05 14.81
CA GLN A 233 52.90 -1.48 14.58
C GLN A 233 51.72 -2.15 15.27
N GLN A 234 51.37 -1.70 16.49
CA GLN A 234 50.23 -2.27 17.19
C GLN A 234 48.93 -1.92 16.48
N GLU A 235 48.83 -0.69 15.94
CA GLU A 235 47.65 -0.33 15.18
C GLU A 235 47.52 -1.18 13.93
N ALA A 236 48.63 -1.40 13.22
CA ALA A 236 48.58 -2.21 12.00
C ALA A 236 48.17 -3.64 12.32
N LYS A 237 48.77 -4.23 13.35
CA LYS A 237 48.44 -5.63 13.65
C LYS A 237 47.02 -5.75 14.19
N GLU A 238 46.56 -4.76 14.96
CA GLU A 238 45.18 -4.79 15.45
C GLU A 238 44.20 -4.69 14.28
N ILE A 239 44.48 -3.81 13.32
CA ILE A 239 43.60 -3.68 12.17
C ILE A 239 43.59 -4.98 11.36
N LEU A 240 44.76 -5.58 11.17
CA LEU A 240 44.85 -6.83 10.42
C LEU A 240 44.08 -7.94 11.13
N SER A 241 44.24 -8.06 12.45
CA SER A 241 43.56 -9.10 13.21
C SER A 241 42.05 -8.88 13.18
N ARG A 242 41.60 -7.64 13.35
CA ARG A 242 40.17 -7.36 13.31
C ARG A 242 39.59 -7.66 11.94
N GLY A 243 40.31 -7.32 10.87
CA GLY A 243 39.85 -7.68 9.54
C GLY A 243 39.80 -9.17 9.33
N SER A 244 40.77 -9.91 9.88
CA SER A 244 40.75 -11.36 9.79
C SER A 244 39.54 -11.93 10.51
N THR A 245 39.22 -11.41 11.70
CA THR A 245 37.99 -11.81 12.38
C THR A 245 36.77 -11.36 11.61
N GLU A 246 36.89 -10.28 10.83
CA GLU A 246 35.82 -9.81 9.96
C GLU A 246 35.79 -10.62 8.67
N ALA A 247 35.08 -10.10 7.68
CA ALA A 247 34.86 -10.67 6.34
C ALA A 247 33.79 -11.75 6.36
N LYS A 248 33.12 -11.99 7.48
CA LYS A 248 31.95 -12.85 7.51
C LYS A 248 30.74 -12.11 6.93
N ILE A 249 29.61 -12.79 6.88
CA ILE A 249 28.39 -12.16 6.38
C ILE A 249 27.72 -11.41 7.52
N THR A 250 28.15 -10.17 7.75
CA THR A 250 27.62 -9.33 8.82
C THR A 250 26.74 -8.26 8.18
N GLU A 251 25.47 -8.61 7.97
CA GLU A 251 24.52 -7.65 7.42
C GLU A 251 24.12 -6.64 8.48
N VAL A 252 24.18 -5.36 8.14
CA VAL A 252 23.90 -4.27 9.07
C VAL A 252 22.70 -3.50 8.55
N LYS A 253 21.67 -3.38 9.38
CA LYS A 253 20.54 -2.53 9.04
C LYS A 253 20.93 -1.06 9.12
N VAL A 254 20.29 -0.25 8.29
CA VAL A 254 20.63 1.16 8.14
C VAL A 254 19.56 1.99 8.85
N GLU A 255 20.00 2.80 9.81
CA GLU A 255 19.13 3.74 10.49
C GLU A 255 18.96 5.01 9.66
N PRO A 256 17.85 5.73 9.86
CA PRO A 256 17.60 6.91 9.02
C PRO A 256 18.66 7.99 9.13
N MET A 257 19.31 8.13 10.28
CA MET A 257 20.31 9.19 10.44
C MET A 257 21.51 8.98 9.51
N THR A 258 21.71 7.74 9.04
CA THR A 258 22.77 7.50 8.06
C THR A 258 22.51 8.26 6.76
N TYR A 259 21.23 8.40 6.39
CA TYR A 259 20.85 9.11 5.18
C TYR A 259 20.80 10.63 5.36
N LEU A 260 21.02 11.11 6.58
CA LEU A 260 20.93 12.56 6.82
C LEU A 260 21.98 13.32 6.04
N GLY A 261 23.21 12.82 5.96
CA GLY A 261 24.26 13.44 5.21
C GLY A 261 24.31 13.04 3.75
N SER A 262 23.32 12.29 3.27
CA SER A 262 23.32 11.82 1.91
C SER A 262 23.04 12.97 0.94
N SER A 263 23.59 12.84 -0.28
CA SER A 263 23.34 13.82 -1.32
C SER A 263 21.86 13.84 -1.71
N GLN A 264 21.27 12.67 -1.87
CA GLN A 264 19.85 12.56 -2.23
C GLN A 264 18.96 12.46 -0.99
N ASN A 265 19.18 13.38 -0.05
CA ASN A 265 18.38 13.37 1.17
C ASN A 265 16.93 13.74 0.91
N GLU A 266 16.70 14.70 0.02
CA GLU A 266 15.34 15.14 -0.28
C GLU A 266 14.53 14.01 -0.90
N VAL A 267 15.12 13.28 -1.84
CA VAL A 267 14.39 12.19 -2.50
C VAL A 267 14.00 11.13 -1.50
N LEU A 268 14.94 10.77 -0.62
CA LEU A 268 14.63 9.77 0.41
C LEU A 268 13.56 10.27 1.37
N ASN A 269 13.63 11.54 1.76
CA ASN A 269 12.70 12.08 2.73
C ASN A 269 11.29 12.18 2.16
N THR A 270 11.17 12.49 0.86
CA THR A 270 9.89 12.70 0.22
C THR A 270 9.29 11.43 -0.36
N LYS A 271 9.63 10.27 0.18
CA LYS A 271 9.10 9.02 -0.35
C LYS A 271 7.63 8.90 0.00
N PRO A 272 6.76 8.71 -0.99
CA PRO A 272 5.31 8.61 -0.69
C PRO A 272 4.96 7.26 -0.11
N ASP A 273 3.83 7.24 0.60
CA ASP A 273 3.29 5.99 1.13
C ASP A 273 2.80 5.10 0.00
N TYR A 274 2.97 3.79 0.17
CA TYR A 274 2.59 2.83 -0.86
C TYR A 274 1.55 1.82 -0.42
N GLN A 275 1.43 1.55 0.88
CA GLN A 275 0.37 0.66 1.36
C GLN A 275 -0.99 1.34 1.28
N LYS A 276 -1.04 2.65 1.48
CA LYS A 276 -2.30 3.38 1.40
C LYS A 276 -2.92 3.23 0.01
N ILE A 277 -2.08 3.21 -1.02
CA ILE A 277 -2.58 3.00 -2.38
C ILE A 277 -3.21 1.62 -2.51
N LEU A 278 -2.56 0.60 -1.95
CA LEU A 278 -3.11 -0.74 -2.00
C LEU A 278 -4.44 -0.83 -1.27
N GLN A 279 -4.59 -0.08 -0.17
CA GLN A 279 -5.87 -0.05 0.54
C GLN A 279 -6.93 0.70 -0.28
N ASN A 280 -6.52 1.79 -0.94
CA ASN A 280 -7.44 2.53 -1.78
C ASN A 280 -7.92 1.68 -2.95
N GLN A 281 -7.11 0.72 -3.40
CA GLN A 281 -7.58 -0.19 -4.44
C GLN A 281 -8.78 -0.99 -3.97
N SER A 282 -8.71 -1.55 -2.76
CA SER A 282 -9.84 -2.29 -2.21
C SER A 282 -11.02 -1.37 -1.98
N LYS A 283 -10.75 -0.12 -1.57
CA LYS A 283 -11.84 0.84 -1.42
C LYS A 283 -12.53 1.10 -2.76
N VAL A 284 -11.76 1.20 -3.84
CA VAL A 284 -12.33 1.41 -5.17
C VAL A 284 -13.18 0.20 -5.56
N PHE A 285 -12.69 -1.00 -5.28
CA PHE A 285 -13.51 -2.19 -5.55
C PHE A 285 -14.83 -2.15 -4.76
N ASP A 286 -14.76 -1.73 -3.50
CA ASP A 286 -15.98 -1.64 -2.68
C ASP A 286 -16.97 -0.64 -3.27
N CYS A 287 -16.48 0.52 -3.68
CA CYS A 287 -17.39 1.54 -4.23
C CYS A 287 -17.96 1.10 -5.57
N MET A 288 -17.18 0.39 -6.39
CA MET A 288 -17.72 -0.20 -7.60
C MET A 288 -18.83 -1.20 -7.30
N GLU A 289 -18.64 -2.01 -6.25
CA GLU A 289 -19.69 -2.94 -5.87
C GLU A 289 -20.95 -2.20 -5.42
N LEU A 290 -20.79 -1.10 -4.68
CA LEU A 290 -21.95 -0.32 -4.27
C LEU A 290 -22.68 0.26 -5.47
N VAL A 291 -21.93 0.79 -6.44
CA VAL A 291 -22.54 1.29 -7.67
C VAL A 291 -23.27 0.17 -8.38
N MET A 292 -22.68 -1.04 -8.34
CA MET A 292 -23.32 -2.18 -8.98
C MET A 292 -24.65 -2.52 -8.32
N ASP A 293 -24.69 -2.45 -6.99
CA ASP A 293 -25.95 -2.68 -6.28
C ASP A 293 -26.98 -1.63 -6.67
N GLU A 294 -26.56 -0.37 -6.78
CA GLU A 294 -27.47 0.68 -7.21
C GLU A 294 -28.03 0.40 -8.60
N LEU A 295 -27.16 -0.04 -9.52
CA LEU A 295 -27.61 -0.35 -10.87
C LEU A 295 -28.64 -1.48 -10.86
N GLN A 296 -28.37 -2.53 -10.08
CA GLN A 296 -29.32 -3.64 -9.99
C GLN A 296 -30.66 -3.17 -9.46
N GLY A 297 -30.65 -2.33 -8.42
CA GLY A 297 -31.89 -1.81 -7.88
C GLY A 297 -32.67 -0.99 -8.89
N SER A 298 -31.96 -0.14 -9.64
CA SER A 298 -32.63 0.66 -10.66
C SER A 298 -33.26 -0.22 -11.73
N VAL A 299 -32.55 -1.26 -12.16
CA VAL A 299 -33.10 -2.16 -13.17
C VAL A 299 -34.33 -2.86 -12.64
N LYS A 300 -34.29 -3.31 -11.39
CA LYS A 300 -35.45 -3.98 -10.79
C LYS A 300 -36.65 -3.05 -10.73
N GLN A 301 -36.43 -1.79 -10.33
CA GLN A 301 -37.52 -0.84 -10.27
C GLN A 301 -38.13 -0.61 -11.65
N LEU A 302 -37.29 -0.45 -12.67
CA LEU A 302 -37.80 -0.25 -14.03
C LEU A 302 -38.60 -1.47 -14.50
N GLN A 303 -38.11 -2.67 -14.20
CA GLN A 303 -38.83 -3.88 -14.59
C GLN A 303 -40.20 -3.94 -13.95
N ALA A 304 -40.27 -3.71 -12.65
CA ALA A 304 -41.57 -3.67 -11.99
C ALA A 304 -42.45 -2.59 -12.59
N PHE A 305 -41.84 -1.47 -13.00
CA PHE A 305 -42.64 -0.40 -13.55
C PHE A 305 -43.35 -0.81 -14.84
N MET A 306 -42.61 -1.33 -15.83
CA MET A 306 -43.34 -1.59 -17.06
C MET A 306 -44.24 -2.82 -16.89
N ASP A 307 -43.91 -3.72 -15.96
CA ASP A 307 -44.83 -4.81 -15.66
C ASP A 307 -46.16 -4.26 -15.16
N GLU A 308 -46.13 -3.30 -14.25
CA GLU A 308 -47.35 -2.67 -13.77
C GLU A 308 -48.07 -1.97 -14.91
N SER A 309 -47.32 -1.30 -15.80
CA SER A 309 -47.93 -0.62 -16.94
C SER A 309 -48.66 -1.60 -17.84
N THR A 310 -48.03 -2.75 -18.13
CA THR A 310 -48.67 -3.75 -18.96
C THR A 310 -49.92 -4.29 -18.31
N GLN A 311 -49.87 -4.54 -16.99
CA GLN A 311 -51.05 -5.02 -16.29
C GLN A 311 -52.19 -4.01 -16.36
N CYS A 312 -51.87 -2.73 -16.19
CA CYS A 312 -52.88 -1.68 -16.30
C CYS A 312 -53.49 -1.64 -17.69
N PHE A 313 -52.63 -1.72 -18.72
CA PHE A 313 -53.13 -1.71 -20.09
C PHE A 313 -54.07 -2.89 -20.34
N GLN A 314 -53.69 -4.08 -19.89
CA GLN A 314 -54.51 -5.25 -20.10
C GLN A 314 -55.85 -5.12 -19.37
N LYS A 315 -55.82 -4.60 -18.14
CA LYS A 315 -57.06 -4.45 -17.39
C LYS A 315 -58.00 -3.46 -18.07
N VAL A 316 -57.47 -2.33 -18.52
CA VAL A 316 -58.33 -1.36 -19.18
C VAL A 316 -58.84 -1.93 -20.51
N SER A 317 -58.01 -2.70 -21.21
CA SER A 317 -58.44 -3.30 -22.47
C SER A 317 -59.59 -4.28 -22.26
N VAL A 318 -59.48 -5.13 -21.24
CA VAL A 318 -60.56 -6.09 -21.00
C VAL A 318 -61.81 -5.37 -20.50
N GLN A 319 -61.65 -4.28 -19.74
CA GLN A 319 -62.82 -3.50 -19.33
C GLN A 319 -63.52 -2.92 -20.55
N LEU A 320 -62.75 -2.34 -21.48
CA LEU A 320 -63.34 -1.79 -22.69
C LEU A 320 -64.02 -2.88 -23.51
N GLY A 321 -63.38 -4.04 -23.60
CA GLY A 321 -64.00 -5.16 -24.30
C GLY A 321 -65.33 -5.55 -23.70
N LYS A 322 -65.38 -5.65 -22.36
CA LYS A 322 -66.63 -6.00 -21.69
C LYS A 322 -67.69 -4.93 -21.93
N ARG A 323 -67.29 -3.66 -21.88
CA ARG A 323 -68.23 -2.58 -22.14
C ARG A 323 -68.81 -2.68 -23.54
N SER A 324 -67.97 -3.03 -24.52
CA SER A 324 -68.48 -3.26 -25.87
C SER A 324 -69.38 -4.49 -25.92
N MET A 325 -69.03 -5.55 -25.18
CA MET A 325 -69.76 -6.81 -25.25
C MET A 325 -71.14 -6.73 -24.60
N GLN A 326 -71.33 -5.81 -23.65
CA GLN A 326 -72.54 -5.83 -22.84
C GLN A 326 -73.82 -5.68 -23.66
N GLN A 327 -73.74 -5.08 -24.85
CA GLN A 327 -74.93 -4.90 -25.66
C GLN A 327 -75.38 -6.19 -26.35
N LEU A 328 -74.44 -7.06 -26.69
CA LEU A 328 -74.73 -8.25 -27.48
C LEU A 328 -75.48 -9.29 -26.63
N ASP A 329 -76.14 -10.20 -27.33
CA ASP A 329 -76.73 -11.36 -26.69
C ASP A 329 -75.63 -12.36 -26.29
N PRO A 330 -75.92 -13.25 -25.34
CA PRO A 330 -74.89 -14.22 -24.93
C PRO A 330 -74.40 -15.11 -26.08
N SER A 331 -75.28 -15.49 -27.00
CA SER A 331 -74.90 -16.37 -28.10
C SER A 331 -75.73 -16.03 -29.32
N PRO A 332 -75.16 -15.29 -30.28
CA PRO A 332 -75.87 -15.07 -31.55
C PRO A 332 -76.11 -16.35 -32.32
N ALA A 333 -75.31 -17.39 -32.08
CA ALA A 333 -75.43 -18.62 -32.88
C ALA A 333 -76.77 -19.31 -32.63
N ARG A 334 -77.18 -19.44 -31.36
CA ARG A 334 -78.45 -20.09 -31.06
C ARG A 334 -79.61 -19.32 -31.65
N LYS A 335 -79.59 -18.00 -31.48
CA LYS A 335 -80.68 -17.17 -32.01
C LYS A 335 -80.75 -17.24 -33.52
N LEU A 336 -79.59 -17.24 -34.18
CA LEU A 336 -79.57 -17.33 -35.64
C LEU A 336 -80.04 -18.69 -36.12
N LEU A 337 -79.62 -19.77 -35.44
CA LEU A 337 -80.00 -21.12 -35.86
C LEU A 337 -81.48 -21.38 -35.64
N LYS A 338 -82.03 -20.89 -34.53
CA LYS A 338 -83.44 -21.13 -34.24
C LYS A 338 -84.38 -20.42 -35.21
N LEU A 339 -83.87 -19.50 -36.02
CA LEU A 339 -84.70 -18.82 -37.01
C LEU A 339 -85.23 -19.82 -38.02
N GLN A 340 -86.46 -19.61 -38.46
CA GLN A 340 -87.10 -20.50 -39.42
C GLN A 340 -87.69 -19.72 -40.59
N MET B 1 82.84 28.02 24.11
CA MET B 1 82.63 27.12 22.98
C MET B 1 81.48 26.16 23.24
N SER B 2 80.70 25.87 22.19
CA SER B 2 79.64 24.89 22.29
C SER B 2 79.99 23.65 21.48
N VAL B 3 79.82 22.48 22.09
CA VAL B 3 80.15 21.23 21.42
C VAL B 3 79.10 20.92 20.37
N ASP B 4 79.56 20.62 19.15
CA ASP B 4 78.65 20.33 18.04
C ASP B 4 78.17 18.90 18.16
N PRO B 5 76.85 18.66 18.28
CA PRO B 5 76.37 17.27 18.31
C PRO B 5 76.70 16.48 17.06
N MET B 6 76.70 17.13 15.90
CA MET B 6 77.00 16.48 14.62
C MET B 6 76.10 15.26 14.38
N THR B 7 74.83 15.37 14.77
CA THR B 7 73.91 14.25 14.62
C THR B 7 73.68 13.89 13.16
N TYR B 8 73.71 14.89 12.27
CA TYR B 8 73.42 14.62 10.86
C TYR B 8 74.61 13.95 10.18
N GLU B 9 75.83 14.40 10.51
CA GLU B 9 77.03 13.73 10.04
C GLU B 9 77.11 12.30 10.58
N ALA B 10 76.76 12.11 11.85
CA ALA B 10 76.76 10.77 12.42
C ALA B 10 75.71 9.89 11.75
N GLN B 11 74.55 10.47 11.40
CA GLN B 11 73.53 9.72 10.69
C GLN B 11 73.99 9.33 9.29
N PHE B 12 74.77 10.19 8.63
CA PHE B 12 75.30 9.83 7.32
C PHE B 12 76.37 8.76 7.44
N PHE B 13 77.45 9.05 8.19
CA PHE B 13 78.59 8.14 8.25
C PHE B 13 78.30 6.90 9.08
N GLY B 14 77.33 6.97 9.99
CA GLY B 14 77.09 5.90 10.93
C GLY B 14 77.87 5.99 12.22
N PHE B 15 78.76 6.98 12.34
CA PHE B 15 79.56 7.15 13.55
C PHE B 15 79.82 8.64 13.75
N THR B 16 80.12 8.99 15.00
CA THR B 16 80.50 10.37 15.31
C THR B 16 81.89 10.66 14.78
N PRO B 17 82.09 11.77 14.06
CA PRO B 17 83.43 12.08 13.56
C PRO B 17 84.47 12.23 14.67
N GLN B 18 84.05 12.69 15.85
CA GLN B 18 84.99 12.81 16.96
C GLN B 18 85.56 11.44 17.35
N THR B 19 84.75 10.40 17.23
CA THR B 19 85.22 9.05 17.56
C THR B 19 86.40 8.65 16.66
N CYS B 20 86.23 8.81 15.34
CA CYS B 20 87.30 8.45 14.42
C CYS B 20 88.50 9.38 14.56
N MET B 21 88.28 10.67 14.82
CA MET B 21 89.39 11.59 15.07
C MET B 21 90.20 11.17 16.29
N LEU B 22 89.52 10.83 17.39
CA LEU B 22 90.26 10.43 18.59
C LEU B 22 90.93 9.07 18.41
N ARG B 23 90.32 8.17 17.62
CA ARG B 23 90.98 6.91 17.33
C ARG B 23 92.25 7.14 16.49
N ILE B 24 92.18 8.05 15.53
CA ILE B 24 93.37 8.41 14.76
C ILE B 24 94.43 9.00 15.69
N TYR B 25 94.00 9.85 16.63
CA TYR B 25 94.92 10.42 17.61
C TYR B 25 95.63 9.32 18.40
N ILE B 26 94.86 8.37 18.92
CA ILE B 26 95.45 7.33 19.76
C ILE B 26 96.35 6.42 18.94
N ALA B 27 95.97 6.12 17.70
CA ALA B 27 96.82 5.30 16.85
C ALA B 27 98.12 6.01 16.52
N PHE B 28 98.03 7.31 16.21
CA PHE B 28 99.23 8.08 15.87
C PHE B 28 100.17 8.18 17.06
N GLN B 29 99.63 8.46 18.25
CA GLN B 29 100.48 8.55 19.44
C GLN B 29 101.07 7.19 19.79
N ASP B 30 100.30 6.11 19.63
CA ASP B 30 100.83 4.77 19.88
C ASP B 30 101.96 4.44 18.93
N TYR B 31 101.81 4.79 17.65
CA TYR B 31 102.86 4.50 16.68
C TYR B 31 104.10 5.35 16.93
N LEU B 32 103.90 6.62 17.30
CA LEU B 32 105.04 7.46 17.65
C LEU B 32 105.77 6.90 18.86
N PHE B 33 105.02 6.48 19.89
CA PHE B 33 105.65 5.89 21.05
C PHE B 33 106.38 4.61 20.68
N GLU B 34 105.80 3.79 19.80
CA GLU B 34 106.42 2.53 19.43
C GLU B 34 107.73 2.75 18.68
N VAL B 35 107.73 3.66 17.70
CA VAL B 35 108.94 3.91 16.93
C VAL B 35 110.01 4.56 17.81
N MET B 36 109.62 5.50 18.67
CA MET B 36 110.61 6.16 19.51
C MET B 36 111.16 5.19 20.56
N GLN B 37 110.31 4.30 21.08
CA GLN B 37 110.79 3.24 21.96
C GLN B 37 111.74 2.29 21.25
N ALA B 38 111.45 1.96 20.00
CA ALA B 38 112.35 1.09 19.23
C ALA B 38 113.71 1.76 19.04
N VAL B 39 113.71 3.05 18.74
CA VAL B 39 114.96 3.79 18.61
C VAL B 39 115.70 3.83 19.94
N GLU B 40 114.97 4.01 21.04
CA GLU B 40 115.60 4.00 22.36
C GLU B 40 116.24 2.64 22.66
N GLN B 41 115.54 1.56 22.33
CA GLN B 41 116.09 0.23 22.54
C GLN B 41 117.33 0.03 21.69
N VAL B 42 117.31 0.52 20.45
CA VAL B 42 118.48 0.42 19.58
C VAL B 42 119.66 1.18 20.17
N ILE B 43 119.42 2.38 20.66
CA ILE B 43 120.53 3.19 21.18
C ILE B 43 121.09 2.59 22.47
N LEU B 44 120.21 2.03 23.32
CA LEU B 44 120.71 1.36 24.52
C LEU B 44 121.48 0.09 24.19
N LYS B 45 121.04 -0.67 23.19
CA LYS B 45 121.80 -1.87 22.82
C LYS B 45 123.13 -1.49 22.17
N LYS B 46 123.17 -0.39 21.43
CA LYS B 46 124.45 0.09 20.88
C LYS B 46 125.38 0.54 21.99
N LEU B 47 124.84 1.21 23.01
CA LEU B 47 125.66 1.61 24.16
C LEU B 47 126.16 0.38 24.90
N ASP B 48 125.32 -0.65 25.02
CA ASP B 48 125.75 -1.89 25.66
C ASP B 48 126.81 -2.61 24.85
N GLY B 49 126.79 -2.44 23.52
CA GLY B 49 127.80 -3.08 22.69
C GLY B 49 129.20 -2.57 22.95
N ILE B 50 129.37 -1.25 23.06
CA ILE B 50 130.67 -0.67 23.31
C ILE B 50 131.05 -0.89 24.77
N PRO B 51 132.32 -1.09 25.08
CA PRO B 51 132.72 -1.32 26.48
C PRO B 51 132.78 -0.03 27.27
N ASP B 52 132.41 -0.14 28.55
CA ASP B 52 132.45 0.97 29.51
C ASP B 52 131.64 2.16 29.01
N CYS B 53 130.33 1.92 28.85
CA CYS B 53 129.42 2.95 28.36
C CYS B 53 129.22 4.01 29.45
N ASP B 54 129.77 5.21 29.21
CA ASP B 54 129.62 6.30 30.16
C ASP B 54 128.24 6.93 30.09
N ILE B 55 127.50 6.70 29.00
CA ILE B 55 126.16 7.25 28.84
C ILE B 55 125.21 6.38 29.66
N SER B 56 124.85 6.84 30.86
CA SER B 56 123.98 6.08 31.72
C SER B 56 122.57 6.00 31.13
N PRO B 57 121.84 4.91 31.40
CA PRO B 57 120.45 4.83 30.93
C PRO B 57 119.59 5.99 31.42
N VAL B 58 119.88 6.53 32.61
CA VAL B 58 119.10 7.65 33.13
C VAL B 58 119.24 8.87 32.23
N GLN B 59 120.47 9.18 31.82
CA GLN B 59 120.69 10.36 30.99
C GLN B 59 120.02 10.23 29.63
N ILE B 60 120.18 9.08 28.97
CA ILE B 60 119.56 8.89 27.66
C ILE B 60 118.04 8.87 27.78
N ARG B 61 117.52 8.31 28.89
CA ARG B 61 116.07 8.34 29.08
C ARG B 61 115.56 9.76 29.30
N LYS B 62 116.31 10.58 30.05
CA LYS B 62 115.91 11.98 30.21
C LYS B 62 115.91 12.71 28.88
N CYS B 63 116.95 12.47 28.07
CA CYS B 63 117.01 13.09 26.75
C CYS B 63 115.85 12.65 25.87
N THR B 64 115.54 11.35 25.88
CA THR B 64 114.42 10.85 25.09
C THR B 64 113.10 11.40 25.59
N GLU B 65 112.95 11.58 26.91
CA GLU B 65 111.74 12.17 27.44
C GLU B 65 111.58 13.62 26.99
N LYS B 66 112.68 14.39 27.01
CA LYS B 66 112.62 15.77 26.53
C LYS B 66 112.25 15.82 25.05
N PHE B 67 112.87 14.95 24.24
CA PHE B 67 112.63 14.95 22.81
C PHE B 67 111.20 14.45 22.51
N LEU B 68 110.71 13.52 23.32
CA LEU B 68 109.33 13.09 23.25
C LEU B 68 108.37 14.22 23.57
N CYS B 69 108.67 15.01 24.59
CA CYS B 69 107.82 16.15 24.91
C CYS B 69 107.82 17.17 23.77
N PHE B 70 108.99 17.36 23.15
CA PHE B 70 109.09 18.18 21.94
C PHE B 70 108.09 17.72 20.89
N MET B 71 108.20 16.45 20.47
CA MET B 71 107.25 15.94 19.48
C MET B 71 105.82 16.00 20.00
N LYS B 72 105.61 15.82 21.30
CA LYS B 72 104.26 15.77 21.83
C LYS B 72 103.58 17.12 21.67
N GLY B 73 104.26 18.20 22.06
CA GLY B 73 103.71 19.52 21.86
C GLY B 73 103.48 19.85 20.39
N HIS B 74 104.50 19.60 19.55
CA HIS B 74 104.35 19.95 18.14
C HIS B 74 103.25 19.13 17.48
N PHE B 75 103.20 17.83 17.78
CA PHE B 75 102.17 16.96 17.24
C PHE B 75 100.79 17.37 17.73
N ASP B 76 100.67 17.77 18.99
CA ASP B 76 99.38 18.21 19.50
C ASP B 76 98.88 19.44 18.74
N ASN B 77 99.76 20.43 18.55
CA ASN B 77 99.35 21.62 17.81
C ASN B 77 98.96 21.28 16.37
N LEU B 78 99.84 20.57 15.66
CA LEU B 78 99.56 20.27 14.25
C LEU B 78 98.33 19.37 14.11
N PHE B 79 98.16 18.45 15.05
CA PHE B 79 97.03 17.53 15.00
C PHE B 79 95.73 18.26 15.27
N SER B 80 95.73 19.20 16.21
CA SER B 80 94.54 20.03 16.41
C SER B 80 94.21 20.81 15.15
N LYS B 81 95.23 21.37 14.50
CA LYS B 81 94.99 22.12 13.26
C LYS B 81 94.34 21.22 12.21
N MET B 82 94.88 20.01 12.03
CA MET B 82 94.33 19.12 11.01
C MET B 82 92.99 18.50 11.41
N GLU B 83 92.71 18.37 12.71
CA GLU B 83 91.36 17.99 13.13
C GLU B 83 90.35 19.06 12.79
N GLN B 84 90.69 20.33 13.01
CA GLN B 84 89.82 21.41 12.55
C GLN B 84 89.69 21.39 11.03
N LEU B 85 90.76 21.05 10.33
CA LEU B 85 90.69 20.91 8.88
C LEU B 85 89.66 19.86 8.47
N PHE B 86 89.71 18.69 9.12
CA PHE B 86 88.69 17.67 8.88
C PHE B 86 87.29 18.20 9.16
N LEU B 87 87.10 18.76 10.37
CA LEU B 87 85.76 19.16 10.80
C LEU B 87 85.19 20.29 9.96
N GLN B 88 86.04 21.05 9.27
CA GLN B 88 85.55 22.11 8.41
C GLN B 88 85.43 21.71 6.95
N LEU B 89 86.24 20.78 6.47
CA LEU B 89 86.29 20.44 5.06
C LEU B 89 85.75 19.05 4.76
N ILE B 90 86.30 18.01 5.39
CA ILE B 90 86.03 16.65 4.96
C ILE B 90 84.81 16.09 5.66
N LEU B 91 84.87 15.98 6.98
CA LEU B 91 83.77 15.41 7.74
C LEU B 91 82.56 16.34 7.80
N ARG B 92 82.71 17.60 7.42
CA ARG B 92 81.59 18.54 7.46
C ARG B 92 80.66 18.30 6.28
N ILE B 93 79.37 18.25 6.57
CA ILE B 93 78.34 18.14 5.53
C ILE B 93 77.83 19.56 5.23
N PRO B 94 77.83 19.99 3.98
CA PRO B 94 77.32 21.33 3.67
C PRO B 94 75.86 21.48 4.08
N SER B 95 75.54 22.67 4.59
CA SER B 95 74.19 22.92 5.10
C SER B 95 73.13 22.90 4.00
N ASN B 96 73.53 23.05 2.75
CA ASN B 96 72.60 23.06 1.62
C ASN B 96 72.44 21.68 1.00
N ILE B 97 73.04 20.65 1.59
CA ILE B 97 73.02 19.30 1.05
C ILE B 97 72.12 18.43 1.92
N LEU B 98 71.21 17.70 1.29
CA LEU B 98 70.29 16.81 1.98
C LEU B 98 70.57 15.37 1.60
N LEU B 99 70.49 14.47 2.57
CA LEU B 99 70.73 13.06 2.31
C LEU B 99 69.63 12.50 1.43
N PRO B 100 69.95 11.48 0.61
CA PRO B 100 68.90 10.84 -0.20
C PRO B 100 67.77 10.28 0.64
N GLU B 101 68.08 9.77 1.84
CA GLU B 101 67.05 9.27 2.73
C GLU B 101 66.10 10.38 3.18
N ASP B 102 66.56 11.64 3.18
CA ASP B 102 65.73 12.77 3.56
C ASP B 102 65.14 13.49 2.35
N LYS B 103 65.17 12.84 1.18
CA LYS B 103 64.64 13.48 -0.02
C LYS B 103 63.15 13.78 0.11
N CYS B 104 62.44 12.99 0.91
CA CYS B 104 61.02 13.24 1.16
C CYS B 104 60.78 14.41 2.10
N LYS B 105 61.82 14.91 2.77
CA LYS B 105 61.70 16.02 3.69
C LYS B 105 61.96 17.37 3.04
N GLU B 106 62.16 17.40 1.72
CA GLU B 106 62.43 18.65 1.04
C GLU B 106 61.26 19.62 1.18
N THR B 107 60.04 19.12 1.00
CA THR B 107 58.88 20.00 1.12
C THR B 107 58.30 19.89 2.54
N PRO B 108 58.14 21.02 3.24
CA PRO B 108 57.51 20.97 4.56
C PRO B 108 56.03 20.69 4.47
N TYR B 109 55.50 20.12 5.55
CA TYR B 109 54.07 19.85 5.68
C TYR B 109 53.65 20.21 7.10
N SER B 110 52.80 21.24 7.22
CA SER B 110 52.37 21.69 8.53
C SER B 110 51.50 20.65 9.20
N GLU B 111 51.55 20.63 10.54
CA GLU B 111 50.74 19.69 11.31
C GLU B 111 49.25 19.97 11.13
N GLU B 112 48.88 21.25 11.03
CA GLU B 112 47.47 21.59 10.84
C GLU B 112 46.93 21.03 9.53
N ASP B 113 47.72 21.10 8.46
CA ASP B 113 47.32 20.51 7.20
C ASP B 113 47.14 19.00 7.34
N PHE B 114 48.02 18.35 8.09
CA PHE B 114 47.91 16.91 8.29
C PHE B 114 46.64 16.56 9.05
N GLN B 115 46.32 17.34 10.09
CA GLN B 115 45.09 17.10 10.84
C GLN B 115 43.86 17.32 9.97
N HIS B 116 43.88 18.38 9.16
CA HIS B 116 42.78 18.62 8.22
C HIS B 116 42.63 17.47 7.24
N LEU B 117 43.76 16.95 6.76
CA LEU B 117 43.73 15.82 5.83
C LEU B 117 43.15 14.58 6.49
N GLN B 118 43.52 14.32 7.75
CA GLN B 118 42.96 13.19 8.48
C GLN B 118 41.45 13.34 8.62
N LYS B 119 41.00 14.55 8.99
CA LYS B 119 39.57 14.79 9.15
C LYS B 119 38.84 14.60 7.82
N GLU B 120 39.44 15.08 6.73
CA GLU B 120 38.84 14.92 5.41
C GLU B 120 38.73 13.45 5.03
N ILE B 121 39.78 12.67 5.31
CA ILE B 121 39.75 11.25 5.00
C ILE B 121 38.64 10.56 5.78
N GLU B 122 38.52 10.89 7.07
CA GLU B 122 37.45 10.29 7.88
C GLU B 122 36.07 10.68 7.35
N GLN B 123 35.90 11.94 6.96
CA GLN B 123 34.61 12.39 6.45
C GLN B 123 34.27 11.69 5.14
N LEU B 124 35.25 11.52 4.27
CA LEU B 124 35.02 10.81 3.02
C LEU B 124 34.69 9.33 3.28
N GLN B 125 35.34 8.73 4.28
CA GLN B 125 35.02 7.36 4.66
C GLN B 125 33.56 7.26 5.11
N GLU B 126 33.10 8.23 5.90
CA GLU B 126 31.69 8.24 6.30
C GLU B 126 30.77 8.42 5.10
N LYS B 127 31.15 9.33 4.19
CA LYS B 127 30.30 9.64 3.05
C LYS B 127 30.14 8.46 2.11
N TYR B 128 31.20 7.66 1.95
CA TYR B 128 31.11 6.49 1.08
C TYR B 128 30.04 5.53 1.58
N LYS B 129 30.06 5.23 2.88
CA LYS B 129 29.05 4.35 3.46
C LYS B 129 27.66 4.97 3.36
N THR B 130 27.57 6.28 3.58
CA THR B 130 26.29 6.96 3.45
C THR B 130 25.71 6.81 2.04
N GLU B 131 26.55 7.00 1.02
CA GLU B 131 26.08 6.85 -0.35
C GLU B 131 25.71 5.40 -0.67
N LEU B 132 26.47 4.44 -0.15
CA LEU B 132 26.10 3.04 -0.36
C LEU B 132 24.73 2.74 0.22
N CYS B 133 24.49 3.20 1.45
CA CYS B 133 23.18 3.00 2.08
C CYS B 133 22.08 3.68 1.28
N THR B 134 22.35 4.89 0.79
CA THR B 134 21.37 5.61 -0.01
C THR B 134 21.03 4.83 -1.28
N LYS B 135 22.04 4.27 -1.95
CA LYS B 135 21.79 3.48 -3.13
C LYS B 135 20.94 2.26 -2.81
N GLN B 136 21.23 1.59 -1.69
CA GLN B 136 20.42 0.44 -1.31
C GLN B 136 18.97 0.84 -1.08
N ALA B 137 18.75 1.95 -0.38
CA ALA B 137 17.39 2.42 -0.14
C ALA B 137 16.69 2.76 -1.44
N LEU B 138 17.42 3.35 -2.40
CA LEU B 138 16.83 3.70 -3.68
C LEU B 138 16.44 2.44 -4.46
N LEU B 139 17.26 1.40 -4.41
CA LEU B 139 16.87 0.13 -5.04
C LEU B 139 15.59 -0.43 -4.40
N ALA B 140 15.51 -0.37 -3.07
CA ALA B 140 14.29 -0.82 -2.41
C ALA B 140 13.08 -0.01 -2.87
N GLU B 141 13.25 1.31 -3.01
CA GLU B 141 12.15 2.16 -3.46
C GLU B 141 11.74 1.80 -4.89
N LEU B 142 12.71 1.53 -5.76
CA LEU B 142 12.37 1.10 -7.12
C LEU B 142 11.57 -0.19 -7.11
N GLU B 143 11.96 -1.15 -6.28
CA GLU B 143 11.21 -2.41 -6.21
C GLU B 143 9.78 -2.16 -5.74
N GLU B 144 9.62 -1.34 -4.70
CA GLU B 144 8.27 -1.04 -4.20
C GLU B 144 7.44 -0.31 -5.25
N GLN B 145 8.06 0.62 -5.99
CA GLN B 145 7.36 1.31 -7.06
C GLN B 145 6.92 0.35 -8.15
N LYS B 146 7.78 -0.61 -8.49
CA LYS B 146 7.40 -1.61 -9.48
C LYS B 146 6.20 -2.42 -9.02
N ILE B 147 6.19 -2.82 -7.74
CA ILE B 147 5.06 -3.58 -7.21
C ILE B 147 3.78 -2.76 -7.28
N VAL B 148 3.86 -1.49 -6.88
CA VAL B 148 2.69 -0.62 -6.89
C VAL B 148 2.18 -0.44 -8.32
N GLN B 149 3.09 -0.26 -9.27
CA GLN B 149 2.70 -0.11 -10.67
C GLN B 149 2.03 -1.36 -11.19
N ALA B 150 2.53 -2.53 -10.80
CA ALA B 150 1.89 -3.79 -11.21
C ALA B 150 0.46 -3.87 -10.68
N LYS B 151 0.26 -3.51 -9.41
CA LYS B 151 -1.09 -3.52 -8.86
C LYS B 151 -2.00 -2.54 -9.60
N LEU B 152 -1.48 -1.35 -9.90
CA LEU B 152 -2.28 -0.35 -10.61
C LEU B 152 -2.67 -0.85 -11.99
N LYS B 153 -1.74 -1.48 -12.70
CA LYS B 153 -2.04 -2.02 -14.02
C LYS B 153 -3.09 -3.12 -13.93
N GLN B 154 -3.01 -3.95 -12.88
CA GLN B 154 -4.03 -4.98 -12.69
C GLN B 154 -5.40 -4.34 -12.51
N THR B 155 -5.49 -3.29 -11.70
CA THR B 155 -6.78 -2.63 -11.50
C THR B 155 -7.30 -1.99 -12.79
N LEU B 156 -6.41 -1.34 -13.55
CA LEU B 156 -6.83 -0.70 -14.79
C LEU B 156 -7.32 -1.72 -15.81
N THR B 157 -6.61 -2.85 -15.95
CA THR B 157 -7.09 -3.87 -16.88
C THR B 157 -8.36 -4.51 -16.36
N PHE B 158 -8.59 -4.52 -15.04
CA PHE B 158 -9.87 -5.00 -14.54
C PHE B 158 -11.01 -4.09 -15.02
N PHE B 159 -10.84 -2.77 -14.89
CA PHE B 159 -11.84 -1.87 -15.45
C PHE B 159 -12.02 -2.08 -16.95
N ASP B 160 -10.91 -2.25 -17.68
CA ASP B 160 -11.02 -2.40 -19.12
C ASP B 160 -11.80 -3.65 -19.49
N GLU B 161 -11.52 -4.77 -18.83
CA GLU B 161 -12.25 -6.00 -19.09
C GLU B 161 -13.71 -5.89 -18.67
N LEU B 162 -13.99 -5.17 -17.57
CA LEU B 162 -15.38 -4.96 -17.19
C LEU B 162 -16.14 -4.17 -18.24
N HIS B 163 -15.51 -3.13 -18.78
CA HIS B 163 -16.15 -2.36 -19.84
C HIS B 163 -16.37 -3.22 -21.08
N ASN B 164 -15.39 -4.05 -21.43
CA ASN B 164 -15.56 -4.94 -22.58
C ASN B 164 -16.69 -5.92 -22.37
N VAL B 165 -16.80 -6.47 -21.15
CA VAL B 165 -17.89 -7.38 -20.84
C VAL B 165 -19.24 -6.69 -20.97
N GLY B 166 -19.34 -5.47 -20.44
CA GLY B 166 -20.57 -4.72 -20.57
C GLY B 166 -20.93 -4.45 -22.02
N ARG B 167 -19.94 -4.09 -22.84
CA ARG B 167 -20.18 -3.88 -24.25
C ARG B 167 -20.64 -5.15 -24.95
N ASP B 168 -20.06 -6.29 -24.58
CA ASP B 168 -20.37 -7.54 -25.27
C ASP B 168 -21.82 -7.97 -25.08
N HIS B 169 -22.54 -7.37 -24.15
CA HIS B 169 -23.92 -7.72 -23.85
C HIS B 169 -24.86 -6.55 -24.17
N GLY B 170 -24.61 -5.88 -25.29
CA GLY B 170 -25.49 -4.84 -25.76
C GLY B 170 -25.12 -3.45 -25.31
N THR B 171 -25.00 -3.24 -24.00
CA THR B 171 -24.83 -1.91 -23.44
C THR B 171 -23.35 -1.55 -23.42
N SER B 172 -22.89 -0.89 -24.49
CA SER B 172 -21.53 -0.36 -24.53
C SER B 172 -21.41 0.98 -23.82
N ASP B 173 -22.53 1.65 -23.53
CA ASP B 173 -22.53 2.93 -22.82
C ASP B 173 -23.71 2.94 -21.87
N PHE B 174 -23.42 2.97 -20.57
CA PHE B 174 -24.48 2.90 -19.57
C PHE B 174 -25.17 4.25 -19.39
N ARG B 175 -24.41 5.35 -19.52
CA ARG B 175 -24.98 6.67 -19.25
C ARG B 175 -26.05 7.03 -20.26
N GLU B 176 -25.75 6.88 -21.55
CA GLU B 176 -26.73 7.16 -22.59
C GLU B 176 -27.91 6.21 -22.51
N SER B 177 -27.65 4.95 -22.14
CA SER B 177 -28.73 4.00 -21.97
C SER B 177 -29.68 4.44 -20.87
N LEU B 178 -29.12 4.90 -19.75
CA LEU B 178 -29.94 5.39 -18.65
C LEU B 178 -30.72 6.62 -19.07
N VAL B 179 -30.09 7.52 -19.83
CA VAL B 179 -30.79 8.72 -20.26
C VAL B 179 -31.98 8.38 -21.15
N SER B 180 -31.76 7.48 -22.12
CA SER B 180 -32.85 7.06 -23.00
C SER B 180 -33.95 6.37 -22.21
N LEU B 181 -33.57 5.54 -21.23
CA LEU B 181 -34.57 4.87 -20.40
C LEU B 181 -35.37 5.88 -19.60
N VAL B 182 -34.72 6.92 -19.09
CA VAL B 182 -35.43 7.95 -18.33
C VAL B 182 -36.43 8.67 -19.22
N GLN B 183 -36.00 9.04 -20.43
CA GLN B 183 -36.89 9.73 -21.36
C GLN B 183 -38.09 8.86 -21.70
N ASN B 184 -37.84 7.58 -22.00
CA ASN B 184 -38.93 6.68 -22.34
C ASN B 184 -39.84 6.43 -21.15
N SER B 185 -39.28 6.40 -19.94
CA SER B 185 -40.10 6.24 -18.74
C SER B 185 -41.01 7.43 -18.54
N ARG B 186 -40.49 8.64 -18.78
CA ARG B 186 -41.35 9.82 -18.69
C ARG B 186 -42.47 9.77 -19.73
N LYS B 187 -42.13 9.37 -20.95
CA LYS B 187 -43.14 9.27 -21.99
C LYS B 187 -44.21 8.25 -21.62
N LEU B 188 -43.78 7.10 -21.10
CA LEU B 188 -44.72 6.06 -20.69
C LEU B 188 -45.55 6.50 -19.50
N GLN B 189 -44.97 7.29 -18.60
CA GLN B 189 -45.75 7.83 -17.49
C GLN B 189 -46.84 8.77 -18.00
N ASN B 190 -46.51 9.61 -18.98
CA ASN B 190 -47.52 10.47 -19.59
C ASN B 190 -48.63 9.64 -20.24
N ILE B 191 -48.23 8.59 -20.96
CA ILE B 191 -49.21 7.72 -21.61
C ILE B 191 -50.10 7.06 -20.57
N ARG B 192 -49.50 6.57 -19.48
CA ARG B 192 -50.26 5.92 -18.43
C ARG B 192 -51.22 6.90 -17.76
N ASP B 193 -50.79 8.14 -17.56
CA ASP B 193 -51.67 9.15 -16.99
C ASP B 193 -52.88 9.40 -17.89
N ASN B 194 -52.63 9.54 -19.20
CA ASN B 194 -53.73 9.73 -20.13
C ASN B 194 -54.68 8.54 -20.11
N VAL B 195 -54.10 7.33 -20.10
CA VAL B 195 -54.91 6.11 -20.12
C VAL B 195 -55.75 6.01 -18.85
N GLU B 196 -55.15 6.32 -17.71
CA GLU B 196 -55.89 6.26 -16.44
C GLU B 196 -57.01 7.28 -16.41
N LYS B 197 -56.75 8.49 -16.91
CA LYS B 197 -57.79 9.51 -16.95
C LYS B 197 -58.95 9.07 -17.82
N GLU B 198 -58.64 8.54 -19.01
CA GLU B 198 -59.71 8.11 -19.91
C GLU B 198 -60.47 6.92 -19.33
N SER B 199 -59.77 5.99 -18.70
CA SER B 199 -60.43 4.84 -18.09
C SER B 199 -61.33 5.26 -16.95
N LYS B 200 -60.88 6.22 -16.13
CA LYS B 200 -61.71 6.74 -15.06
C LYS B 200 -62.95 7.43 -15.62
N ARG B 201 -62.78 8.20 -16.69
CA ARG B 201 -63.93 8.86 -17.31
C ARG B 201 -64.93 7.84 -17.84
N LEU B 202 -64.43 6.76 -18.45
CA LEU B 202 -65.31 5.72 -18.93
C LEU B 202 -66.01 5.01 -17.77
N LYS B 203 -65.30 4.80 -16.67
CA LYS B 203 -65.88 4.16 -15.50
C LYS B 203 -67.02 5.00 -14.93
N ILE B 204 -66.77 6.28 -14.70
CA ILE B 204 -67.81 7.15 -14.14
C ILE B 204 -68.94 7.35 -15.16
N SER B 205 -68.60 7.41 -16.43
CA SER B 205 -69.60 7.61 -17.48
C SER B 205 -69.58 6.45 -18.48
N ASP C 35 94.45 -4.82 42.21
CA ASP C 35 95.40 -3.72 42.10
C ASP C 35 95.91 -3.29 43.47
N PHE C 36 97.17 -3.61 43.76
CA PHE C 36 97.77 -3.29 45.05
C PHE C 36 98.52 -1.97 45.05
N ARG C 37 98.50 -1.23 43.94
CA ARG C 37 99.12 0.08 43.92
C ARG C 37 98.34 1.06 44.80
N VAL C 38 99.07 2.03 45.35
CA VAL C 38 98.44 2.99 46.26
C VAL C 38 97.49 3.88 45.47
N ARG C 39 96.26 3.99 45.95
CA ARG C 39 95.24 4.80 45.30
C ARG C 39 95.32 6.21 45.87
N CYS C 40 95.93 7.12 45.13
CA CYS C 40 96.00 8.52 45.49
C CYS C 40 95.04 9.33 44.63
N THR C 41 94.78 10.56 45.06
CA THR C 41 93.93 11.48 44.33
C THR C 41 94.65 12.76 43.94
N SER C 42 95.70 13.12 44.68
CA SER C 42 96.38 14.39 44.52
C SER C 42 97.69 14.18 43.76
N LYS C 43 97.86 14.90 42.66
CA LYS C 43 99.11 14.86 41.91
C LYS C 43 100.13 15.84 42.47
N ARG C 44 99.69 17.07 42.74
CA ARG C 44 100.60 18.11 43.22
C ARG C 44 101.21 17.72 44.56
N ALA C 45 100.40 17.12 45.45
CA ALA C 45 100.89 16.73 46.77
C ALA C 45 101.93 15.63 46.67
N VAL C 46 101.68 14.63 45.82
CA VAL C 46 102.66 13.56 45.64
C VAL C 46 103.96 14.13 45.08
N THR C 47 103.85 15.01 44.07
CA THR C 47 105.06 15.61 43.50
C THR C 47 105.85 16.37 44.55
N GLU C 48 105.16 17.19 45.36
CA GLU C 48 105.87 18.02 46.32
C GLU C 48 106.44 17.18 47.47
N MET C 49 105.75 16.11 47.89
CA MET C 49 106.29 15.30 48.97
C MET C 49 107.47 14.48 48.49
N LEU C 50 107.45 14.04 47.23
CA LEU C 50 108.65 13.39 46.68
C LEU C 50 109.80 14.38 46.56
N GLN C 51 109.50 15.62 46.17
CA GLN C 51 110.54 16.64 46.12
C GLN C 51 111.11 16.88 47.50
N LEU C 52 110.25 16.88 48.53
CA LEU C 52 110.71 17.01 49.91
C LEU C 52 111.57 15.82 50.33
N CYS C 53 111.17 14.60 49.94
CA CYS C 53 111.98 13.43 50.21
C CYS C 53 113.26 13.39 49.40
N GLY C 54 113.39 14.26 48.39
CA GLY C 54 114.56 14.23 47.53
C GLY C 54 115.88 14.37 48.27
N ARG C 55 115.96 15.28 49.24
CA ARG C 55 117.27 15.49 49.84
C ARG C 55 117.67 14.35 50.75
N PHE C 56 116.72 13.52 51.18
CA PHE C 56 117.08 12.31 51.91
C PHE C 56 117.94 11.38 51.06
N VAL C 57 117.56 11.22 49.78
CA VAL C 57 118.40 10.47 48.86
C VAL C 57 119.65 11.26 48.52
N GLN C 58 119.53 12.58 48.36
CA GLN C 58 120.67 13.42 48.00
C GLN C 58 121.76 13.40 49.06
N LYS C 59 121.39 13.15 50.31
CA LYS C 59 122.38 13.13 51.40
C LYS C 59 123.41 12.03 51.22
N LEU C 60 123.12 11.02 50.39
CA LEU C 60 124.08 9.96 50.14
C LEU C 60 125.35 10.47 49.47
N GLY C 61 125.25 11.58 48.74
CA GLY C 61 126.35 12.06 47.91
C GLY C 61 127.58 12.53 48.67
N ASP C 62 127.47 12.73 49.99
CA ASP C 62 128.63 13.13 50.76
C ASP C 62 129.72 12.07 50.72
N ALA C 63 129.33 10.79 50.80
CA ALA C 63 130.30 9.70 50.78
C ALA C 63 130.72 9.31 49.38
N LEU C 64 130.02 9.76 48.34
CA LEU C 64 130.43 9.46 46.98
C LEU C 64 131.73 10.18 46.64
N PRO C 65 132.62 9.57 45.86
CA PRO C 65 133.84 10.26 45.44
C PRO C 65 133.53 11.47 44.57
N GLU C 66 134.43 12.45 44.63
CA GLU C 66 134.22 13.70 43.91
C GLU C 66 134.04 13.48 42.41
N GLU C 67 134.69 12.46 41.85
CA GLU C 67 134.57 12.19 40.42
C GLU C 67 133.15 11.78 40.04
N ILE C 68 132.48 11.04 40.91
CA ILE C 68 131.16 10.51 40.62
C ILE C 68 130.13 10.99 41.63
N ARG C 69 130.33 12.20 42.16
CA ARG C 69 129.43 12.72 43.18
C ARG C 69 128.03 12.98 42.60
N GLU C 70 127.94 13.88 41.62
CA GLU C 70 126.65 14.30 41.10
C GLU C 70 125.98 13.31 40.13
N PRO C 71 126.71 12.66 39.18
CA PRO C 71 125.99 11.87 38.16
C PRO C 71 125.30 10.66 38.75
N ALA C 72 126.05 9.87 39.53
CA ALA C 72 125.50 8.66 40.13
C ALA C 72 124.36 9.00 41.09
N LEU C 73 124.54 10.06 41.88
CA LEU C 73 123.51 10.45 42.83
C LEU C 73 122.23 10.89 42.12
N ARG C 74 122.36 11.66 41.05
CA ARG C 74 121.17 12.10 40.31
C ARG C 74 120.50 10.92 39.60
N ASP C 75 121.29 9.97 39.10
CA ASP C 75 120.71 8.77 38.51
C ASP C 75 119.92 7.97 39.56
N ALA C 76 120.49 7.84 40.76
CA ALA C 76 119.78 7.15 41.84
C ALA C 76 118.52 7.89 42.23
N GLN C 77 118.56 9.22 42.25
CA GLN C 77 117.38 10.00 42.56
C GLN C 77 116.28 9.79 41.52
N TRP C 78 116.66 9.80 40.25
CA TRP C 78 115.68 9.53 39.20
C TRP C 78 115.12 8.12 39.32
N THR C 79 115.98 7.16 39.65
CA THR C 79 115.53 5.78 39.85
C THR C 79 114.51 5.70 40.99
N PHE C 80 114.78 6.40 42.09
CA PHE C 80 113.84 6.45 43.20
C PHE C 80 112.52 7.06 42.79
N GLU C 81 112.57 8.16 42.04
CA GLU C 81 111.35 8.79 41.57
C GLU C 81 110.54 7.86 40.68
N SER C 82 111.22 7.16 39.78
CA SER C 82 110.54 6.20 38.90
C SER C 82 109.93 5.07 39.71
N ALA C 83 110.68 4.52 40.67
CA ALA C 83 110.20 3.41 41.47
C ALA C 83 109.06 3.79 42.41
N VAL C 84 108.93 5.06 42.78
CA VAL C 84 107.84 5.51 43.63
C VAL C 84 106.66 6.05 42.82
N GLN C 85 106.86 6.40 41.55
CA GLN C 85 105.78 6.95 40.74
C GLN C 85 104.99 5.90 39.99
N GLU C 86 105.58 4.76 39.66
CA GLU C 86 104.90 3.74 38.87
C GLU C 86 103.87 2.96 39.66
N ASN C 87 103.82 3.13 40.98
CA ASN C 87 102.88 2.40 41.83
C ASN C 87 101.85 3.34 42.46
N ILE C 88 101.58 4.46 41.80
CA ILE C 88 100.61 5.45 42.27
C ILE C 88 99.54 5.60 41.20
N SER C 89 98.28 5.43 41.60
CA SER C 89 97.14 5.59 40.72
C SER C 89 96.35 6.82 41.14
N ILE C 90 96.12 7.74 40.21
CA ILE C 90 95.44 9.00 40.49
C ILE C 90 94.06 8.95 39.86
N ASN C 91 93.03 9.08 40.69
CA ASN C 91 91.64 9.11 40.24
C ASN C 91 91.29 7.88 39.41
N GLY C 92 91.86 6.74 39.78
CA GLY C 92 91.62 5.50 39.07
C GLY C 92 92.41 5.33 37.80
N GLN C 93 93.27 6.29 37.46
CA GLN C 93 94.08 6.23 36.25
C GLN C 93 95.55 6.18 36.62
N ALA C 94 96.39 5.98 35.60
CA ALA C 94 97.83 5.96 35.82
C ALA C 94 98.34 7.35 36.15
N TRP C 95 99.55 7.39 36.73
CA TRP C 95 100.14 8.66 37.12
C TRP C 95 100.39 9.55 35.91
N GLN C 96 100.94 8.97 34.85
CA GLN C 96 101.27 9.74 33.66
C GLN C 96 100.05 10.04 32.79
N GLU C 97 98.96 9.31 32.97
CA GLU C 97 97.74 9.55 32.20
C GLU C 97 96.87 10.63 32.82
N ALA C 98 96.83 10.70 34.15
CA ALA C 98 96.09 11.74 34.85
C ALA C 98 96.97 12.96 35.00
N SER C 99 96.49 14.11 34.51
CA SER C 99 97.28 15.33 34.53
C SER C 99 97.20 15.98 35.92
N ASP C 100 97.89 17.12 36.05
CA ASP C 100 97.88 17.86 37.31
C ASP C 100 96.50 18.40 37.65
N ASN C 101 95.63 18.58 36.66
CA ASN C 101 94.30 19.13 36.90
C ASN C 101 93.44 18.14 37.68
N CYS C 102 92.40 18.69 38.32
CA CYS C 102 91.48 17.90 39.14
C CYS C 102 90.27 17.41 38.36
N PHE C 103 90.43 17.18 37.06
CA PHE C 103 89.31 16.72 36.25
C PHE C 103 88.85 15.34 36.72
N MET C 104 87.53 15.17 36.82
CA MET C 104 86.96 13.86 37.10
C MET C 104 87.05 12.97 35.86
N ASP C 105 88.21 12.33 35.70
CA ASP C 105 88.54 11.68 34.43
C ASP C 105 87.55 10.54 34.12
N SER C 106 87.23 9.71 35.12
CA SER C 106 86.34 8.59 34.89
C SER C 106 84.93 9.08 34.51
N ASP C 107 84.41 10.05 35.26
CA ASP C 107 83.08 10.57 34.96
C ASP C 107 83.04 11.25 33.61
N ILE C 108 84.07 12.03 33.28
CA ILE C 108 84.13 12.68 31.98
C ILE C 108 84.14 11.64 30.87
N LYS C 109 84.95 10.60 31.03
CA LYS C 109 85.05 9.58 30.00
C LYS C 109 83.74 8.84 29.80
N VAL C 110 83.09 8.44 30.90
CA VAL C 110 81.85 7.69 30.77
C VAL C 110 80.73 8.57 30.22
N LEU C 111 80.71 9.86 30.62
CA LEU C 111 79.72 10.77 30.08
C LEU C 111 79.92 10.99 28.59
N GLU C 112 81.17 11.15 28.16
CA GLU C 112 81.44 11.33 26.73
C GLU C 112 81.07 10.08 25.94
N ASP C 113 81.37 8.89 26.50
CA ASP C 113 81.00 7.66 25.84
C ASP C 113 79.48 7.52 25.72
N GLN C 114 78.76 7.88 26.79
CA GLN C 114 77.31 7.86 26.75
C GLN C 114 76.76 8.82 25.72
N PHE C 115 77.34 10.02 25.65
CA PHE C 115 76.89 11.01 24.66
C PHE C 115 77.11 10.51 23.24
N ASP C 116 78.29 9.95 22.97
CA ASP C 116 78.56 9.43 21.63
C ASP C 116 77.63 8.27 21.30
N GLU C 117 77.40 7.37 22.26
CA GLU C 117 76.52 6.24 22.02
C GLU C 117 75.10 6.70 21.74
N ILE C 118 74.62 7.69 22.49
CA ILE C 118 73.26 8.18 22.27
C ILE C 118 73.17 8.92 20.93
N ILE C 119 74.24 9.62 20.53
CA ILE C 119 74.26 10.23 19.20
C ILE C 119 74.11 9.17 18.12
N VAL C 120 74.92 8.11 18.22
CA VAL C 120 74.86 7.04 17.21
C VAL C 120 73.49 6.39 17.20
N ASP C 121 72.95 6.10 18.39
CA ASP C 121 71.66 5.43 18.49
C ASP C 121 70.54 6.29 17.90
N ILE C 122 70.52 7.58 18.22
CA ILE C 122 69.44 8.43 17.72
C ILE C 122 69.59 8.64 16.22
N ALA C 123 70.83 8.68 15.71
CA ALA C 123 71.03 8.79 14.27
C ALA C 123 70.50 7.55 13.56
N THR C 124 70.81 6.36 14.10
CA THR C 124 70.29 5.13 13.52
C THR C 124 68.78 5.09 13.59
N LYS C 125 68.20 5.53 14.70
CA LYS C 125 66.74 5.56 14.83
C LYS C 125 66.13 6.47 13.77
N ARG C 126 66.71 7.66 13.59
CA ARG C 126 66.21 8.58 12.58
C ARG C 126 66.29 7.98 11.19
N LYS C 127 67.39 7.26 10.91
CA LYS C 127 67.54 6.67 9.58
C LYS C 127 66.57 5.52 9.36
N GLN C 128 66.32 4.72 10.40
CA GLN C 128 65.63 3.45 10.21
C GLN C 128 64.12 3.53 10.44
N TYR C 129 63.69 4.14 11.54
CA TYR C 129 62.27 4.09 11.92
C TYR C 129 61.31 4.55 10.83
N PRO C 130 61.56 5.65 10.10
CA PRO C 130 60.56 6.09 9.11
C PRO C 130 60.19 5.02 8.08
N ARG C 131 61.14 4.17 7.68
CA ARG C 131 60.81 3.12 6.73
C ARG C 131 59.78 2.15 7.28
N LYS C 132 60.01 1.67 8.51
CA LYS C 132 59.06 0.75 9.13
C LYS C 132 57.72 1.44 9.38
N ILE C 133 57.77 2.71 9.80
CA ILE C 133 56.56 3.49 9.98
C ILE C 133 55.76 3.53 8.67
N LEU C 134 56.44 3.79 7.57
CA LEU C 134 55.77 3.90 6.28
C LEU C 134 55.19 2.56 5.86
N GLU C 135 55.92 1.47 6.13
CA GLU C 135 55.39 0.14 5.81
C GLU C 135 54.12 -0.17 6.60
N CYS C 136 54.13 0.14 7.89
CA CYS C 136 52.94 -0.08 8.71
C CYS C 136 51.79 0.79 8.24
N VAL C 137 52.09 2.03 7.84
CA VAL C 137 51.04 2.92 7.32
C VAL C 137 50.44 2.37 6.05
N ILE C 138 51.29 1.84 5.16
CA ILE C 138 50.81 1.24 3.91
C ILE C 138 49.90 0.06 4.22
N LYS C 139 50.33 -0.81 5.15
CA LYS C 139 49.51 -1.96 5.49
C LYS C 139 48.16 -1.55 6.05
N THR C 140 48.16 -0.57 6.95
CA THR C 140 46.91 -0.10 7.54
C THR C 140 46.01 0.52 6.47
N ILE C 141 46.60 1.30 5.56
CA ILE C 141 45.81 1.95 4.51
C ILE C 141 45.16 0.92 3.61
N LYS C 142 45.94 -0.09 3.20
CA LYS C 142 45.40 -1.13 2.33
C LYS C 142 44.30 -1.91 3.04
N ALA C 143 44.50 -2.23 4.32
CA ALA C 143 43.47 -2.94 5.07
C ALA C 143 42.20 -2.11 5.17
N LYS C 144 42.34 -0.80 5.41
CA LYS C 144 41.18 0.07 5.49
C LYS C 144 40.45 0.14 4.15
N GLN C 145 41.20 0.22 3.05
CA GLN C 145 40.59 0.22 1.73
C GLN C 145 39.81 -1.07 1.50
N GLU C 146 40.39 -2.20 1.88
CA GLU C 146 39.72 -3.48 1.68
C GLU C 146 38.44 -3.58 2.52
N ILE C 147 38.51 -3.16 3.78
CA ILE C 147 37.33 -3.26 4.63
C ILE C 147 36.25 -2.28 4.18
N LEU C 148 36.63 -1.12 3.63
CA LEU C 148 35.64 -0.22 3.08
C LEU C 148 35.01 -0.79 1.83
N LYS C 149 35.79 -1.50 1.01
CA LYS C 149 35.23 -2.14 -0.18
C LYS C 149 34.21 -3.21 0.21
N GLN C 150 34.51 -3.98 1.26
CA GLN C 150 33.69 -5.11 1.65
C GLN C 150 32.44 -4.71 2.43
N TYR C 151 32.28 -3.44 2.78
CA TYR C 151 31.11 -2.99 3.53
C TYR C 151 29.87 -3.15 2.66
N HIS C 152 28.98 -4.05 3.06
CA HIS C 152 27.75 -4.30 2.31
C HIS C 152 26.54 -3.91 3.13
N PRO C 153 25.89 -2.79 2.83
CA PRO C 153 24.64 -2.44 3.52
C PRO C 153 23.45 -3.14 2.89
N VAL C 154 22.50 -3.53 3.74
CA VAL C 154 21.30 -4.24 3.32
C VAL C 154 20.08 -3.41 3.71
N VAL C 155 19.19 -3.19 2.74
CA VAL C 155 17.95 -2.46 2.96
C VAL C 155 16.84 -3.27 2.30
N HIS C 156 16.14 -4.07 3.09
CA HIS C 156 15.01 -4.83 2.56
C HIS C 156 13.85 -3.90 2.30
N PRO C 157 13.22 -3.96 1.12
CA PRO C 157 12.03 -3.14 0.89
C PRO C 157 10.89 -3.56 1.80
N LEU C 158 10.08 -2.58 2.20
CA LEU C 158 8.97 -2.86 3.09
C LEU C 158 7.96 -3.76 2.39
N ASP C 159 7.46 -4.76 3.13
CA ASP C 159 6.58 -5.76 2.56
C ASP C 159 5.18 -5.17 2.39
N LEU C 160 4.73 -5.06 1.15
CA LEU C 160 3.38 -4.58 0.87
C LEU C 160 2.39 -5.73 1.02
N LYS C 161 1.32 -5.49 1.78
CA LYS C 161 0.38 -6.54 2.14
C LYS C 161 -0.72 -6.66 1.09
N TYR C 162 -1.04 -7.90 0.71
CA TYR C 162 -2.14 -8.21 -0.19
C TYR C 162 -3.31 -8.86 0.54
N ASP C 163 -3.50 -8.54 1.82
CA ASP C 163 -4.42 -9.30 2.65
C ASP C 163 -5.82 -9.44 2.05
N PRO C 164 -6.46 -8.38 1.54
CA PRO C 164 -7.64 -8.57 0.69
C PRO C 164 -7.22 -8.84 -0.75
N ASP C 165 -7.49 -10.06 -1.23
CA ASP C 165 -7.21 -10.39 -2.62
C ASP C 165 -8.48 -10.16 -3.43
N PRO C 166 -8.52 -9.17 -4.33
CA PRO C 166 -9.77 -8.84 -5.02
C PRO C 166 -10.09 -9.70 -6.23
N ALA C 167 -9.32 -10.76 -6.51
CA ALA C 167 -9.62 -11.58 -7.68
C ALA C 167 -11.02 -12.18 -7.63
N PRO C 168 -11.45 -12.83 -6.54
CA PRO C 168 -12.88 -13.23 -6.47
C PRO C 168 -13.80 -12.03 -6.55
N HIS C 169 -13.41 -10.91 -5.94
CA HIS C 169 -14.24 -9.70 -6.02
C HIS C 169 -14.34 -9.21 -7.45
N MET C 170 -13.23 -9.21 -8.19
CA MET C 170 -13.29 -8.78 -9.58
C MET C 170 -14.15 -9.71 -10.41
N GLU C 171 -14.04 -11.03 -10.18
CA GLU C 171 -14.87 -11.97 -10.94
C GLU C 171 -16.35 -11.75 -10.64
N ASN C 172 -16.69 -11.55 -9.37
CA ASN C 172 -18.08 -11.28 -9.00
C ASN C 172 -18.57 -10.00 -9.65
N LEU C 173 -17.74 -8.96 -9.64
CA LEU C 173 -18.14 -7.69 -10.26
C LEU C 173 -18.37 -7.88 -11.75
N LYS C 174 -17.51 -8.65 -12.42
CA LYS C 174 -17.68 -8.88 -13.85
C LYS C 174 -18.99 -9.64 -14.12
N CYS C 175 -19.28 -10.66 -13.32
CA CYS C 175 -20.51 -11.42 -13.52
C CYS C 175 -21.74 -10.54 -13.33
N ARG C 176 -21.75 -9.74 -12.26
CA ARG C 176 -22.88 -8.85 -12.03
C ARG C 176 -23.02 -7.83 -13.15
N GLY C 177 -21.89 -7.25 -13.59
CA GLY C 177 -21.95 -6.26 -14.65
C GLY C 177 -22.46 -6.84 -15.95
N GLU C 178 -22.07 -8.07 -16.26
CA GLU C 178 -22.65 -8.77 -17.41
C GLU C 178 -24.15 -8.91 -17.26
N THR C 179 -24.59 -9.31 -16.06
CA THR C 179 -26.03 -9.49 -15.83
C THR C 179 -26.78 -8.20 -16.09
N VAL C 180 -26.31 -7.10 -15.51
CA VAL C 180 -27.04 -5.83 -15.63
C VAL C 180 -26.92 -5.26 -17.05
N ALA C 181 -25.78 -5.49 -17.72
CA ALA C 181 -25.68 -5.07 -19.10
C ALA C 181 -26.72 -5.77 -19.97
N LYS C 182 -26.87 -7.07 -19.79
CA LYS C 182 -27.90 -7.81 -20.50
C LYS C 182 -29.28 -7.27 -20.17
N GLU C 183 -29.53 -7.03 -18.88
CA GLU C 183 -30.85 -6.57 -18.46
C GLU C 183 -31.18 -5.19 -19.03
N ILE C 184 -30.19 -4.29 -19.07
CA ILE C 184 -30.42 -2.96 -19.58
C ILE C 184 -30.65 -3.00 -21.08
N SER C 185 -29.93 -3.87 -21.79
CA SER C 185 -30.20 -4.05 -23.21
C SER C 185 -31.62 -4.55 -23.44
N GLU C 186 -32.06 -5.53 -22.65
CA GLU C 186 -33.44 -6.00 -22.78
C GLU C 186 -34.43 -4.90 -22.46
N ALA C 187 -34.15 -4.08 -21.45
CA ALA C 187 -35.07 -3.02 -21.07
C ALA C 187 -35.18 -1.97 -22.17
N MET C 188 -34.06 -1.55 -22.75
CA MET C 188 -34.12 -0.57 -23.83
C MET C 188 -34.78 -1.15 -25.07
N LYS C 189 -34.70 -2.47 -25.25
CA LYS C 189 -35.42 -3.06 -26.37
C LYS C 189 -36.92 -3.15 -26.12
N SER C 190 -37.32 -3.45 -24.88
CA SER C 190 -38.71 -3.71 -24.58
C SER C 190 -39.53 -2.44 -24.32
N LEU C 191 -38.93 -1.43 -23.70
CA LEU C 191 -39.69 -0.25 -23.31
C LEU C 191 -40.33 0.47 -24.49
N PRO C 192 -39.64 0.72 -25.61
CA PRO C 192 -40.33 1.34 -26.76
C PRO C 192 -41.50 0.52 -27.27
N ALA C 193 -41.40 -0.81 -27.21
CA ALA C 193 -42.53 -1.64 -27.64
C ALA C 193 -43.76 -1.40 -26.77
N LEU C 194 -43.56 -1.34 -25.45
CA LEU C 194 -44.69 -1.05 -24.57
C LEU C 194 -45.20 0.36 -24.76
N ILE C 195 -44.32 1.32 -25.03
CA ILE C 195 -44.76 2.68 -25.32
C ILE C 195 -45.64 2.70 -26.55
N GLU C 196 -45.23 1.99 -27.59
CA GLU C 196 -46.03 1.92 -28.81
C GLU C 196 -47.38 1.26 -28.56
N GLN C 197 -47.38 0.18 -27.78
CA GLN C 197 -48.64 -0.49 -27.47
C GLN C 197 -49.57 0.43 -26.70
N GLY C 198 -49.03 1.17 -25.73
CA GLY C 198 -49.84 2.10 -24.97
C GLY C 198 -50.38 3.22 -25.83
N GLU C 199 -49.57 3.71 -26.77
CA GLU C 199 -50.04 4.73 -27.70
C GLU C 199 -51.19 4.20 -28.56
N GLY C 200 -51.04 2.98 -29.08
CA GLY C 200 -52.12 2.39 -29.85
C GLY C 200 -53.38 2.20 -29.02
N PHE C 201 -53.22 1.80 -27.76
CA PHE C 201 -54.39 1.60 -26.91
C PHE C 201 -55.08 2.93 -26.59
N SER C 202 -54.30 3.98 -26.36
CA SER C 202 -54.89 5.30 -26.16
C SER C 202 -55.63 5.75 -27.40
N GLN C 203 -55.08 5.44 -28.58
CA GLN C 203 -55.75 5.78 -29.82
C GLN C 203 -57.06 5.00 -29.96
N VAL C 204 -57.05 3.74 -29.55
CA VAL C 204 -58.29 2.96 -29.49
C VAL C 204 -59.30 3.64 -28.58
N LEU C 205 -58.84 4.08 -27.42
CA LEU C 205 -59.73 4.75 -26.47
C LEU C 205 -60.32 6.02 -27.06
N ARG C 206 -59.54 6.74 -27.85
CA ARG C 206 -60.04 8.00 -28.40
C ARG C 206 -60.97 7.78 -29.60
N MET C 207 -60.85 6.68 -30.36
CA MET C 207 -61.90 6.43 -31.35
C MET C 207 -63.05 5.57 -30.84
N GLN C 208 -62.99 5.05 -29.61
CA GLN C 208 -64.10 4.24 -29.13
C GLN C 208 -65.43 5.00 -29.11
N PRO C 209 -65.53 6.21 -28.57
CA PRO C 209 -66.85 6.88 -28.56
C PRO C 209 -67.35 7.23 -29.94
N VAL C 210 -66.48 7.74 -30.83
CA VAL C 210 -66.94 8.14 -32.16
C VAL C 210 -67.39 6.94 -32.95
N ILE C 211 -66.72 5.80 -32.79
CA ILE C 211 -67.21 4.56 -33.41
C ILE C 211 -68.54 4.16 -32.81
N HIS C 212 -68.69 4.29 -31.48
CA HIS C 212 -69.95 3.98 -30.84
C HIS C 212 -71.07 4.91 -31.28
N LEU C 213 -70.74 6.09 -31.78
CA LEU C 213 -71.76 7.04 -32.23
C LEU C 213 -72.24 6.76 -33.65
N GLN C 214 -71.60 5.86 -34.37
CA GLN C 214 -71.98 5.58 -35.75
C GLN C 214 -73.34 4.89 -35.80
N ARG C 215 -74.18 5.33 -36.73
CA ARG C 215 -75.53 4.78 -36.83
C ARG C 215 -75.52 3.30 -37.17
N ILE C 216 -74.64 2.90 -38.09
CA ILE C 216 -74.55 1.48 -38.45
C ILE C 216 -74.13 0.66 -37.23
N HIS C 217 -73.13 1.14 -36.50
CA HIS C 217 -72.71 0.45 -35.28
C HIS C 217 -73.84 0.39 -34.27
N GLN C 218 -74.58 1.48 -34.11
CA GLN C 218 -75.68 1.51 -33.15
C GLN C 218 -76.75 0.50 -33.52
N GLU C 219 -77.12 0.44 -34.79
CA GLU C 219 -78.14 -0.52 -35.24
C GLU C 219 -77.65 -1.95 -35.07
N VAL C 220 -76.39 -2.21 -35.43
CA VAL C 220 -75.86 -3.56 -35.30
C VAL C 220 -75.78 -3.97 -33.84
N PHE C 221 -75.29 -3.07 -32.98
CA PHE C 221 -75.07 -3.38 -31.58
C PHE C 221 -76.25 -2.97 -30.70
N SER C 222 -77.44 -2.87 -31.28
CA SER C 222 -78.64 -2.62 -30.48
C SER C 222 -78.90 -3.82 -29.57
N SER C 223 -79.23 -3.52 -28.31
CA SER C 223 -79.45 -4.57 -27.32
C SER C 223 -80.71 -5.37 -27.65
N LYS C 250 -82.83 -29.34 7.41
CA LYS C 250 -81.39 -29.38 7.62
C LYS C 250 -81.02 -28.89 9.01
N THR C 251 -79.72 -28.66 9.23
CA THR C 251 -79.26 -28.15 10.51
C THR C 251 -79.77 -26.73 10.73
N SER C 252 -79.99 -26.39 12.01
CA SER C 252 -80.44 -25.05 12.35
C SER C 252 -79.28 -24.07 12.21
N ASP C 253 -79.08 -23.56 10.99
CA ASP C 253 -77.95 -22.70 10.70
C ASP C 253 -78.41 -21.25 10.47
N MET C 254 -78.02 -20.37 11.37
CA MET C 254 -78.08 -18.93 11.08
C MET C 254 -76.86 -18.63 10.23
N VAL C 255 -77.11 -18.45 8.93
CA VAL C 255 -76.02 -18.24 7.98
C VAL C 255 -75.14 -17.07 8.43
N LEU C 256 -75.78 -15.98 8.87
CA LEU C 256 -75.07 -14.80 9.36
C LEU C 256 -74.07 -14.32 8.33
N LYS C 257 -74.46 -14.40 7.05
CA LYS C 257 -73.60 -14.07 5.93
C LYS C 257 -73.98 -12.70 5.39
N ARG C 258 -73.00 -11.79 5.36
CA ARG C 258 -73.20 -10.46 4.83
C ARG C 258 -72.84 -10.44 3.34
N LYS C 259 -72.78 -9.24 2.75
CA LYS C 259 -72.55 -9.05 1.34
C LYS C 259 -71.14 -8.51 1.11
N GLN C 260 -70.85 -8.18 -0.17
CA GLN C 260 -69.55 -7.63 -0.59
C GLN C 260 -68.43 -8.65 -0.34
N THR C 261 -68.55 -9.79 -1.00
CA THR C 261 -67.51 -10.81 -1.03
C THR C 261 -66.97 -10.92 -2.45
N LYS C 262 -65.67 -10.69 -2.61
CA LYS C 262 -65.07 -10.67 -3.93
C LYS C 262 -63.58 -10.96 -3.81
N ASP C 263 -62.95 -11.23 -4.96
CA ASP C 263 -61.53 -11.49 -5.03
C ASP C 263 -60.78 -10.17 -4.92
N CYS C 264 -60.40 -9.81 -3.69
CA CYS C 264 -59.70 -8.57 -3.45
C CYS C 264 -58.29 -8.62 -4.04
N PRO C 265 -57.71 -7.46 -4.35
CA PRO C 265 -56.32 -7.46 -4.85
C PRO C 265 -55.33 -8.07 -3.88
N GLN C 266 -55.60 -7.96 -2.58
CA GLN C 266 -54.74 -8.57 -1.56
C GLN C 266 -54.73 -10.09 -1.62
N ARG C 267 -55.67 -10.69 -2.35
CA ARG C 267 -55.64 -12.13 -2.57
C ARG C 267 -54.38 -12.57 -3.29
N LYS C 268 -53.72 -11.64 -4.00
CA LYS C 268 -52.47 -11.97 -4.69
C LYS C 268 -51.42 -12.44 -3.70
N TRP C 269 -51.32 -11.78 -2.56
CA TRP C 269 -50.31 -12.12 -1.56
C TRP C 269 -50.78 -13.16 -0.57
N TYR C 270 -52.07 -13.47 -0.53
CA TYR C 270 -52.64 -14.43 0.40
C TYR C 270 -53.39 -15.52 -0.37
N PRO C 271 -52.67 -16.46 -0.97
CA PRO C 271 -53.34 -17.56 -1.66
C PRO C 271 -53.92 -18.55 -0.66
N LEU C 272 -55.21 -18.81 -0.78
CA LEU C 272 -55.85 -19.79 0.09
C LEU C 272 -55.46 -21.20 -0.31
N ARG C 273 -55.48 -22.09 0.67
CA ARG C 273 -55.23 -23.50 0.41
C ARG C 273 -56.38 -24.09 -0.41
N PRO C 274 -56.10 -24.98 -1.35
CA PRO C 274 -57.16 -25.63 -2.13
C PRO C 274 -57.77 -26.84 -1.42
N LYS C 275 -58.16 -26.64 -0.16
CA LYS C 275 -58.73 -27.63 0.75
C LYS C 275 -57.75 -28.74 1.11
N LYS C 276 -56.53 -28.70 0.58
CA LYS C 276 -55.51 -29.73 0.84
C LYS C 276 -56.06 -31.12 0.57
N ILE C 277 -56.48 -31.32 -0.68
CA ILE C 277 -57.09 -32.58 -1.10
C ILE C 277 -56.05 -33.70 -1.09
N GLY D 29 88.65 26.68 -9.27
CA GLY D 29 89.29 25.38 -9.23
C GLY D 29 88.31 24.24 -9.40
N THR D 30 88.81 23.10 -9.88
CA THR D 30 87.96 21.93 -10.06
C THR D 30 87.58 21.34 -8.71
N THR D 31 86.54 20.52 -8.72
CA THR D 31 86.06 19.87 -7.51
C THR D 31 87.03 18.75 -7.13
N ILE D 32 87.79 18.96 -6.07
CA ILE D 32 88.79 17.99 -5.66
C ILE D 32 88.15 16.92 -4.79
N SER D 33 88.55 15.67 -5.00
CA SER D 33 87.95 14.56 -4.27
C SER D 33 88.38 14.59 -2.81
N ARG D 34 87.51 14.09 -1.94
CA ARG D 34 87.77 14.12 -0.51
C ARG D 34 88.95 13.25 -0.12
N VAL D 35 89.08 12.08 -0.75
CA VAL D 35 90.17 11.17 -0.42
C VAL D 35 91.51 11.80 -0.77
N LYS D 36 91.57 12.51 -1.90
CA LYS D 36 92.80 13.18 -2.29
C LYS D 36 93.11 14.36 -1.38
N LEU D 37 92.10 15.10 -0.93
CA LEU D 37 92.31 16.12 0.09
C LEU D 37 92.90 15.51 1.36
N LEU D 38 92.34 14.38 1.79
CA LEU D 38 92.84 13.71 3.00
C LEU D 38 94.29 13.30 2.82
N ASP D 39 94.61 12.72 1.67
CA ASP D 39 95.99 12.28 1.42
C ASP D 39 96.94 13.47 1.41
N THR D 40 96.57 14.56 0.73
CA THR D 40 97.43 15.72 0.67
C THR D 40 97.65 16.34 2.05
N MET D 41 96.59 16.45 2.85
CA MET D 41 96.77 17.08 4.15
C MET D 41 97.51 16.18 5.12
N VAL D 42 97.35 14.85 4.99
CA VAL D 42 98.14 13.93 5.80
C VAL D 42 99.61 14.03 5.42
N ASP D 43 99.90 14.10 4.13
CA ASP D 43 101.28 14.26 3.69
C ASP D 43 101.88 15.59 4.16
N THR D 44 101.08 16.65 4.12
CA THR D 44 101.55 17.94 4.63
C THR D 44 101.82 17.87 6.13
N PHE D 45 100.95 17.18 6.87
CA PHE D 45 101.17 17.01 8.31
C PHE D 45 102.46 16.24 8.57
N LEU D 46 102.70 15.16 7.82
CA LEU D 46 103.95 14.43 7.96
C LEU D 46 105.15 15.29 7.64
N GLN D 47 105.04 16.10 6.58
CA GLN D 47 106.16 16.95 6.18
C GLN D 47 106.48 17.99 7.25
N LYS D 48 105.46 18.66 7.78
CA LYS D 48 105.73 19.67 8.80
C LYS D 48 106.16 19.03 10.11
N LEU D 49 105.70 17.81 10.39
CA LEU D 49 106.16 17.10 11.59
C LEU D 49 107.64 16.74 11.48
N VAL D 50 108.06 16.21 10.33
CA VAL D 50 109.47 15.86 10.19
C VAL D 50 110.33 17.12 10.08
N ALA D 51 109.76 18.22 9.58
CA ALA D 51 110.46 19.49 9.62
C ALA D 51 110.66 19.97 11.05
N ALA D 52 109.65 19.78 11.90
CA ALA D 52 109.80 20.12 13.32
C ALA D 52 110.88 19.29 13.97
N GLY D 53 110.92 17.99 13.66
CA GLY D 53 111.96 17.13 14.18
C GLY D 53 113.25 17.22 13.39
N SER D 54 113.89 18.37 13.43
CA SER D 54 115.11 18.59 12.67
C SER D 54 116.27 17.77 13.24
N TYR D 55 117.25 17.49 12.39
CA TYR D 55 118.41 16.72 12.83
C TYR D 55 119.26 17.50 13.82
N GLN D 56 119.36 18.82 13.64
CA GLN D 56 120.14 19.62 14.58
C GLN D 56 119.49 19.64 15.95
N ARG D 57 118.17 19.75 16.02
CA ARG D 57 117.49 19.63 17.30
C ARG D 57 117.62 18.22 17.87
N PHE D 58 117.59 17.21 17.00
CA PHE D 58 117.72 15.83 17.45
C PHE D 58 119.08 15.60 18.10
N THR D 59 120.15 16.12 17.51
CA THR D 59 121.47 15.96 18.09
C THR D 59 121.69 16.88 19.29
N ASP D 60 121.04 18.04 19.32
CA ASP D 60 121.11 18.89 20.51
C ASP D 60 120.47 18.20 21.71
N CYS D 61 119.33 17.55 21.50
CA CYS D 61 118.66 16.87 22.61
C CYS D 61 119.40 15.60 23.01
N TYR D 62 120.11 14.97 22.08
CA TYR D 62 120.87 13.74 22.34
C TYR D 62 122.37 14.01 22.30
N LYS D 63 122.79 15.15 22.84
CA LYS D 63 124.21 15.52 22.81
C LYS D 63 125.07 14.56 23.62
N CYS D 64 124.49 13.86 24.61
CA CYS D 64 125.27 12.95 25.44
C CYS D 64 125.84 11.80 24.61
N PHE D 65 124.98 11.12 23.86
CA PHE D 65 125.43 10.02 23.02
C PHE D 65 126.11 10.51 21.75
N TYR D 66 125.72 11.69 21.25
CA TYR D 66 126.28 12.19 20.00
C TYR D 66 127.76 12.47 20.11
N GLN D 67 128.26 12.75 21.31
CA GLN D 67 129.69 13.02 21.51
C GLN D 67 130.54 11.76 21.34
N LEU D 68 129.94 10.58 21.28
CA LEU D 68 130.67 9.33 21.15
C LEU D 68 130.77 8.88 19.69
N GLN D 69 129.65 8.76 19.00
CA GLN D 69 129.61 8.34 17.60
C GLN D 69 128.50 9.12 16.91
N PRO D 70 128.83 10.26 16.29
CA PRO D 70 127.80 11.05 15.59
C PRO D 70 127.17 10.32 14.42
N ALA D 71 127.92 9.46 13.74
CA ALA D 71 127.43 8.83 12.52
C ALA D 71 126.25 7.90 12.81
N MET D 72 126.45 6.94 13.70
CA MET D 72 125.38 5.99 14.00
C MET D 72 124.17 6.73 14.57
N THR D 73 124.41 7.84 15.27
CA THR D 73 123.31 8.71 15.68
C THR D 73 122.57 9.26 14.46
N GLN D 74 123.31 9.63 13.41
CA GLN D 74 122.67 10.13 12.20
C GLN D 74 121.82 9.06 11.52
N GLN D 75 122.37 7.86 11.35
CA GLN D 75 121.56 6.80 10.73
C GLN D 75 120.37 6.41 11.61
N ILE D 76 120.52 6.44 12.94
CA ILE D 76 119.38 6.07 13.77
C ILE D 76 118.31 7.17 13.73
N TYR D 77 118.71 8.44 13.59
CA TYR D 77 117.74 9.50 13.37
C TYR D 77 117.01 9.31 12.05
N ASP D 78 117.74 8.98 11.00
CA ASP D 78 117.11 8.74 9.71
C ASP D 78 116.14 7.56 9.79
N LYS D 79 116.55 6.50 10.49
CA LYS D 79 115.68 5.34 10.68
C LYS D 79 114.43 5.72 11.45
N PHE D 80 114.57 6.54 12.48
CA PHE D 80 113.41 7.01 13.24
C PHE D 80 112.44 7.76 12.33
N ILE D 81 112.96 8.70 11.54
CA ILE D 81 112.09 9.49 10.67
C ILE D 81 111.38 8.60 9.65
N ALA D 82 112.15 7.72 9.00
CA ALA D 82 111.57 6.86 7.98
C ALA D 82 110.53 5.92 8.58
N GLN D 83 110.83 5.35 9.75
CA GLN D 83 109.90 4.41 10.37
C GLN D 83 108.62 5.11 10.82
N LEU D 84 108.73 6.30 11.41
CA LEU D 84 107.52 7.00 11.82
C LEU D 84 106.67 7.39 10.61
N GLN D 85 107.31 7.87 9.53
CA GLN D 85 106.55 8.24 8.35
C GLN D 85 105.87 7.02 7.71
N THR D 86 106.59 5.90 7.65
CA THR D 86 106.00 4.68 7.11
C THR D 86 104.86 4.21 7.98
N SER D 87 105.00 4.32 9.31
CA SER D 87 103.91 3.93 10.21
C SER D 87 102.69 4.81 9.99
N ILE D 88 102.89 6.11 9.79
CA ILE D 88 101.75 7.00 9.56
C ILE D 88 101.05 6.64 8.25
N ARG D 89 101.83 6.39 7.19
CA ARG D 89 101.23 6.00 5.92
C ARG D 89 100.48 4.67 6.04
N GLU D 90 101.06 3.70 6.74
CA GLU D 90 100.39 2.43 6.93
C GLU D 90 99.10 2.61 7.72
N GLU D 91 99.12 3.47 8.74
CA GLU D 91 97.93 3.71 9.54
C GLU D 91 96.82 4.34 8.70
N ILE D 92 97.16 5.35 7.88
CA ILE D 92 96.12 5.99 7.09
C ILE D 92 95.56 5.04 6.04
N SER D 93 96.45 4.26 5.39
CA SER D 93 95.97 3.29 4.41
C SER D 93 95.09 2.23 5.07
N ASP D 94 95.49 1.75 6.25
CA ASP D 94 94.69 0.75 6.94
C ASP D 94 93.32 1.30 7.30
N ILE D 95 93.28 2.47 7.95
CA ILE D 95 92.02 3.03 8.40
C ILE D 95 91.11 3.30 7.21
N LYS D 96 91.67 3.70 6.07
CA LYS D 96 90.88 3.78 4.85
C LYS D 96 90.36 2.41 4.44
N GLU D 97 91.14 1.35 4.70
CA GLU D 97 90.73 0.01 4.32
C GLU D 97 89.52 -0.46 5.12
N GLU D 98 89.65 -0.57 6.45
CA GLU D 98 88.51 -1.12 7.18
C GLU D 98 87.39 -0.10 7.31
N GLY D 99 87.71 1.19 7.45
CA GLY D 99 86.65 2.17 7.62
C GLY D 99 85.79 2.38 6.40
N ASN D 100 86.15 1.78 5.26
CA ASN D 100 85.44 1.98 4.00
C ASN D 100 85.35 3.48 3.68
N LEU D 101 86.43 4.19 4.00
CA LEU D 101 86.40 5.65 3.94
C LEU D 101 86.30 6.15 2.52
N GLU D 102 87.04 5.53 1.59
CA GLU D 102 87.11 6.05 0.23
C GLU D 102 85.75 5.99 -0.47
N ALA D 103 85.05 4.86 -0.35
CA ALA D 103 83.76 4.73 -1.02
C ALA D 103 82.74 5.68 -0.41
N VAL D 104 82.73 5.82 0.91
CA VAL D 104 81.78 6.71 1.56
C VAL D 104 82.06 8.16 1.15
N LEU D 105 83.32 8.55 1.11
CA LEU D 105 83.67 9.92 0.71
C LEU D 105 83.30 10.16 -0.75
N ASN D 106 83.49 9.16 -1.62
CA ASN D 106 83.12 9.32 -3.02
C ASN D 106 81.61 9.45 -3.16
N ALA D 107 80.85 8.66 -2.42
CA ALA D 107 79.39 8.79 -2.44
C ALA D 107 78.96 10.16 -1.93
N LEU D 108 79.63 10.66 -0.89
CA LEU D 108 79.32 11.99 -0.38
C LEU D 108 79.65 13.07 -1.41
N ASP D 109 80.76 12.89 -2.14
CA ASP D 109 81.09 13.83 -3.20
C ASP D 109 80.01 13.83 -4.28
N LYS D 110 79.53 12.64 -4.64
CA LYS D 110 78.44 12.56 -5.60
C LYS D 110 77.19 13.26 -5.08
N ILE D 111 76.88 13.07 -3.80
CA ILE D 111 75.67 13.67 -3.22
C ILE D 111 75.79 15.20 -3.22
N VAL D 112 76.95 15.72 -2.84
CA VAL D 112 77.12 17.16 -2.77
C VAL D 112 77.15 17.77 -4.17
N GLU D 113 77.71 17.04 -5.15
CA GLU D 113 77.75 17.58 -6.51
C GLU D 113 76.39 17.51 -7.20
N GLU D 114 75.56 16.53 -6.87
CA GLU D 114 74.22 16.51 -7.46
C GLU D 114 73.31 17.53 -6.80
N GLY D 115 73.52 17.80 -5.51
CA GLY D 115 72.65 18.70 -4.78
C GLY D 115 73.23 20.09 -4.59
N LYS D 116 74.24 20.44 -5.40
CA LYS D 116 74.83 21.77 -5.27
C LYS D 116 73.90 22.88 -5.74
N VAL D 117 72.80 22.54 -6.42
CA VAL D 117 71.89 23.56 -6.91
C VAL D 117 71.27 24.33 -5.76
N ARG D 118 70.87 23.63 -4.70
CA ARG D 118 70.29 24.29 -3.54
C ARG D 118 71.35 25.13 -2.83
N LYS D 119 71.04 26.40 -2.61
CA LYS D 119 71.90 27.30 -1.85
C LYS D 119 71.41 27.51 -0.43
N GLU D 120 70.09 27.52 -0.23
CA GLU D 120 69.53 27.70 1.09
C GLU D 120 69.85 26.49 1.97
N PRO D 121 69.90 26.68 3.29
CA PRO D 121 70.17 25.54 4.18
C PRO D 121 69.15 24.43 3.99
N ALA D 122 69.64 23.19 4.01
CA ALA D 122 68.77 22.05 3.82
C ALA D 122 68.04 21.72 5.13
N TRP D 123 67.00 20.90 5.00
CA TRP D 123 66.21 20.52 6.16
C TRP D 123 67.04 19.67 7.11
N ARG D 124 66.77 19.84 8.40
CA ARG D 124 67.45 19.13 9.46
C ARG D 124 66.41 18.56 10.42
N PRO D 125 66.74 17.50 11.15
CA PRO D 125 65.77 16.91 12.07
C PRO D 125 65.26 17.93 13.08
N SER D 126 63.94 17.92 13.29
CA SER D 126 63.32 18.89 14.18
C SER D 126 63.56 18.54 15.65
N GLY D 127 63.80 17.27 15.96
CA GLY D 127 63.91 16.81 17.32
C GLY D 127 62.66 16.14 17.83
N ILE D 128 61.52 16.37 17.20
CA ILE D 128 60.26 15.72 17.54
C ILE D 128 59.92 14.76 16.39
N PRO D 129 59.76 13.46 16.66
CA PRO D 129 59.52 12.51 15.56
C PRO D 129 58.23 12.77 14.79
N GLU D 130 57.21 13.37 15.40
CA GLU D 130 55.92 13.51 14.73
C GLU D 130 56.01 14.43 13.52
N LYS D 131 56.58 15.62 13.70
CA LYS D 131 56.72 16.53 12.57
C LYS D 131 57.72 16.02 11.55
N ASP D 132 58.72 15.25 12.00
CA ASP D 132 59.65 14.64 11.06
C ASP D 132 58.96 13.61 10.17
N LEU D 133 58.07 12.80 10.76
CA LEU D 133 57.35 11.76 10.05
C LEU D 133 56.16 12.28 9.26
N HIS D 134 55.70 13.50 9.56
CA HIS D 134 54.57 14.07 8.83
C HIS D 134 54.87 14.21 7.35
N SER D 135 56.07 14.69 7.01
CA SER D 135 56.45 14.83 5.61
C SER D 135 56.52 13.47 4.93
N VAL D 136 57.01 12.46 5.63
CA VAL D 136 57.13 11.13 5.04
C VAL D 136 55.77 10.54 4.75
N MET D 137 54.84 10.63 5.71
CA MET D 137 53.57 9.94 5.57
C MET D 137 52.45 10.79 4.97
N ALA D 138 52.72 12.06 4.65
CA ALA D 138 51.70 12.86 3.97
C ALA D 138 51.32 12.34 2.60
N PRO D 139 52.26 12.05 1.67
CA PRO D 139 51.85 11.74 0.29
C PRO D 139 50.92 10.54 0.18
N TYR D 140 51.13 9.50 0.99
CA TYR D 140 50.31 8.31 0.87
C TYR D 140 48.90 8.57 1.39
N PHE D 141 48.78 9.37 2.44
CA PHE D 141 47.45 9.80 2.89
C PHE D 141 46.77 10.64 1.81
N LEU D 142 47.53 11.48 1.12
CA LEU D 142 46.97 12.25 0.02
C LEU D 142 46.44 11.32 -1.08
N GLN D 143 47.21 10.29 -1.42
CA GLN D 143 46.78 9.33 -2.43
C GLN D 143 45.51 8.60 -2.01
N GLN D 144 45.46 8.18 -0.74
CA GLN D 144 44.26 7.51 -0.23
C GLN D 144 43.05 8.43 -0.29
N ARG D 145 43.24 9.70 0.10
CA ARG D 145 42.15 10.68 0.02
C ARG D 145 41.67 10.85 -1.41
N ASP D 146 42.60 10.92 -2.36
CA ASP D 146 42.21 11.07 -3.76
C ASP D 146 41.40 9.87 -4.24
N THR D 147 41.86 8.66 -3.90
CA THR D 147 41.14 7.46 -4.31
C THR D 147 39.73 7.43 -3.71
N LEU D 148 39.62 7.77 -2.42
CA LEU D 148 38.31 7.79 -1.78
C LEU D 148 37.41 8.85 -2.40
N ARG D 149 37.99 9.99 -2.77
CA ARG D 149 37.22 11.03 -3.45
C ARG D 149 36.69 10.53 -4.79
N ARG D 150 37.52 9.82 -5.55
CA ARG D 150 37.06 9.25 -6.81
C ARG D 150 35.90 8.29 -6.57
N HIS D 151 36.04 7.43 -5.56
CA HIS D 151 35.00 6.45 -5.28
C HIS D 151 33.69 7.12 -4.89
N VAL D 152 33.76 8.12 -4.01
CA VAL D 152 32.53 8.77 -3.56
C VAL D 152 31.91 9.57 -4.69
N GLN D 153 32.72 10.16 -5.57
CA GLN D 153 32.18 10.87 -6.71
C GLN D 153 31.44 9.92 -7.65
N LYS D 154 32.03 8.74 -7.90
CA LYS D 154 31.35 7.74 -8.73
C LYS D 154 30.04 7.30 -8.09
N GLN D 155 30.05 7.08 -6.78
CA GLN D 155 28.82 6.66 -6.09
C GLN D 155 27.75 7.73 -6.18
N GLU D 156 28.14 9.01 -6.02
CA GLU D 156 27.17 10.09 -6.16
C GLU D 156 26.61 10.17 -7.58
N ALA D 157 27.47 9.96 -8.58
CA ALA D 157 27.01 9.97 -9.96
C ALA D 157 25.97 8.88 -10.19
N GLU D 158 26.22 7.68 -9.66
CA GLU D 158 25.24 6.60 -9.79
C GLU D 158 23.95 6.93 -9.04
N ASN D 159 24.08 7.51 -7.84
CA ASN D 159 22.91 7.83 -7.03
C ASN D 159 22.05 8.89 -7.71
N GLN D 160 22.66 9.76 -8.52
CA GLN D 160 21.88 10.73 -9.28
C GLN D 160 20.92 10.04 -10.24
N GLN D 161 21.44 9.07 -11.01
CA GLN D 161 20.59 8.30 -11.90
C GLN D 161 19.52 7.54 -11.13
N LEU D 162 19.90 6.99 -9.98
CA LEU D 162 18.93 6.26 -9.16
C LEU D 162 17.79 7.17 -8.71
N ALA D 163 18.12 8.39 -8.27
CA ALA D 163 17.10 9.34 -7.86
C ALA D 163 16.22 9.76 -9.02
N ASP D 164 16.82 9.92 -10.21
CA ASP D 164 16.01 10.23 -11.39
C ASP D 164 15.01 9.12 -11.67
N ALA D 165 15.45 7.86 -11.55
CA ALA D 165 14.54 6.73 -11.73
C ALA D 165 13.44 6.74 -10.68
N VAL D 166 13.79 7.09 -9.44
CA VAL D 166 12.78 7.18 -8.38
C VAL D 166 11.73 8.22 -8.73
N LEU D 167 12.17 9.39 -9.21
CA LEU D 167 11.22 10.43 -9.58
C LEU D 167 10.32 10.00 -10.71
N ALA D 168 10.89 9.34 -11.72
CA ALA D 168 10.07 8.85 -12.83
C ALA D 168 9.04 7.85 -12.35
N GLY D 169 9.44 6.93 -11.46
CA GLY D 169 8.51 5.97 -10.92
C GLY D 169 7.39 6.63 -10.12
N ARG D 170 7.74 7.64 -9.33
CA ARG D 170 6.71 8.37 -8.59
C ARG D 170 5.72 9.03 -9.52
N ARG D 171 6.22 9.64 -10.59
CA ARG D 171 5.34 10.30 -11.56
C ARG D 171 4.40 9.28 -12.20
N GLN D 172 4.94 8.11 -12.59
CA GLN D 172 4.12 7.09 -13.22
C GLN D 172 3.06 6.56 -12.25
N VAL D 173 3.42 6.36 -10.98
CA VAL D 173 2.46 5.89 -10.00
C VAL D 173 1.35 6.91 -9.81
N GLU D 174 1.70 8.20 -9.74
CA GLU D 174 0.69 9.24 -9.62
C GLU D 174 -0.24 9.23 -10.83
N GLU D 175 0.32 9.08 -12.03
CA GLU D 175 -0.52 9.06 -13.23
C GLU D 175 -1.46 7.86 -13.23
N LEU D 176 -0.97 6.70 -12.82
CA LEU D 176 -1.82 5.50 -12.77
C LEU D 176 -2.94 5.67 -11.75
N GLN D 177 -2.62 6.26 -10.59
CA GLN D 177 -3.65 6.51 -9.59
C GLN D 177 -4.70 7.47 -10.13
N LEU D 178 -4.26 8.50 -10.86
CA LEU D 178 -5.21 9.44 -11.45
C LEU D 178 -6.10 8.75 -12.48
N GLN D 179 -5.52 7.84 -13.27
CA GLN D 179 -6.32 7.10 -14.25
C GLN D 179 -7.36 6.22 -13.56
N VAL D 180 -6.97 5.57 -12.46
CA VAL D 180 -7.91 4.75 -11.70
C VAL D 180 -9.03 5.62 -11.15
N GLN D 181 -8.68 6.80 -10.64
CA GLN D 181 -9.71 7.70 -10.13
C GLN D 181 -10.64 8.16 -11.24
N ALA D 182 -10.10 8.38 -12.43
CA ALA D 182 -10.93 8.75 -13.57
C ALA D 182 -11.92 7.64 -13.92
N GLN D 183 -11.45 6.39 -13.93
CA GLN D 183 -12.35 5.27 -14.17
C GLN D 183 -13.43 5.19 -13.09
N GLN D 184 -13.04 5.37 -11.83
CA GLN D 184 -14.00 5.35 -10.74
C GLN D 184 -15.06 6.42 -10.91
N GLN D 185 -14.65 7.64 -11.26
CA GLN D 185 -15.60 8.72 -11.43
C GLN D 185 -16.50 8.50 -12.65
N ALA D 186 -15.94 7.94 -13.72
CA ALA D 186 -16.75 7.62 -14.89
C ALA D 186 -17.83 6.60 -14.54
N TRP D 187 -17.48 5.59 -13.74
CA TRP D 187 -18.48 4.63 -13.33
C TRP D 187 -19.47 5.20 -12.32
N GLN D 188 -19.05 6.16 -11.50
CA GLN D 188 -19.91 6.76 -10.50
C GLN D 188 -20.81 7.86 -11.05
N ALA D 189 -20.55 8.31 -12.27
CA ALA D 189 -21.38 9.35 -12.88
C ALA D 189 -22.80 8.88 -13.16
N LEU D 190 -23.06 7.57 -13.09
CA LEU D 190 -24.40 7.05 -13.34
C LEU D 190 -25.40 7.45 -12.26
N HIS D 191 -24.92 8.01 -11.15
CA HIS D 191 -25.79 8.31 -10.01
C HIS D 191 -26.84 9.35 -10.37
N ARG D 192 -26.45 10.38 -11.12
CA ARG D 192 -27.40 11.44 -11.47
C ARG D 192 -28.55 10.87 -12.30
N GLU D 193 -28.21 10.05 -13.31
CA GLU D 193 -29.25 9.44 -14.12
C GLU D 193 -30.12 8.50 -13.31
N GLN D 194 -29.50 7.74 -12.39
CA GLN D 194 -30.29 6.82 -11.57
C GLN D 194 -31.27 7.57 -10.68
N ARG D 195 -30.82 8.67 -10.06
CA ARG D 195 -31.73 9.45 -9.22
C ARG D 195 -32.79 10.13 -10.06
N GLU D 196 -32.46 10.57 -11.27
CA GLU D 196 -33.46 11.14 -12.16
C GLU D 196 -34.53 10.10 -12.50
N LEU D 197 -34.10 8.86 -12.78
CA LEU D 197 -35.05 7.80 -13.06
C LEU D 197 -35.93 7.52 -11.85
N VAL D 198 -35.34 7.51 -10.66
CA VAL D 198 -36.12 7.33 -9.44
C VAL D 198 -37.15 8.44 -9.29
N ALA D 199 -36.77 9.67 -9.62
CA ALA D 199 -37.71 10.78 -9.59
C ALA D 199 -38.84 10.56 -10.60
N VAL D 200 -38.50 10.06 -11.79
CA VAL D 200 -39.52 9.79 -12.80
C VAL D 200 -40.49 8.73 -12.31
N LEU D 201 -39.94 7.63 -11.77
CA LEU D 201 -40.76 6.54 -11.25
C LEU D 201 -40.89 6.73 -9.75
N ARG D 202 -41.80 7.63 -9.37
CA ARG D 202 -41.99 8.01 -7.98
C ARG D 202 -43.06 7.15 -7.33
N GLU D 203 -43.01 7.07 -6.01
CA GLU D 203 -43.98 6.31 -5.25
C GLU D 203 -45.32 7.03 -5.27
N PRO D 204 -46.43 6.28 -5.08
CA PRO D 204 -47.77 6.86 -5.05
C PRO D 204 -47.92 7.94 -3.97
N GLY E 86 -146.96 13.23 -60.27
CA GLY E 86 -145.69 12.96 -60.92
C GLY E 86 -145.26 11.51 -60.80
N LEU E 87 -146.13 10.59 -61.23
CA LEU E 87 -145.79 9.17 -61.20
C LEU E 87 -144.57 8.87 -62.05
N GLN E 88 -144.58 9.34 -63.30
CA GLN E 88 -143.49 9.04 -64.22
C GLN E 88 -142.20 9.73 -63.78
N GLU E 89 -142.31 10.98 -63.30
CA GLU E 89 -141.15 11.69 -62.79
C GLU E 89 -140.53 10.95 -61.61
N ALA E 90 -141.38 10.53 -60.66
CA ALA E 90 -140.89 9.79 -59.50
C ALA E 90 -140.25 8.48 -59.93
N GLY E 91 -140.81 7.82 -60.95
CA GLY E 91 -140.23 6.58 -61.43
C GLY E 91 -138.86 6.77 -62.07
N GLU E 92 -138.72 7.79 -62.92
CA GLU E 92 -137.43 8.05 -63.55
C GLU E 92 -136.37 8.43 -62.52
N GLU E 93 -136.74 9.24 -61.52
CA GLU E 93 -135.86 9.55 -60.41
C GLU E 93 -135.51 8.29 -59.62
N ASP E 94 -136.46 7.37 -59.49
CA ASP E 94 -136.21 6.12 -58.77
C ASP E 94 -135.16 5.31 -59.50
N THR E 95 -135.26 5.25 -60.83
CA THR E 95 -134.25 4.59 -61.64
C THR E 95 -132.90 5.24 -61.46
N ARG E 96 -132.85 6.58 -61.49
CA ARG E 96 -131.56 7.25 -61.32
C ARG E 96 -130.90 6.87 -60.01
N LEU E 97 -131.64 6.89 -58.90
CA LEU E 97 -130.95 6.64 -57.63
C LEU E 97 -130.65 5.16 -57.42
N LYS E 98 -131.49 4.25 -57.92
CA LYS E 98 -131.07 2.85 -57.78
C LYS E 98 -129.81 2.59 -58.59
N ALA E 99 -129.69 3.27 -59.74
CA ALA E 99 -128.42 3.27 -60.45
C ALA E 99 -127.30 3.79 -59.54
N SER E 100 -127.55 4.92 -58.86
CA SER E 100 -126.54 5.45 -57.96
C SER E 100 -126.12 4.42 -56.92
N LEU E 101 -127.08 3.63 -56.44
CA LEU E 101 -126.74 2.49 -55.59
C LEU E 101 -125.80 1.55 -56.30
N LEU E 102 -126.03 1.25 -57.58
CA LEU E 102 -125.15 0.27 -58.22
C LEU E 102 -123.73 0.81 -58.37
N GLN E 103 -123.56 2.08 -58.76
CA GLN E 103 -122.19 2.60 -58.81
C GLN E 103 -121.53 2.65 -57.43
N LEU E 104 -122.28 3.01 -56.38
CA LEU E 104 -121.64 3.06 -55.07
C LEU E 104 -121.31 1.66 -54.55
N THR E 105 -122.10 0.64 -54.91
CA THR E 105 -121.73 -0.73 -54.56
C THR E 105 -120.49 -1.19 -55.31
N ARG E 106 -120.35 -0.76 -56.57
CA ARG E 106 -119.10 -1.04 -57.28
C ARG E 106 -117.92 -0.37 -56.59
N GLU E 107 -118.12 0.85 -56.12
CA GLU E 107 -117.07 1.53 -55.36
C GLU E 107 -116.73 0.74 -54.09
N LEU E 108 -117.75 0.18 -53.43
CA LEU E 108 -117.52 -0.62 -52.23
C LEU E 108 -116.71 -1.89 -52.54
N GLU E 109 -117.01 -2.56 -53.65
CA GLU E 109 -116.25 -3.78 -53.96
C GLU E 109 -114.82 -3.44 -54.36
N GLU E 110 -114.61 -2.32 -55.06
CA GLU E 110 -113.25 -1.86 -55.29
C GLU E 110 -112.54 -1.58 -53.96
N LEU E 111 -113.25 -1.00 -53.01
CA LEU E 111 -112.69 -0.79 -51.68
C LEU E 111 -112.32 -2.10 -51.01
N LYS E 112 -113.14 -3.14 -51.20
CA LYS E 112 -112.84 -4.43 -50.57
C LYS E 112 -111.60 -5.07 -51.18
N GLU E 113 -111.45 -4.98 -52.52
CA GLU E 113 -110.23 -5.51 -53.12
C GLU E 113 -109.02 -4.70 -52.67
N ILE E 114 -109.19 -3.39 -52.44
CA ILE E 114 -108.13 -2.60 -51.83
C ILE E 114 -107.81 -3.12 -50.43
N GLU E 115 -108.83 -3.54 -49.68
CA GLU E 115 -108.61 -4.08 -48.35
C GLU E 115 -107.74 -5.34 -48.41
N ALA E 116 -108.05 -6.22 -49.37
CA ALA E 116 -107.23 -7.41 -49.55
C ALA E 116 -105.79 -7.03 -49.92
N ASP E 117 -105.65 -6.02 -50.78
CA ASP E 117 -104.32 -5.57 -51.19
C ASP E 117 -103.54 -5.06 -49.98
N LEU E 118 -104.20 -4.25 -49.14
CA LEU E 118 -103.54 -3.69 -47.97
C LEU E 118 -103.16 -4.78 -46.98
N GLU E 119 -104.03 -5.78 -46.82
CA GLU E 119 -103.70 -6.90 -45.94
C GLU E 119 -102.47 -7.64 -46.43
N ARG E 120 -102.36 -7.85 -47.74
CA ARG E 120 -101.21 -8.60 -48.25
C ARG E 120 -99.92 -7.80 -48.07
N GLN E 121 -99.95 -6.48 -48.31
CA GLN E 121 -98.75 -5.69 -47.98
C GLN E 121 -98.45 -5.69 -46.49
N GLU E 122 -99.47 -5.67 -45.63
CA GLU E 122 -99.20 -5.70 -44.20
C GLU E 122 -98.51 -6.98 -43.79
N LYS E 123 -99.00 -8.12 -44.29
CA LYS E 123 -98.36 -9.40 -44.01
C LYS E 123 -96.94 -9.43 -44.57
N GLU E 124 -96.75 -8.85 -45.76
CA GLU E 124 -95.41 -8.78 -46.34
C GLU E 124 -94.47 -7.97 -45.46
N VAL E 125 -94.97 -6.85 -44.91
CA VAL E 125 -94.16 -6.04 -44.01
C VAL E 125 -93.72 -6.85 -42.80
N ASP E 126 -94.68 -7.53 -42.17
CA ASP E 126 -94.35 -8.32 -40.98
C ASP E 126 -93.33 -9.40 -41.31
N GLU E 127 -93.58 -10.16 -42.36
CA GLU E 127 -92.66 -11.23 -42.77
C GLU E 127 -91.27 -10.68 -43.04
N ASP E 128 -91.20 -9.61 -43.83
CA ASP E 128 -89.92 -8.99 -44.15
C ASP E 128 -89.18 -8.62 -42.88
N THR E 129 -89.75 -7.71 -42.08
CA THR E 129 -89.12 -7.21 -40.87
C THR E 129 -88.64 -8.35 -39.98
N THR E 130 -89.51 -9.33 -39.71
CA THR E 130 -89.11 -10.48 -38.89
C THR E 130 -87.91 -11.20 -39.49
N VAL E 131 -87.93 -11.50 -40.78
CA VAL E 131 -86.77 -12.18 -41.38
C VAL E 131 -85.53 -11.30 -41.23
N THR E 132 -85.59 -10.09 -41.78
CA THR E 132 -84.46 -9.16 -41.82
C THR E 132 -83.78 -8.98 -40.46
N ILE E 133 -84.53 -8.49 -39.48
CA ILE E 133 -83.87 -7.96 -38.27
C ILE E 133 -83.21 -9.09 -37.48
N PRO E 134 -83.94 -10.14 -37.00
CA PRO E 134 -83.22 -11.29 -36.42
C PRO E 134 -82.05 -11.79 -37.27
N SER E 135 -82.27 -11.97 -38.57
CA SER E 135 -81.21 -12.54 -39.41
C SER E 135 -80.00 -11.61 -39.49
N ALA E 136 -80.22 -10.39 -39.97
CA ALA E 136 -79.10 -9.47 -40.22
C ALA E 136 -78.40 -9.10 -38.91
N VAL E 137 -79.17 -8.73 -37.88
CA VAL E 137 -78.57 -8.30 -36.62
C VAL E 137 -77.75 -9.43 -36.02
N TYR E 138 -78.30 -10.64 -35.99
CA TYR E 138 -77.58 -11.76 -35.38
C TYR E 138 -76.41 -12.22 -36.23
N VAL E 139 -76.51 -12.14 -37.56
CA VAL E 139 -75.36 -12.45 -38.41
C VAL E 139 -74.23 -11.47 -38.15
N ALA E 140 -74.55 -10.18 -38.08
CA ALA E 140 -73.52 -9.18 -37.80
C ALA E 140 -72.91 -9.38 -36.43
N GLN E 141 -73.74 -9.66 -35.42
CA GLN E 141 -73.22 -9.87 -34.07
C GLN E 141 -72.35 -11.12 -34.00
N LEU E 142 -72.73 -12.18 -34.72
CA LEU E 142 -71.92 -13.38 -34.77
C LEU E 142 -70.59 -13.12 -35.47
N TYR E 143 -70.63 -12.36 -36.57
CA TYR E 143 -69.40 -11.94 -37.23
C TYR E 143 -68.49 -11.22 -36.25
N HIS E 144 -69.04 -10.25 -35.51
CA HIS E 144 -68.23 -9.45 -34.61
C HIS E 144 -67.69 -10.29 -33.45
N GLN E 145 -68.52 -11.19 -32.92
CA GLN E 145 -68.06 -12.07 -31.85
C GLN E 145 -66.93 -12.97 -32.33
N VAL E 146 -67.04 -13.49 -33.56
CA VAL E 146 -65.98 -14.32 -34.11
C VAL E 146 -64.71 -13.50 -34.31
N SER E 147 -64.85 -12.26 -34.77
CA SER E 147 -63.70 -11.44 -35.11
C SER E 147 -63.23 -10.53 -33.99
N LYS E 148 -64.11 -10.15 -33.07
CA LYS E 148 -63.79 -9.16 -32.03
C LYS E 148 -63.28 -7.87 -32.66
N ILE E 149 -63.85 -7.51 -33.79
CA ILE E 149 -63.43 -6.35 -34.57
C ILE E 149 -64.61 -5.41 -34.76
N GLU E 150 -64.40 -4.14 -34.45
CA GLU E 150 -65.41 -3.10 -34.62
C GLU E 150 -64.93 -2.17 -35.71
N TRP E 151 -65.74 -2.00 -36.75
CA TRP E 151 -65.35 -1.19 -37.90
C TRP E 151 -65.69 0.28 -37.68
N ASP E 152 -64.95 1.13 -38.39
CA ASP E 152 -65.25 2.56 -38.47
C ASP E 152 -65.99 2.77 -39.78
N TYR E 153 -67.32 2.78 -39.72
CA TYR E 153 -68.13 2.79 -40.93
C TYR E 153 -68.10 4.13 -41.63
N GLU E 154 -67.91 5.23 -40.89
CA GLU E 154 -67.94 6.56 -41.45
C GLU E 154 -66.58 7.03 -41.94
N CYS E 155 -65.67 6.10 -42.23
CA CYS E 155 -64.37 6.44 -42.78
C CYS E 155 -64.45 6.48 -44.31
N GLU E 156 -63.35 6.92 -44.91
CA GLU E 156 -63.30 6.99 -46.37
C GLU E 156 -63.30 5.58 -46.96
N PRO E 157 -63.82 5.41 -48.17
CA PRO E 157 -63.86 4.08 -48.78
C PRO E 157 -62.46 3.57 -49.11
N GLY E 158 -62.34 2.24 -49.15
CA GLY E 158 -61.07 1.60 -49.42
C GLY E 158 -60.06 1.91 -48.33
N MET E 159 -60.51 1.87 -47.08
CA MET E 159 -59.67 2.26 -45.95
C MET E 159 -60.12 1.44 -44.75
N VAL E 160 -59.36 0.40 -44.42
CA VAL E 160 -59.70 -0.48 -43.32
C VAL E 160 -59.36 0.22 -42.01
N LYS E 161 -60.38 0.58 -41.25
CA LYS E 161 -60.21 1.26 -39.98
C LYS E 161 -61.11 0.62 -38.93
N GLY E 162 -60.59 0.45 -37.72
CA GLY E 162 -61.38 -0.13 -36.66
C GLY E 162 -60.52 -0.50 -35.47
N ILE E 163 -61.13 -1.27 -34.57
CA ILE E 163 -60.50 -1.66 -33.31
C ILE E 163 -60.50 -3.18 -33.23
N HIS E 164 -59.34 -3.76 -32.92
CA HIS E 164 -59.20 -5.20 -32.76
C HIS E 164 -59.09 -5.52 -31.28
N HIS E 165 -60.03 -6.32 -30.78
CA HIS E 165 -60.02 -6.76 -29.40
C HIS E 165 -59.39 -8.14 -29.23
N GLY E 166 -58.87 -8.72 -30.30
CA GLY E 166 -58.24 -10.01 -30.26
C GLY E 166 -57.04 -10.07 -29.32
N PRO E 167 -56.10 -9.14 -29.46
CA PRO E 167 -54.97 -9.09 -28.53
C PRO E 167 -55.42 -8.75 -27.12
N SER E 168 -54.53 -9.02 -26.16
CA SER E 168 -54.83 -8.72 -24.77
C SER E 168 -55.08 -7.24 -24.57
N VAL E 169 -54.27 -6.39 -25.20
CA VAL E 169 -54.49 -4.95 -25.21
C VAL E 169 -55.03 -4.59 -26.59
N ALA E 170 -56.23 -4.00 -26.61
CA ALA E 170 -56.87 -3.65 -27.87
C ALA E 170 -55.99 -2.68 -28.66
N GLN E 171 -55.91 -2.91 -29.97
CA GLN E 171 -55.08 -2.10 -30.84
C GLN E 171 -55.92 -1.61 -32.02
N PRO E 172 -55.59 -0.43 -32.55
CA PRO E 172 -56.43 0.14 -33.61
C PRO E 172 -56.06 -0.43 -34.97
N ILE E 173 -57.07 -0.89 -35.70
CA ILE E 173 -56.86 -1.40 -37.05
C ILE E 173 -56.82 -0.22 -38.01
N HIS E 174 -55.71 -0.06 -38.71
CA HIS E 174 -55.51 1.02 -39.67
C HIS E 174 -54.80 0.43 -40.88
N LEU E 175 -55.58 -0.06 -41.83
CA LEU E 175 -55.04 -0.63 -43.06
C LEU E 175 -55.53 0.17 -44.26
N ASP E 176 -55.07 -0.22 -45.44
CA ASP E 176 -55.45 0.46 -46.67
C ASP E 176 -55.62 -0.60 -47.74
N SER E 177 -56.88 -0.91 -48.07
CA SER E 177 -57.16 -1.94 -49.06
C SER E 177 -56.67 -1.59 -50.45
N THR E 178 -56.44 -0.30 -50.72
CA THR E 178 -55.97 0.11 -52.05
C THR E 178 -54.53 -0.30 -52.31
N GLN E 179 -53.78 -0.65 -51.27
CA GLN E 179 -52.40 -1.10 -51.43
C GLN E 179 -52.16 -2.51 -50.94
N LEU E 180 -53.12 -3.12 -50.25
CA LEU E 180 -52.96 -4.44 -49.67
C LEU E 180 -53.97 -5.40 -50.28
N SER E 181 -53.53 -6.62 -50.55
CA SER E 181 -54.42 -7.63 -51.10
C SER E 181 -55.40 -8.11 -50.04
N ARG E 182 -56.52 -8.67 -50.51
CA ARG E 182 -57.49 -9.25 -49.60
C ARG E 182 -56.89 -10.42 -48.82
N LYS E 183 -56.03 -11.20 -49.48
CA LYS E 183 -55.36 -12.31 -48.82
C LYS E 183 -54.57 -11.82 -47.62
N PHE E 184 -53.71 -10.81 -47.83
CA PHE E 184 -52.91 -10.28 -46.73
C PHE E 184 -53.78 -9.68 -45.64
N ILE E 185 -54.80 -8.93 -46.03
CA ILE E 185 -55.65 -8.27 -45.04
C ILE E 185 -56.35 -9.29 -44.16
N SER E 186 -56.95 -10.31 -44.79
CA SER E 186 -57.64 -11.34 -44.02
C SER E 186 -56.67 -12.10 -43.14
N ASP E 187 -55.48 -12.44 -43.67
CA ASP E 187 -54.51 -13.20 -42.88
C ASP E 187 -54.04 -12.39 -41.67
N TYR E 188 -53.77 -11.10 -41.87
CA TYR E 188 -53.35 -10.25 -40.75
C TYR E 188 -54.46 -10.13 -39.72
N LEU E 189 -55.69 -9.92 -40.17
CA LEU E 189 -56.79 -9.77 -39.23
C LEU E 189 -57.00 -11.05 -38.43
N TRP E 190 -56.87 -12.20 -39.07
CA TRP E 190 -57.04 -13.46 -38.37
C TRP E 190 -55.85 -13.75 -37.46
N SER E 191 -54.67 -13.23 -37.80
CA SER E 191 -53.51 -13.41 -36.93
C SER E 191 -53.73 -12.75 -35.58
N LEU E 192 -54.33 -11.56 -35.56
CA LEU E 192 -54.56 -10.85 -34.31
C LEU E 192 -55.57 -11.54 -33.41
N VAL E 193 -56.34 -12.48 -33.95
CA VAL E 193 -57.32 -13.21 -33.15
C VAL E 193 -56.60 -14.22 -32.27
N ASP E 194 -57.04 -14.32 -31.02
CA ASP E 194 -56.45 -15.25 -30.07
C ASP E 194 -56.93 -16.67 -30.38
N THR E 195 -55.99 -17.58 -30.64
CA THR E 195 -56.32 -18.95 -30.97
C THR E 195 -56.39 -19.85 -29.76
N GLU E 196 -56.02 -19.37 -28.58
CA GLU E 196 -56.06 -20.19 -27.38
C GLU E 196 -57.50 -20.47 -26.98
N TRP E 197 -57.76 -21.69 -26.53
CA TRP E 197 -59.10 -22.09 -26.12
C TRP E 197 -59.45 -21.53 -24.75
N ASP F 80 -151.37 11.12 -52.56
CA ASP F 80 -151.77 9.80 -52.10
C ASP F 80 -150.70 8.76 -52.43
N ASN F 81 -151.01 7.89 -53.39
CA ASN F 81 -150.05 6.88 -53.82
C ASN F 81 -148.80 7.52 -54.39
N LEU F 82 -148.96 8.61 -55.14
CA LEU F 82 -147.82 9.35 -55.66
C LEU F 82 -146.98 9.91 -54.52
N LEU F 83 -147.64 10.40 -53.46
CA LEU F 83 -146.92 10.89 -52.29
C LEU F 83 -146.14 9.76 -51.62
N LYS F 84 -146.74 8.59 -51.51
CA LYS F 84 -146.02 7.44 -50.96
C LYS F 84 -144.81 7.09 -51.80
N LEU F 85 -144.96 7.13 -53.13
CA LEU F 85 -143.85 6.80 -54.02
C LEU F 85 -142.72 7.81 -53.90
N ILE F 86 -143.04 9.10 -53.84
CA ILE F 86 -141.99 10.11 -53.72
C ILE F 86 -141.32 10.03 -52.34
N ALA F 87 -142.08 9.68 -51.30
CA ALA F 87 -141.47 9.43 -50.00
C ALA F 87 -140.50 8.25 -50.05
N GLU F 88 -140.89 7.19 -50.77
CA GLU F 88 -140.02 6.03 -50.92
C GLU F 88 -138.73 6.40 -51.64
N VAL F 89 -138.84 7.20 -52.70
CA VAL F 89 -137.64 7.57 -53.44
C VAL F 89 -136.75 8.50 -52.62
N LYS F 90 -137.35 9.38 -51.80
CA LYS F 90 -136.55 10.22 -50.92
C LYS F 90 -135.78 9.40 -49.89
N GLY F 91 -136.45 8.41 -49.30
CA GLY F 91 -135.78 7.50 -48.39
C GLY F 91 -134.63 6.77 -49.07
N LYS F 92 -134.87 6.27 -50.28
CA LYS F 92 -133.83 5.57 -51.01
C LYS F 92 -132.67 6.54 -51.31
N LYS F 93 -133.01 7.81 -51.58
CA LYS F 93 -131.99 8.83 -51.80
C LYS F 93 -131.03 8.94 -50.62
N GLN F 94 -131.55 9.28 -49.45
CA GLN F 94 -130.58 9.59 -48.40
C GLN F 94 -129.90 8.32 -47.91
N GLU F 95 -130.52 7.14 -48.10
CA GLU F 95 -129.79 5.92 -47.77
C GLU F 95 -128.61 5.70 -48.72
N LEU F 96 -128.79 5.94 -50.02
CA LEU F 96 -127.64 5.81 -50.92
C LEU F 96 -126.57 6.83 -50.57
N GLU F 97 -126.99 8.05 -50.23
CA GLU F 97 -126.02 9.09 -49.88
C GLU F 97 -125.20 8.70 -48.66
N VAL F 98 -125.88 8.21 -47.62
CA VAL F 98 -125.18 7.81 -46.40
C VAL F 98 -124.22 6.66 -46.68
N LEU F 99 -124.67 5.66 -47.45
CA LEU F 99 -123.83 4.49 -47.65
C LEU F 99 -122.59 4.87 -48.46
N THR F 100 -122.76 5.64 -49.54
CA THR F 100 -121.58 6.05 -50.30
C THR F 100 -120.67 6.96 -49.48
N ALA F 101 -121.23 7.77 -48.57
CA ALA F 101 -120.39 8.59 -47.70
C ALA F 101 -119.51 7.71 -46.82
N ASN F 102 -120.08 6.65 -46.24
CA ASN F 102 -119.22 5.76 -45.44
C ASN F 102 -118.23 5.02 -46.32
N ILE F 103 -118.58 4.77 -47.59
CA ILE F 103 -117.60 4.21 -48.52
C ILE F 103 -116.40 5.14 -48.65
N GLN F 104 -116.64 6.43 -48.86
CA GLN F 104 -115.51 7.37 -48.96
C GLN F 104 -114.73 7.43 -47.65
N ASP F 105 -115.41 7.34 -46.52
CA ASP F 105 -114.71 7.30 -45.23
C ASP F 105 -113.75 6.12 -45.17
N LEU F 106 -114.22 4.94 -45.56
CA LEU F 106 -113.34 3.76 -45.58
C LEU F 106 -112.23 3.93 -46.60
N LYS F 107 -112.48 4.63 -47.72
CA LYS F 107 -111.41 4.92 -48.66
C LYS F 107 -110.30 5.74 -48.01
N GLU F 108 -110.69 6.77 -47.26
CA GLU F 108 -109.70 7.61 -46.57
C GLU F 108 -108.89 6.78 -45.57
N GLU F 109 -109.58 5.94 -44.80
CA GLU F 109 -108.89 5.08 -43.85
C GLU F 109 -107.94 4.12 -44.56
N TYR F 110 -108.36 3.62 -45.72
CA TYR F 110 -107.52 2.69 -46.47
C TYR F 110 -106.28 3.39 -46.99
N SER F 111 -106.42 4.63 -47.44
CA SER F 111 -105.28 5.41 -47.91
C SER F 111 -104.28 5.66 -46.78
N ARG F 112 -104.78 6.02 -45.60
CA ARG F 112 -103.84 6.22 -44.49
C ARG F 112 -103.16 4.91 -44.10
N LYS F 113 -103.90 3.79 -44.17
CA LYS F 113 -103.32 2.49 -43.86
C LYS F 113 -102.20 2.14 -44.84
N LYS F 114 -102.44 2.36 -46.13
CA LYS F 114 -101.43 2.03 -47.12
C LYS F 114 -100.20 2.93 -46.99
N GLU F 115 -100.43 4.21 -46.62
CA GLU F 115 -99.31 5.10 -46.37
C GLU F 115 -98.45 4.58 -45.22
N THR F 116 -99.10 4.17 -44.12
CA THR F 116 -98.37 3.64 -42.97
C THR F 116 -97.59 2.38 -43.35
N ILE F 117 -98.23 1.49 -44.11
CA ILE F 117 -97.57 0.26 -44.53
C ILE F 117 -96.34 0.57 -45.37
N SER F 118 -96.48 1.52 -46.32
CA SER F 118 -95.37 1.86 -47.19
C SER F 118 -94.20 2.46 -46.41
N THR F 119 -94.50 3.37 -45.47
CA THR F 119 -93.41 3.99 -44.73
C THR F 119 -92.74 2.99 -43.80
N ALA F 120 -93.50 2.03 -43.25
CA ALA F 120 -92.89 0.95 -42.48
C ALA F 120 -91.96 0.12 -43.35
N ASN F 121 -92.39 -0.19 -44.58
CA ASN F 121 -91.51 -0.87 -45.52
C ASN F 121 -90.22 -0.10 -45.72
N LYS F 122 -90.32 1.21 -45.95
CA LYS F 122 -89.13 2.00 -46.23
C LYS F 122 -88.18 2.01 -45.04
N ALA F 123 -88.72 2.18 -43.82
CA ALA F 123 -87.87 2.21 -42.64
C ALA F 123 -87.16 0.88 -42.43
N ASN F 124 -87.92 -0.23 -42.51
CA ASN F 124 -87.32 -1.54 -42.32
C ASN F 124 -86.29 -1.83 -43.40
N ALA F 125 -86.57 -1.41 -44.64
CA ALA F 125 -85.63 -1.61 -45.73
C ALA F 125 -84.33 -0.86 -45.48
N GLU F 126 -84.42 0.39 -45.02
CA GLU F 126 -83.20 1.16 -44.75
C GLU F 126 -82.39 0.52 -43.63
N ARG F 127 -83.07 0.07 -42.57
CA ARG F 127 -82.37 -0.60 -41.48
C ARG F 127 -81.67 -1.87 -41.99
N LEU F 128 -82.38 -2.63 -42.83
CA LEU F 128 -81.78 -3.84 -43.41
C LEU F 128 -80.60 -3.50 -44.30
N LYS F 129 -80.67 -2.40 -45.04
CA LYS F 129 -79.55 -1.99 -45.89
C LYS F 129 -78.33 -1.66 -45.05
N ARG F 130 -78.54 -0.94 -43.94
CA ARG F 130 -77.41 -0.65 -43.05
C ARG F 130 -76.81 -1.94 -42.49
N LEU F 131 -77.67 -2.85 -42.05
CA LEU F 131 -77.18 -4.12 -41.50
C LEU F 131 -76.44 -4.92 -42.55
N GLN F 132 -76.96 -4.92 -43.79
CA GLN F 132 -76.31 -5.65 -44.87
C GLN F 132 -74.97 -5.03 -45.23
N LYS F 133 -74.86 -3.71 -45.18
CA LYS F 133 -73.58 -3.05 -45.40
C LYS F 133 -72.57 -3.49 -44.35
N SER F 134 -72.99 -3.52 -43.08
CA SER F 134 -72.08 -3.96 -42.03
C SER F 134 -71.65 -5.42 -42.22
N ALA F 135 -72.63 -6.29 -42.50
CA ALA F 135 -72.32 -7.71 -42.67
C ALA F 135 -71.43 -7.94 -43.88
N ASP F 136 -71.66 -7.19 -44.96
CA ASP F 136 -70.83 -7.30 -46.15
C ASP F 136 -69.41 -6.82 -45.88
N LEU F 137 -69.25 -5.75 -45.11
CA LEU F 137 -67.92 -5.31 -44.72
C LEU F 137 -67.21 -6.40 -43.92
N TYR F 138 -67.92 -7.01 -42.97
CA TYR F 138 -67.34 -8.09 -42.20
C TYR F 138 -66.90 -9.24 -43.09
N LYS F 139 -67.79 -9.68 -43.97
CA LYS F 139 -67.49 -10.82 -44.83
C LYS F 139 -66.35 -10.52 -45.78
N ASP F 140 -66.31 -9.30 -46.33
CA ASP F 140 -65.25 -8.94 -47.26
C ASP F 140 -63.90 -8.88 -46.55
N ARG F 141 -63.83 -8.17 -45.43
CA ARG F 141 -62.54 -8.01 -44.75
C ARG F 141 -62.05 -9.33 -44.18
N LEU F 142 -62.92 -10.07 -43.53
CA LEU F 142 -62.53 -11.34 -42.92
C LEU F 142 -62.35 -12.46 -43.94
N GLY F 143 -63.06 -12.41 -45.05
CA GLY F 143 -63.08 -13.49 -46.02
C GLY F 143 -64.09 -14.57 -45.67
N LEU F 144 -64.36 -14.75 -44.38
CA LEU F 144 -65.38 -15.70 -43.94
C LEU F 144 -66.76 -15.26 -44.43
N GLU F 145 -67.53 -16.23 -44.89
CA GLU F 145 -68.92 -16.02 -45.29
C GLU F 145 -69.82 -16.90 -44.45
N ILE F 146 -70.77 -16.29 -43.76
CA ILE F 146 -71.71 -16.99 -42.91
C ILE F 146 -73.07 -16.96 -43.59
N ARG F 147 -73.64 -18.14 -43.81
CA ARG F 147 -74.97 -18.25 -44.41
C ARG F 147 -75.76 -19.33 -43.70
N LYS F 148 -77.08 -19.24 -43.84
CA LYS F 148 -78.00 -20.22 -43.28
C LYS F 148 -78.59 -21.05 -44.40
N ILE F 149 -78.63 -22.37 -44.20
CA ILE F 149 -79.17 -23.29 -45.17
C ILE F 149 -80.19 -24.18 -44.48
N TYR F 150 -81.00 -24.85 -45.30
CA TYR F 150 -82.07 -25.70 -44.79
C TYR F 150 -81.52 -26.80 -43.88
N GLY F 151 -82.42 -27.38 -43.09
CA GLY F 151 -82.01 -28.30 -42.06
C GLY F 151 -81.53 -27.67 -40.78
N GLU F 152 -81.75 -26.36 -40.62
CA GLU F 152 -81.27 -25.59 -39.47
C GLU F 152 -79.76 -25.76 -39.31
N LYS F 153 -79.06 -25.48 -40.41
CA LYS F 153 -77.61 -25.53 -40.45
C LYS F 153 -77.06 -24.14 -40.72
N LEU F 154 -75.96 -23.81 -40.05
CA LEU F 154 -75.27 -22.54 -40.25
C LEU F 154 -73.96 -22.84 -40.95
N GLN F 155 -73.84 -22.35 -42.19
CA GLN F 155 -72.72 -22.69 -43.06
C GLN F 155 -71.68 -21.58 -43.03
N PHE F 156 -70.44 -21.95 -42.72
CA PHE F 156 -69.32 -21.02 -42.69
C PHE F 156 -68.40 -21.36 -43.85
N ILE F 157 -68.10 -20.37 -44.68
CA ILE F 157 -67.24 -20.56 -45.84
C ILE F 157 -66.00 -19.70 -45.65
N PHE F 158 -64.84 -20.34 -45.64
CA PHE F 158 -63.56 -19.65 -45.52
C PHE F 158 -62.92 -19.51 -46.89
N THR F 159 -62.56 -18.29 -47.25
CA THR F 159 -61.81 -18.04 -48.48
C THR F 159 -60.54 -17.31 -48.15
N ASN F 160 -59.78 -16.90 -49.18
CA ASN F 160 -58.50 -16.22 -48.98
C ASN F 160 -57.56 -17.05 -48.11
N ILE F 161 -57.48 -18.34 -48.38
CA ILE F 161 -56.58 -19.25 -47.67
C ILE F 161 -55.55 -19.85 -48.61
N ASP F 162 -55.99 -20.53 -49.66
CA ASP F 162 -55.07 -21.13 -50.61
C ASP F 162 -54.42 -20.05 -51.45
N PRO F 163 -53.09 -19.89 -51.39
CA PRO F 163 -52.45 -18.78 -52.13
C PRO F 163 -52.64 -18.85 -53.63
N LYS F 164 -52.68 -20.06 -54.21
CA LYS F 164 -52.82 -20.18 -55.65
C LYS F 164 -54.18 -19.66 -56.10
N ASN F 165 -55.23 -19.87 -55.30
CA ASN F 165 -56.53 -19.27 -55.57
C ASN F 165 -57.20 -18.92 -54.25
N PRO F 166 -57.28 -17.65 -53.89
CA PRO F 166 -57.95 -17.26 -52.64
C PRO F 166 -59.44 -17.50 -52.66
N GLU F 167 -60.02 -17.84 -53.81
CA GLU F 167 -61.45 -18.08 -53.94
C GLU F 167 -61.82 -19.52 -53.63
N SER F 168 -60.87 -20.35 -53.25
CA SER F 168 -61.18 -21.72 -52.87
C SER F 168 -62.04 -21.70 -51.61
N PRO F 169 -63.25 -22.27 -51.64
CA PRO F 169 -64.12 -22.23 -50.46
C PRO F 169 -63.80 -23.39 -49.53
N PHE F 170 -63.37 -23.07 -48.31
CA PHE F 170 -63.11 -24.07 -47.28
C PHE F 170 -64.27 -23.99 -46.30
N MET F 171 -65.24 -24.87 -46.50
CA MET F 171 -66.53 -24.77 -45.84
C MET F 171 -66.69 -25.84 -44.77
N PHE F 172 -67.44 -25.49 -43.73
CA PHE F 172 -67.86 -26.44 -42.72
C PHE F 172 -69.21 -25.96 -42.18
N SER F 173 -70.06 -26.90 -41.82
CA SER F 173 -71.42 -26.59 -41.38
C SER F 173 -71.55 -26.92 -39.90
N LEU F 174 -72.04 -25.95 -39.14
CA LEU F 174 -72.35 -26.14 -37.73
C LEU F 174 -73.85 -25.99 -37.53
N HIS F 175 -74.43 -26.89 -36.74
CA HIS F 175 -75.85 -26.85 -36.47
C HIS F 175 -76.10 -27.24 -35.02
N LEU F 176 -77.15 -26.68 -34.45
CA LEU F 176 -77.55 -26.97 -33.07
C LEU F 176 -78.39 -28.24 -33.08
N ASN F 177 -77.95 -29.23 -32.30
CA ASN F 177 -78.58 -30.54 -32.32
C ASN F 177 -79.88 -30.52 -31.51
N GLU F 178 -80.48 -31.69 -31.33
CA GLU F 178 -81.70 -31.79 -30.54
C GLU F 178 -81.42 -31.49 -29.07
N ALA F 179 -80.22 -31.81 -28.59
CA ALA F 179 -79.85 -31.62 -27.21
C ALA F 179 -79.33 -30.21 -26.92
N ARG F 180 -79.68 -29.24 -27.78
CA ARG F 180 -79.27 -27.84 -27.62
C ARG F 180 -77.75 -27.73 -27.56
N ASP F 181 -77.08 -28.47 -28.43
CA ASP F 181 -75.62 -28.48 -28.48
C ASP F 181 -75.16 -28.24 -29.90
N TYR F 182 -74.11 -27.43 -30.04
CA TYR F 182 -73.50 -27.22 -31.34
C TYR F 182 -72.80 -28.50 -31.79
N GLU F 183 -72.70 -28.66 -33.11
CA GLU F 183 -71.94 -29.77 -33.66
C GLU F 183 -71.62 -29.47 -35.12
N VAL F 184 -70.41 -29.82 -35.52
CA VAL F 184 -69.95 -29.60 -36.89
C VAL F 184 -70.48 -30.71 -37.77
N SER F 185 -70.87 -30.36 -38.99
CA SER F 185 -71.47 -31.31 -39.92
C SER F 185 -70.46 -31.91 -40.89
N ASP F 186 -69.66 -31.09 -41.55
CA ASP F 186 -68.75 -31.56 -42.58
C ASP F 186 -67.56 -30.61 -42.66
N SER F 187 -66.77 -30.76 -43.72
CA SER F 187 -65.60 -29.93 -43.95
C SER F 187 -65.34 -29.89 -45.45
N ALA F 188 -64.23 -29.28 -45.84
CA ALA F 188 -63.83 -29.21 -47.23
C ALA F 188 -62.31 -29.20 -47.34
N PRO F 189 -61.68 -30.32 -47.68
CA PRO F 189 -62.28 -31.63 -47.99
C PRO F 189 -62.71 -32.38 -46.74
N HIS F 190 -62.90 -33.69 -46.85
CA HIS F 190 -63.28 -34.52 -45.70
C HIS F 190 -62.12 -34.52 -44.71
N LEU F 191 -62.27 -33.77 -43.63
CA LEU F 191 -61.22 -33.60 -42.63
C LEU F 191 -61.61 -34.32 -41.34
N GLU F 192 -60.64 -34.97 -40.72
CA GLU F 192 -60.85 -35.74 -39.51
C GLU F 192 -60.75 -34.91 -38.24
N GLY F 193 -60.46 -33.62 -38.35
CA GLY F 193 -60.37 -32.75 -37.19
C GLY F 193 -61.69 -32.06 -36.89
N LEU F 194 -62.78 -32.81 -37.01
CA LEU F 194 -64.10 -32.23 -36.79
C LEU F 194 -64.37 -32.04 -35.29
N ALA F 195 -64.32 -33.13 -34.52
CA ALA F 195 -64.67 -33.06 -33.11
C ALA F 195 -63.69 -32.25 -32.30
N GLU F 196 -62.39 -32.36 -32.63
CA GLU F 196 -61.32 -31.83 -31.80
C GLU F 196 -61.55 -30.39 -31.42
N PHE F 197 -62.31 -29.67 -32.24
CA PHE F 197 -62.72 -28.31 -31.89
C PHE F 197 -64.14 -28.24 -31.35
N GLN F 198 -65.00 -29.22 -31.67
CA GLN F 198 -66.40 -29.05 -31.27
C GLN F 198 -66.58 -29.31 -29.78
N GLU F 199 -65.86 -30.28 -29.20
CA GLU F 199 -65.99 -30.41 -27.75
C GLU F 199 -65.50 -29.15 -27.04
N ASN F 200 -64.39 -28.58 -27.51
CA ASN F 200 -63.86 -27.38 -26.88
C ASN F 200 -64.79 -26.18 -27.05
N VAL F 201 -65.45 -26.05 -28.20
CA VAL F 201 -66.36 -24.92 -28.35
C VAL F 201 -67.65 -25.18 -27.60
N ARG F 202 -68.02 -26.45 -27.41
CA ARG F 202 -69.16 -26.78 -26.57
C ARG F 202 -68.92 -26.38 -25.12
N LYS F 203 -67.72 -26.66 -24.63
CA LYS F 203 -67.41 -26.35 -23.23
C LYS F 203 -67.10 -24.87 -23.04
N THR F 204 -66.08 -24.37 -23.73
CA THR F 204 -65.63 -23.00 -23.53
C THR F 204 -66.63 -21.99 -24.09
N ASN F 205 -67.37 -22.36 -25.13
CA ASN F 205 -68.25 -21.44 -25.84
C ASN F 205 -67.49 -20.23 -26.35
N ASN F 206 -66.31 -20.48 -26.91
CA ASN F 206 -65.44 -19.45 -27.46
C ASN F 206 -65.42 -19.61 -28.98
N PHE F 207 -66.25 -18.82 -29.66
CA PHE F 207 -66.38 -18.95 -31.11
C PHE F 207 -65.20 -18.34 -31.85
N SER F 208 -64.63 -17.25 -31.31
CA SER F 208 -63.51 -16.59 -31.97
C SER F 208 -62.30 -17.52 -32.05
N ALA F 209 -61.89 -18.08 -30.91
CA ALA F 209 -60.78 -19.03 -30.91
C ALA F 209 -61.11 -20.28 -31.70
N PHE F 210 -62.37 -20.72 -31.61
CA PHE F 210 -62.82 -21.87 -32.39
C PHE F 210 -62.56 -21.66 -33.87
N LEU F 211 -63.01 -20.53 -34.41
CA LEU F 211 -62.85 -20.28 -35.84
C LEU F 211 -61.42 -19.94 -36.21
N ALA F 212 -60.66 -19.34 -35.30
CA ALA F 212 -59.23 -19.16 -35.56
C ALA F 212 -58.54 -20.50 -35.71
N ASN F 213 -58.85 -21.45 -34.83
CA ASN F 213 -58.28 -22.79 -34.93
C ASN F 213 -58.75 -23.48 -36.20
N VAL F 214 -60.01 -23.28 -36.58
CA VAL F 214 -60.53 -23.86 -37.81
C VAL F 214 -59.78 -23.31 -39.03
N ARG F 215 -59.54 -22.00 -39.04
CA ARG F 215 -58.80 -21.40 -40.14
C ARG F 215 -57.37 -21.92 -40.19
N LYS F 216 -56.75 -22.10 -39.02
CA LYS F 216 -55.41 -22.66 -38.99
C LYS F 216 -55.40 -24.09 -39.52
N ALA F 217 -56.40 -24.88 -39.15
CA ALA F 217 -56.49 -26.24 -39.65
C ALA F 217 -56.67 -26.26 -41.16
N PHE F 218 -57.51 -25.37 -41.69
CA PHE F 218 -57.68 -25.28 -43.14
C PHE F 218 -56.38 -24.87 -43.81
N THR F 219 -55.67 -23.90 -43.24
CA THR F 219 -54.40 -23.48 -43.82
C THR F 219 -53.39 -24.62 -43.85
N ALA F 220 -53.33 -25.41 -42.77
CA ALA F 220 -52.47 -26.59 -42.76
C ALA F 220 -52.92 -27.61 -43.80
N THR F 221 -54.23 -27.77 -43.98
CA THR F 221 -54.74 -28.71 -44.97
C THR F 221 -54.36 -28.27 -46.39
N VAL F 222 -54.30 -26.96 -46.63
CA VAL F 222 -54.00 -26.45 -47.96
C VAL F 222 -52.62 -26.93 -48.42
N TYR F 223 -51.63 -26.84 -47.52
CA TYR F 223 -50.27 -27.15 -47.90
C TYR F 223 -50.01 -28.65 -48.05
N ASN F 224 -50.99 -29.49 -47.72
CA ASN F 224 -50.86 -30.92 -47.85
C ASN F 224 -50.71 -31.32 -49.32
N ARG G 2097 -121.54 -4.67 1.55
CA ARG G 2097 -120.87 -4.38 2.83
C ARG G 2097 -119.70 -5.33 3.04
N ASN G 2098 -119.91 -6.61 2.73
CA ASN G 2098 -118.82 -7.60 2.84
C ASN G 2098 -117.70 -7.27 1.88
N LEU G 2099 -118.03 -6.85 0.65
CA LEU G 2099 -117.01 -6.47 -0.32
C LEU G 2099 -116.22 -5.25 0.18
N LEU G 2100 -116.91 -4.27 0.75
CA LEU G 2100 -116.22 -3.10 1.28
C LEU G 2100 -115.30 -3.47 2.43
N GLU G 2101 -115.77 -4.35 3.33
CA GLU G 2101 -114.93 -4.79 4.44
C GLU G 2101 -113.70 -5.55 3.95
N LEU G 2102 -113.87 -6.41 2.94
CA LEU G 2102 -112.74 -7.13 2.39
C LEU G 2102 -111.76 -6.19 1.70
N GLU G 2103 -112.27 -5.15 1.02
CA GLU G 2103 -111.39 -4.16 0.40
C GLU G 2103 -110.61 -3.39 1.45
N VAL G 2104 -111.26 -3.03 2.57
CA VAL G 2104 -110.57 -2.35 3.65
C VAL G 2104 -109.49 -3.23 4.24
N GLN G 2105 -109.79 -4.52 4.43
CA GLN G 2105 -108.80 -5.46 4.95
C GLN G 2105 -107.62 -5.59 3.99
N LYS G 2106 -107.90 -5.65 2.69
CA LYS G 2106 -106.84 -5.72 1.69
C LYS G 2106 -105.96 -4.48 1.72
N GLU G 2107 -106.58 -3.30 1.86
CA GLU G 2107 -105.80 -2.06 1.94
C GLU G 2107 -104.93 -2.05 3.19
N GLN G 2108 -105.47 -2.51 4.32
CA GLN G 2108 -104.68 -2.59 5.54
C GLN G 2108 -103.50 -3.56 5.38
N THR G 2109 -103.75 -4.70 4.74
CA THR G 2109 -102.68 -5.66 4.49
C THR G 2109 -101.60 -5.06 3.60
N LEU G 2110 -102.00 -4.33 2.56
CA LEU G 2110 -101.03 -3.68 1.68
C LEU G 2110 -100.21 -2.63 2.43
N ALA G 2111 -100.87 -1.86 3.31
CA ALA G 2111 -100.16 -0.88 4.12
C ALA G 2111 -99.15 -1.56 5.04
N GLN G 2112 -99.54 -2.68 5.66
CA GLN G 2112 -98.61 -3.42 6.50
C GLN G 2112 -97.44 -3.94 5.67
N ILE G 2113 -97.71 -4.42 4.46
CA ILE G 2113 -96.64 -4.91 3.60
C ILE G 2113 -95.66 -3.80 3.28
N ASP G 2114 -96.17 -2.62 2.93
CA ASP G 2114 -95.29 -1.49 2.64
C ASP G 2114 -94.48 -1.08 3.86
N PHE G 2115 -95.12 -1.08 5.04
CA PHE G 2115 -94.42 -0.70 6.26
C PHE G 2115 -93.28 -1.66 6.57
N MET G 2116 -93.54 -2.97 6.48
CA MET G 2116 -92.50 -3.94 6.80
C MET G 2116 -91.41 -3.97 5.73
N GLN G 2117 -91.76 -3.69 4.47
CA GLN G 2117 -90.73 -3.55 3.44
C GLN G 2117 -89.84 -2.35 3.71
N LYS G 2118 -90.42 -1.23 4.15
CA LYS G 2118 -89.63 -0.06 4.51
C LYS G 2118 -88.72 -0.36 5.70
N GLN G 2119 -89.25 -1.09 6.68
CA GLN G 2119 -88.43 -1.52 7.82
C GLN G 2119 -87.29 -2.41 7.35
N ARG G 2120 -87.56 -3.29 6.39
CA ARG G 2120 -86.52 -4.13 5.82
C ARG G 2120 -85.43 -3.30 5.18
N ASN G 2121 -85.82 -2.30 4.40
CA ASN G 2121 -84.84 -1.45 3.73
C ASN G 2121 -83.99 -0.70 4.74
N ARG G 2122 -84.63 -0.18 5.80
CA ARG G 2122 -83.87 0.51 6.84
C ARG G 2122 -82.90 -0.43 7.54
N THR G 2123 -83.34 -1.65 7.84
CA THR G 2123 -82.46 -2.62 8.49
C THR G 2123 -81.27 -2.96 7.59
N GLU G 2124 -81.52 -3.16 6.30
CA GLU G 2124 -80.44 -3.50 5.38
C GLU G 2124 -79.47 -2.34 5.23
N GLU G 2125 -79.98 -1.10 5.21
CA GLU G 2125 -79.09 0.06 5.18
C GLU G 2125 -78.24 0.14 6.43
N LEU G 2126 -78.84 -0.12 7.59
CA LEU G 2126 -78.09 -0.11 8.84
C LEU G 2126 -77.01 -1.20 8.84
N LEU G 2127 -77.31 -2.34 8.22
CA LEU G 2127 -76.28 -3.37 8.05
C LEU G 2127 -75.15 -2.87 7.16
N ASP G 2128 -75.50 -2.32 5.99
CA ASP G 2128 -74.48 -1.89 5.03
C ASP G 2128 -73.61 -0.79 5.62
N GLN G 2129 -74.16 0.03 6.52
CA GLN G 2129 -73.32 0.99 7.23
C GLN G 2129 -72.36 0.31 8.18
N LEU G 2130 -72.77 -0.78 8.81
CA LEU G 2130 -72.02 -1.42 9.88
C LEU G 2130 -71.35 -2.73 9.46
N SER G 2131 -71.10 -2.93 8.17
CA SER G 2131 -70.42 -4.12 7.68
C SER G 2131 -68.93 -3.87 7.43
N LEU G 2132 -68.31 -3.02 8.25
CA LEU G 2132 -66.93 -2.60 8.01
C LEU G 2132 -66.02 -2.92 9.19
N SER G 2133 -66.13 -4.14 9.73
CA SER G 2133 -65.29 -4.57 10.83
C SER G 2133 -64.08 -5.33 10.30
N GLU G 2134 -63.14 -5.64 11.21
CA GLU G 2134 -61.94 -6.37 10.84
C GLU G 2134 -62.25 -7.84 10.55
N TRP G 2135 -63.14 -8.44 11.32
CA TRP G 2135 -63.47 -9.85 11.20
C TRP G 2135 -64.71 -10.05 10.35
N ASP G 2136 -64.80 -11.24 9.76
CA ASP G 2136 -65.94 -11.64 8.95
C ASP G 2136 -66.55 -12.89 9.55
N VAL G 2137 -67.86 -12.89 9.71
CA VAL G 2137 -68.57 -14.00 10.33
C VAL G 2137 -69.23 -14.79 9.20
N VAL G 2138 -68.53 -15.80 8.70
CA VAL G 2138 -69.07 -16.60 7.61
C VAL G 2138 -70.24 -17.45 8.10
N GLU G 2139 -70.09 -18.08 9.27
CA GLU G 2139 -71.08 -19.03 9.77
C GLU G 2139 -71.27 -18.86 11.26
N TRP G 2140 -72.53 -18.97 11.70
CA TRP G 2140 -72.88 -19.09 13.09
C TRP G 2140 -73.83 -20.28 13.20
N SER G 2141 -73.86 -20.90 14.37
CA SER G 2141 -74.87 -21.91 14.63
C SER G 2141 -75.20 -21.87 16.11
N ASP G 2142 -76.21 -22.65 16.50
CA ASP G 2142 -76.53 -22.76 17.92
C ASP G 2142 -75.43 -23.45 18.69
N ASP G 2143 -74.53 -24.16 17.99
CA ASP G 2143 -73.43 -24.86 18.62
C ASP G 2143 -72.05 -24.33 18.20
N GLN G 2144 -71.90 -23.86 16.97
CA GLN G 2144 -70.59 -23.46 16.47
C GLN G 2144 -70.68 -22.13 15.74
N ALA G 2145 -69.64 -21.31 15.90
CA ALA G 2145 -69.49 -20.05 15.18
C ALA G 2145 -68.15 -20.05 14.45
N VAL G 2146 -68.13 -19.41 13.29
CA VAL G 2146 -66.93 -19.39 12.45
C VAL G 2146 -66.62 -17.95 12.07
N PHE G 2147 -65.39 -17.53 12.31
CA PHE G 2147 -64.90 -16.23 11.89
C PHE G 2147 -63.70 -16.41 10.95
N THR G 2148 -63.65 -15.56 9.94
CA THR G 2148 -62.54 -15.57 8.99
C THR G 2148 -61.84 -14.23 9.05
N PHE G 2149 -60.56 -14.26 9.40
CA PHE G 2149 -59.73 -13.06 9.45
C PHE G 2149 -59.04 -12.87 8.11
N VAL G 2150 -58.03 -12.00 8.08
CA VAL G 2150 -57.68 -11.20 6.91
C VAL G 2150 -57.74 -12.00 5.62
N TYR G 2151 -58.53 -11.48 4.67
CA TYR G 2151 -58.69 -12.06 3.34
C TYR G 2151 -58.89 -13.58 3.40
N ASP G 2152 -59.68 -14.02 4.38
CA ASP G 2152 -60.15 -15.39 4.51
C ASP G 2152 -59.02 -16.40 4.66
N THR G 2153 -57.85 -15.96 5.12
CA THR G 2153 -56.72 -16.86 5.30
C THR G 2153 -56.61 -17.40 6.73
N ILE G 2154 -57.38 -16.87 7.67
CA ILE G 2154 -57.35 -17.31 9.04
C ILE G 2154 -58.77 -17.64 9.47
N GLN G 2155 -58.96 -18.83 10.06
CA GLN G 2155 -60.27 -19.29 10.47
C GLN G 2155 -60.33 -19.32 11.99
N LEU G 2156 -61.34 -18.66 12.55
CA LEU G 2156 -61.64 -18.72 13.97
C LEU G 2156 -62.94 -19.49 14.15
N THR G 2157 -62.84 -20.69 14.72
CA THR G 2157 -63.99 -21.55 14.94
C THR G 2157 -64.29 -21.57 16.43
N ILE G 2158 -65.45 -21.04 16.80
CA ILE G 2158 -65.92 -21.06 18.17
C ILE G 2158 -66.92 -22.20 18.31
N THR G 2159 -66.71 -23.05 19.31
CA THR G 2159 -67.61 -24.17 19.59
C THR G 2159 -68.24 -23.96 20.95
N PHE G 2160 -69.57 -23.94 20.99
CA PHE G 2160 -70.31 -23.64 22.21
C PHE G 2160 -70.73 -24.92 22.92
N GLU G 2161 -71.19 -24.76 24.15
CA GLU G 2161 -71.80 -25.85 24.88
C GLU G 2161 -73.19 -26.15 24.29
N GLU G 2162 -73.56 -27.42 24.29
CA GLU G 2162 -74.87 -27.81 23.78
C GLU G 2162 -75.98 -27.11 24.55
N SER G 2163 -76.95 -26.58 23.81
CA SER G 2163 -78.08 -25.89 24.44
C SER G 2163 -78.87 -26.86 25.30
N VAL G 2164 -79.28 -26.40 26.48
CA VAL G 2164 -80.06 -27.23 27.38
C VAL G 2164 -81.44 -27.49 26.78
N VAL G 2165 -81.89 -28.74 26.87
CA VAL G 2165 -83.18 -29.13 26.32
C VAL G 2165 -84.28 -28.61 27.23
N GLY G 2166 -85.29 -27.97 26.63
CA GLY G 2166 -86.43 -27.46 27.36
C GLY G 2166 -86.31 -26.04 27.84
N PHE G 2167 -85.14 -25.42 27.73
CA PHE G 2167 -84.92 -24.03 28.14
C PHE G 2167 -84.20 -23.26 27.04
N PRO G 2168 -84.88 -22.98 25.92
CA PRO G 2168 -84.30 -22.09 24.91
C PRO G 2168 -84.51 -20.61 25.22
N PHE G 2169 -85.23 -20.27 26.28
CA PHE G 2169 -85.58 -18.91 26.60
C PHE G 2169 -84.53 -18.19 27.44
N LEU G 2170 -83.47 -18.87 27.84
CA LEU G 2170 -82.42 -18.22 28.61
C LEU G 2170 -81.69 -17.20 27.74
N ASP G 2171 -81.04 -16.24 28.41
CA ASP G 2171 -80.34 -15.18 27.72
C ASP G 2171 -79.24 -15.75 26.82
N LYS G 2172 -79.19 -15.27 25.58
CA LYS G 2172 -78.16 -15.71 24.66
C LYS G 2172 -76.77 -15.29 25.12
N ARG G 2173 -76.68 -14.34 26.04
CA ARG G 2173 -75.40 -13.86 26.56
C ARG G 2173 -74.80 -14.80 27.58
N TYR G 2174 -75.51 -15.87 27.94
CA TYR G 2174 -75.04 -16.80 28.95
C TYR G 2174 -74.58 -18.12 28.34
N ARG G 2175 -74.53 -18.21 27.01
CA ARG G 2175 -74.11 -19.45 26.37
C ARG G 2175 -72.65 -19.75 26.67
N LYS G 2176 -72.37 -21.02 26.95
CA LYS G 2176 -71.04 -21.44 27.35
C LYS G 2176 -70.23 -21.89 26.14
N ILE G 2177 -69.03 -21.34 26.00
CA ILE G 2177 -68.09 -21.80 24.99
C ILE G 2177 -67.34 -23.01 25.53
N VAL G 2178 -67.18 -24.03 24.69
CA VAL G 2178 -66.48 -25.24 25.10
C VAL G 2178 -65.12 -25.38 24.41
N ASP G 2179 -64.99 -24.95 23.16
CA ASP G 2179 -63.72 -25.07 22.45
C ASP G 2179 -63.54 -23.90 21.50
N VAL G 2180 -62.40 -23.22 21.61
CA VAL G 2180 -62.01 -22.14 20.70
C VAL G 2180 -60.90 -22.68 19.81
N ASN G 2181 -61.07 -22.50 18.50
CA ASN G 2181 -60.12 -23.05 17.54
C ASN G 2181 -59.62 -21.97 16.60
N PHE G 2182 -58.32 -22.02 16.31
CA PHE G 2182 -57.65 -21.14 15.36
C PHE G 2182 -57.07 -21.98 14.24
N GLN G 2183 -57.23 -21.51 13.02
CA GLN G 2183 -56.69 -22.23 11.87
C GLN G 2183 -56.24 -21.24 10.81
N SER G 2184 -55.26 -21.68 10.01
CA SER G 2184 -54.69 -20.90 8.93
C SER G 2184 -55.06 -21.52 7.59
N LEU G 2185 -55.59 -20.71 6.68
CA LEU G 2185 -55.97 -21.17 5.37
C LEU G 2185 -54.97 -20.77 4.28
N LEU G 2186 -53.83 -20.21 4.69
CA LEU G 2186 -52.85 -19.74 3.73
C LEU G 2186 -52.13 -20.91 3.06
N ASP G 2187 -51.93 -20.80 1.75
CA ASP G 2187 -51.20 -21.80 0.98
C ASP G 2187 -49.72 -21.49 1.11
N GLU G 2188 -49.06 -22.19 2.05
CA GLU G 2188 -47.66 -21.88 2.36
C GLU G 2188 -46.73 -22.16 1.19
N ASP G 2189 -47.12 -23.09 0.30
CA ASP G 2189 -46.25 -23.45 -0.81
C ASP G 2189 -45.99 -22.27 -1.72
N GLN G 2190 -47.02 -21.48 -2.00
CA GLN G 2190 -46.92 -20.32 -2.87
C GLN G 2190 -47.10 -19.00 -2.12
N ALA G 2191 -47.08 -19.03 -0.80
CA ALA G 2191 -47.22 -17.81 -0.02
C ALA G 2191 -45.92 -17.00 -0.04
N PRO G 2192 -46.00 -15.70 -0.28
CA PRO G 2192 -44.80 -14.86 -0.21
C PRO G 2192 -44.31 -14.75 1.23
N PRO G 2193 -43.03 -14.42 1.42
CA PRO G 2193 -42.49 -14.39 2.79
C PRO G 2193 -43.23 -13.46 3.72
N SER G 2194 -43.77 -12.35 3.21
CA SER G 2194 -44.53 -11.45 4.06
C SER G 2194 -45.77 -12.12 4.62
N SER G 2195 -46.47 -12.89 3.78
CA SER G 2195 -47.66 -13.60 4.25
C SER G 2195 -47.32 -14.58 5.34
N LEU G 2196 -46.25 -15.36 5.13
CA LEU G 2196 -45.84 -16.35 6.13
C LEU G 2196 -45.42 -15.66 7.42
N LEU G 2197 -44.72 -14.54 7.31
CA LEU G 2197 -44.31 -13.79 8.50
C LEU G 2197 -45.53 -13.30 9.28
N VAL G 2198 -46.53 -12.76 8.57
CA VAL G 2198 -47.73 -12.27 9.24
C VAL G 2198 -48.43 -13.41 9.96
N HIS G 2199 -48.61 -14.54 9.27
CA HIS G 2199 -49.29 -15.67 9.90
C HIS G 2199 -48.50 -16.21 11.08
N LYS G 2200 -47.17 -16.27 10.94
CA LYS G 2200 -46.33 -16.72 12.04
C LYS G 2200 -46.47 -15.81 13.25
N LEU G 2201 -46.44 -14.50 13.03
CA LEU G 2201 -46.54 -13.58 14.16
C LEU G 2201 -47.92 -13.65 14.81
N ILE G 2202 -48.98 -13.74 14.03
CA ILE G 2202 -50.31 -13.76 14.62
C ILE G 2202 -50.54 -15.06 15.38
N PHE G 2203 -50.02 -16.18 14.87
CA PHE G 2203 -50.11 -17.42 15.64
C PHE G 2203 -49.16 -17.43 16.83
N GLN G 2204 -48.07 -16.67 16.78
CA GLN G 2204 -47.25 -16.46 17.96
C GLN G 2204 -48.06 -15.76 19.03
N TYR G 2205 -48.83 -14.74 18.64
CA TYR G 2205 -49.73 -14.08 19.58
C TYR G 2205 -50.79 -15.05 20.10
N VAL G 2206 -51.33 -15.89 19.22
CA VAL G 2206 -52.35 -16.85 19.64
C VAL G 2206 -51.79 -17.80 20.68
N GLU G 2207 -50.57 -18.29 20.46
CA GLU G 2207 -49.93 -19.16 21.44
C GLU G 2207 -49.58 -18.39 22.71
N GLU G 2208 -49.27 -17.10 22.58
CA GLU G 2208 -49.12 -16.25 23.75
C GLU G 2208 -50.42 -16.18 24.52
N LYS G 2209 -51.54 -16.03 23.81
CA LYS G 2209 -52.85 -16.13 24.44
C LYS G 2209 -53.37 -17.56 24.40
N GLU G 2210 -52.53 -18.49 24.83
CA GLU G 2210 -52.96 -19.86 25.02
C GLU G 2210 -54.01 -19.94 26.13
N SER G 2211 -54.01 -18.97 27.04
CA SER G 2211 -54.99 -18.90 28.10
C SER G 2211 -56.41 -18.70 27.59
N TRP G 2212 -56.58 -18.34 26.32
CA TRP G 2212 -57.91 -18.10 25.77
C TRP G 2212 -58.81 -19.32 25.88
N LYS G 2213 -58.24 -20.51 26.00
CA LYS G 2213 -59.06 -21.71 26.21
C LYS G 2213 -59.82 -21.64 27.53
N LYS G 2214 -59.21 -21.09 28.57
CA LYS G 2214 -59.84 -20.99 29.88
C LYS G 2214 -60.45 -19.61 30.14
N THR G 2215 -59.94 -18.56 29.50
CA THR G 2215 -60.48 -17.23 29.70
C THR G 2215 -61.88 -17.12 29.09
N CYS G 2216 -62.02 -17.52 27.83
CA CYS G 2216 -63.30 -17.43 27.13
C CYS G 2216 -64.10 -18.69 27.41
N THR G 2217 -65.11 -18.56 28.27
CA THR G 2217 -65.97 -19.68 28.59
C THR G 2217 -67.43 -19.31 28.34
N THR G 2218 -67.75 -18.02 28.46
CA THR G 2218 -69.09 -17.51 28.24
C THR G 2218 -69.08 -16.50 27.11
N GLN G 2219 -70.27 -16.12 26.66
CA GLN G 2219 -70.41 -15.29 25.48
C GLN G 2219 -70.14 -13.81 25.80
N HIS G 2220 -70.16 -13.44 27.09
CA HIS G 2220 -69.86 -12.05 27.46
C HIS G 2220 -68.45 -11.65 27.04
N GLN G 2221 -67.46 -12.49 27.29
CA GLN G 2221 -66.07 -12.15 27.06
C GLN G 2221 -65.61 -12.43 25.63
N LEU G 2222 -66.48 -13.04 24.82
CA LEU G 2222 -66.13 -13.29 23.43
C LEU G 2222 -65.88 -12.00 22.65
N PRO G 2223 -66.75 -10.98 22.69
CA PRO G 2223 -66.45 -9.76 21.93
C PRO G 2223 -65.18 -9.05 22.38
N LYS G 2224 -64.91 -9.04 23.69
CA LYS G 2224 -63.68 -8.40 24.19
C LYS G 2224 -62.45 -9.11 23.64
N MET G 2225 -62.46 -10.44 23.71
CA MET G 2225 -61.37 -11.22 23.13
C MET G 2225 -61.27 -10.98 21.63
N LEU G 2226 -62.41 -10.83 20.97
CA LEU G 2226 -62.42 -10.55 19.54
C LEU G 2226 -61.72 -9.25 19.23
N GLU G 2227 -62.02 -8.21 20.01
CA GLU G 2227 -61.33 -6.93 19.83
C GLU G 2227 -59.84 -7.07 20.11
N GLU G 2228 -59.50 -7.77 21.20
CA GLU G 2228 -58.10 -7.96 21.57
C GLU G 2228 -57.32 -8.61 20.44
N PHE G 2229 -57.90 -9.65 19.84
CA PHE G 2229 -57.27 -10.33 18.73
C PHE G 2229 -57.23 -9.45 17.48
N SER G 2230 -58.35 -8.78 17.19
CA SER G 2230 -58.49 -8.04 15.95
C SER G 2230 -57.51 -6.88 15.88
N LEU G 2231 -57.25 -6.24 17.01
CA LEU G 2231 -56.25 -5.16 17.03
C LEU G 2231 -54.89 -5.66 16.54
N VAL G 2232 -54.44 -6.78 17.11
CA VAL G 2232 -53.16 -7.35 16.72
C VAL G 2232 -53.22 -7.80 15.26
N VAL G 2233 -54.36 -8.33 14.84
CA VAL G 2233 -54.53 -8.76 13.44
C VAL G 2233 -54.35 -7.59 12.50
N HIS G 2234 -55.01 -6.48 12.81
CA HIS G 2234 -54.90 -5.27 12.01
C HIS G 2234 -53.46 -4.78 11.95
N HIS G 2235 -52.79 -4.76 13.10
CA HIS G 2235 -51.41 -4.29 13.13
C HIS G 2235 -50.50 -5.18 12.32
N CYS G 2236 -50.68 -6.50 12.42
CA CYS G 2236 -49.85 -7.44 11.67
C CYS G 2236 -50.10 -7.32 10.18
N ARG G 2237 -51.36 -7.15 9.77
CA ARG G 2237 -51.66 -7.00 8.35
C ARG G 2237 -51.06 -5.70 7.82
N LEU G 2238 -51.13 -4.63 8.62
CA LEU G 2238 -50.49 -3.38 8.23
C LEU G 2238 -48.99 -3.57 8.09
N LEU G 2239 -48.38 -4.34 8.99
CA LEU G 2239 -46.95 -4.64 8.87
C LEU G 2239 -46.65 -5.38 7.57
N GLY G 2240 -47.47 -6.37 7.23
CA GLY G 2240 -47.27 -7.08 5.98
C GLY G 2240 -47.38 -6.17 4.77
N GLU G 2241 -48.36 -5.25 4.81
CA GLU G 2241 -48.51 -4.28 3.75
C GLU G 2241 -47.28 -3.39 3.64
N GLU G 2242 -46.73 -2.99 4.79
CA GLU G 2242 -45.50 -2.21 4.81
C GLU G 2242 -44.37 -3.00 4.18
N ILE G 2243 -44.29 -4.29 4.49
CA ILE G 2243 -43.25 -5.14 3.93
C ILE G 2243 -43.35 -5.18 2.42
N GLU G 2244 -44.56 -5.37 1.90
CA GLU G 2244 -44.75 -5.40 0.46
C GLU G 2244 -44.41 -4.06 -0.18
N TYR G 2245 -44.82 -2.97 0.48
CA TYR G 2245 -44.51 -1.63 -0.01
C TYR G 2245 -43.00 -1.44 -0.13
N LEU G 2246 -42.26 -1.84 0.91
CA LEU G 2246 -40.82 -1.72 0.89
C LEU G 2246 -40.18 -2.68 -0.12
N LYS G 2247 -40.82 -3.81 -0.38
CA LYS G 2247 -40.35 -4.69 -1.44
C LYS G 2247 -40.61 -4.11 -2.82
N ARG G 2248 -41.53 -3.15 -2.92
CA ARG G 2248 -41.80 -2.48 -4.18
C ARG G 2248 -40.99 -1.20 -4.35
N TRP G 2249 -40.98 -0.34 -3.33
CA TRP G 2249 -40.35 0.98 -3.43
C TRP G 2249 -39.07 1.08 -2.60
N GLY G 2250 -38.45 -0.05 -2.27
CA GLY G 2250 -37.24 -0.05 -1.49
C GLY G 2250 -36.07 0.68 -2.11
N PRO G 2251 -35.77 0.40 -3.38
CA PRO G 2251 -34.63 1.08 -4.02
C PRO G 2251 -34.78 2.59 -4.09
N ASN G 2252 -36.00 3.12 -4.07
CA ASN G 2252 -36.17 4.56 -3.99
C ASN G 2252 -35.59 5.12 -2.70
N TYR G 2253 -35.58 4.30 -1.63
CA TYR G 2253 -35.01 4.69 -0.36
C TYR G 2253 -33.67 4.03 -0.09
N ASN G 2254 -32.99 3.56 -1.14
CA ASN G 2254 -31.70 2.88 -1.08
C ASN G 2254 -31.77 1.53 -0.41
N LEU G 2255 -32.97 1.05 -0.08
CA LEU G 2255 -33.14 -0.28 0.52
C LEU G 2255 -33.16 -1.30 -0.60
N MET G 2256 -32.01 -1.93 -0.84
CA MET G 2256 -31.90 -2.83 -1.99
C MET G 2256 -32.63 -4.15 -1.77
N ASN G 2257 -32.55 -4.71 -0.57
CA ASN G 2257 -33.03 -6.06 -0.36
C ASN G 2257 -33.64 -6.20 1.02
N ILE G 2258 -34.65 -7.04 1.11
CA ILE G 2258 -35.27 -7.43 2.37
C ILE G 2258 -35.37 -8.95 2.39
N ASP G 2259 -34.95 -9.55 3.49
CA ASP G 2259 -35.01 -10.99 3.67
C ASP G 2259 -35.79 -11.33 4.92
N ILE G 2260 -36.75 -12.24 4.80
CA ILE G 2260 -37.63 -12.61 5.90
C ILE G 2260 -37.24 -14.02 6.33
N ASN G 2261 -36.44 -14.10 7.38
CA ASN G 2261 -36.18 -15.33 8.10
C ASN G 2261 -37.21 -15.42 9.23
N ASN G 2262 -36.96 -16.24 10.24
CA ASN G 2262 -37.73 -16.14 11.47
C ASN G 2262 -37.66 -14.71 11.99
N ASN G 2263 -38.44 -14.42 13.04
CA ASN G 2263 -38.96 -13.09 13.34
C ASN G 2263 -38.01 -11.94 13.06
N GLU G 2264 -36.70 -12.20 13.09
CA GLU G 2264 -35.72 -11.25 12.59
C GLU G 2264 -36.12 -10.73 11.21
N LEU G 2265 -35.78 -9.47 10.94
CA LEU G 2265 -36.04 -8.86 9.64
C LEU G 2265 -34.80 -8.10 9.21
N ARG G 2266 -34.22 -8.49 8.08
CA ARG G 2266 -32.94 -7.98 7.62
C ARG G 2266 -33.17 -6.93 6.54
N LEU G 2267 -32.87 -5.68 6.84
CA LEU G 2267 -32.94 -4.59 5.88
C LEU G 2267 -31.54 -4.29 5.38
N LEU G 2268 -31.32 -4.44 4.08
CA LEU G 2268 -30.01 -4.22 3.46
C LEU G 2268 -30.01 -2.85 2.79
N PHE G 2269 -29.36 -1.89 3.43
CA PHE G 2269 -29.17 -0.58 2.84
C PHE G 2269 -27.78 -0.49 2.23
N SER G 2270 -27.71 0.07 1.03
CA SER G 2270 -26.43 0.33 0.38
C SER G 2270 -26.55 1.57 -0.48
N SER G 2271 -25.50 2.39 -0.49
CA SER G 2271 -25.47 3.58 -1.33
C SER G 2271 -24.02 3.97 -1.54
N SER G 2272 -23.62 4.08 -2.79
CA SER G 2272 -22.27 4.51 -3.14
C SER G 2272 -22.07 6.01 -2.97
N ALA G 2273 -23.16 6.76 -2.79
CA ALA G 2273 -23.05 8.19 -2.57
C ALA G 2273 -22.37 8.49 -1.23
N ALA G 2274 -22.78 7.81 -0.17
CA ALA G 2274 -22.14 7.95 1.13
C ALA G 2274 -21.12 6.85 1.40
N PHE G 2275 -20.91 5.94 0.45
CA PHE G 2275 -20.03 4.79 0.62
C PHE G 2275 -20.41 3.99 1.87
N ALA G 2276 -21.71 3.75 2.01
CA ALA G 2276 -22.24 3.06 3.19
C ALA G 2276 -23.09 1.89 2.73
N LYS G 2277 -22.81 0.71 3.29
CA LYS G 2277 -23.64 -0.47 3.04
C LYS G 2277 -23.68 -1.29 4.32
N PHE G 2278 -24.87 -1.56 4.81
CA PHE G 2278 -25.04 -2.27 6.07
C PHE G 2278 -26.35 -3.02 6.06
N GLU G 2279 -26.45 -4.02 6.92
CA GLU G 2279 -27.65 -4.83 7.08
C GLU G 2279 -28.20 -4.60 8.48
N ILE G 2280 -29.44 -4.12 8.56
CA ILE G 2280 -30.11 -3.92 9.83
C ILE G 2280 -31.06 -5.07 10.07
N THR G 2281 -30.86 -5.80 11.16
CA THR G 2281 -31.70 -6.92 11.52
C THR G 2281 -32.68 -6.47 12.61
N LEU G 2282 -33.96 -6.64 12.34
CA LEU G 2282 -35.02 -6.17 13.23
C LEU G 2282 -35.79 -7.36 13.79
N PHE G 2283 -35.89 -7.43 15.12
CA PHE G 2283 -36.64 -8.49 15.79
C PHE G 2283 -38.09 -8.04 15.91
N LEU G 2284 -38.92 -8.53 14.99
CA LEU G 2284 -40.33 -8.18 15.01
C LEU G 2284 -41.09 -9.06 16.00
N SER G 2285 -42.17 -8.52 16.53
CA SER G 2285 -42.98 -9.22 17.51
C SER G 2285 -44.45 -8.98 17.18
N ALA G 2286 -45.31 -9.78 17.81
CA ALA G 2286 -46.75 -9.63 17.61
C ALA G 2286 -47.26 -8.30 18.11
N TYR G 2287 -46.50 -7.62 18.96
CA TYR G 2287 -46.89 -6.34 19.52
C TYR G 2287 -46.39 -5.15 18.71
N TYR G 2288 -46.02 -5.38 17.45
CA TYR G 2288 -45.68 -4.27 16.57
C TYR G 2288 -46.90 -3.36 16.39
N PRO G 2289 -46.71 -2.05 16.29
CA PRO G 2289 -45.46 -1.29 16.39
C PRO G 2289 -45.25 -0.68 17.77
N SER G 2290 -46.11 -1.03 18.73
CA SER G 2290 -46.02 -0.43 20.05
C SER G 2290 -44.70 -0.78 20.74
N VAL G 2291 -44.27 -2.03 20.62
CA VAL G 2291 -43.03 -2.46 21.27
C VAL G 2291 -41.84 -2.02 20.44
N PRO G 2292 -40.84 -1.37 21.05
CA PRO G 2292 -39.64 -1.00 20.29
C PRO G 2292 -38.91 -2.22 19.76
N LEU G 2293 -38.30 -2.05 18.59
CA LEU G 2293 -37.68 -3.15 17.88
C LEU G 2293 -36.22 -3.28 18.27
N PRO G 2294 -35.78 -4.44 18.78
CA PRO G 2294 -34.36 -4.61 19.12
C PRO G 2294 -33.50 -4.79 17.89
N SER G 2295 -33.10 -3.69 17.25
CA SER G 2295 -32.37 -3.78 16.00
C SER G 2295 -30.89 -4.05 16.24
N THR G 2296 -30.26 -4.65 15.23
CA THR G 2296 -28.81 -4.82 15.17
C THR G 2296 -28.33 -4.42 13.79
N ILE G 2297 -27.09 -3.95 13.71
CA ILE G 2297 -26.50 -3.50 12.45
C ILE G 2297 -25.23 -4.28 12.18
N GLN G 2298 -25.05 -4.69 10.94
CA GLN G 2298 -23.80 -5.22 10.44
C GLN G 2298 -23.30 -4.31 9.34
N ASN G 2299 -22.13 -3.70 9.54
CA ASN G 2299 -21.60 -2.70 8.61
C ASN G 2299 -20.78 -3.41 7.55
N HIS G 2300 -21.39 -3.65 6.40
CA HIS G 2300 -20.69 -4.30 5.30
C HIS G 2300 -19.62 -3.39 4.72
N VAL G 2301 -19.99 -2.15 4.40
CA VAL G 2301 -19.09 -1.18 3.80
C VAL G 2301 -19.36 0.18 4.42
N GLY G 2302 -18.29 0.89 4.79
CA GLY G 2302 -18.42 2.21 5.36
C GLY G 2302 -18.19 2.23 6.85
N ASN G 2303 -18.33 3.42 7.42
CA ASN G 2303 -18.11 3.66 8.83
C ASN G 2303 -19.40 3.89 9.61
N THR G 2304 -20.53 3.42 9.08
CA THR G 2304 -21.80 3.55 9.77
C THR G 2304 -21.75 2.77 11.08
N SER G 2305 -22.14 3.43 12.17
CA SER G 2305 -22.04 2.87 13.50
C SER G 2305 -23.42 2.66 14.11
N GLN G 2306 -23.45 1.90 15.20
CA GLN G 2306 -24.71 1.54 15.85
C GLN G 2306 -25.40 2.77 16.43
N ASP G 2307 -24.64 3.75 16.92
CA ASP G 2307 -25.24 4.87 17.62
C ASP G 2307 -26.17 5.68 16.71
N ASP G 2308 -25.75 5.91 15.47
CA ASP G 2308 -26.57 6.66 14.54
C ASP G 2308 -27.89 5.93 14.29
N ILE G 2309 -27.81 4.62 14.09
CA ILE G 2309 -29.00 3.82 13.84
C ILE G 2309 -29.92 3.86 15.06
N ALA G 2310 -29.36 3.73 16.25
CA ALA G 2310 -30.17 3.76 17.46
C ALA G 2310 -30.86 5.11 17.64
N THR G 2311 -30.14 6.20 17.37
CA THR G 2311 -30.74 7.52 17.45
C THR G 2311 -31.87 7.67 16.45
N ILE G 2312 -31.67 7.18 15.22
CA ILE G 2312 -32.71 7.26 14.21
C ILE G 2312 -33.93 6.46 14.65
N LEU G 2313 -33.70 5.26 15.20
CA LEU G 2313 -34.80 4.43 15.66
C LEU G 2313 -35.59 5.10 16.78
N SER G 2314 -34.88 5.68 17.75
CA SER G 2314 -35.56 6.36 18.84
C SER G 2314 -36.29 7.60 18.35
N LYS G 2315 -35.81 8.21 17.26
CA LYS G 2315 -36.48 9.38 16.70
C LYS G 2315 -37.85 9.01 16.15
N VAL G 2316 -37.96 7.88 15.47
CA VAL G 2316 -39.22 7.51 14.82
C VAL G 2316 -40.26 7.16 15.88
N PRO G 2317 -41.45 7.75 15.83
CA PRO G 2317 -42.48 7.42 16.83
C PRO G 2317 -42.99 6.00 16.68
N LEU G 2318 -43.43 5.43 17.81
CA LEU G 2318 -43.93 4.06 17.85
C LEU G 2318 -45.42 4.07 17.50
N GLU G 2319 -45.70 4.16 16.22
CA GLU G 2319 -47.07 4.22 15.72
C GLU G 2319 -47.14 3.47 14.39
N ASN G 2320 -48.24 3.62 13.68
CA ASN G 2320 -48.42 2.93 12.40
C ASN G 2320 -47.40 3.43 11.38
N ASN G 2321 -47.12 2.57 10.40
CA ASN G 2321 -46.09 2.83 9.39
C ASN G 2321 -44.73 3.02 10.04
N TYR G 2322 -44.50 2.35 11.17
CA TYR G 2322 -43.26 2.53 11.90
C TYR G 2322 -42.06 2.10 11.05
N LEU G 2323 -42.16 0.95 10.40
CA LEU G 2323 -41.06 0.48 9.56
C LEU G 2323 -40.82 1.41 8.38
N LYS G 2324 -41.90 1.82 7.72
CA LYS G 2324 -41.78 2.73 6.58
C LYS G 2324 -41.19 4.06 7.02
N ASN G 2325 -41.62 4.57 8.17
CA ASN G 2325 -41.08 5.82 8.69
C ASN G 2325 -39.61 5.69 9.04
N VAL G 2326 -39.20 4.54 9.59
CA VAL G 2326 -37.79 4.30 9.88
C VAL G 2326 -36.98 4.31 8.59
N VAL G 2327 -37.49 3.64 7.56
CA VAL G 2327 -36.77 3.61 6.28
C VAL G 2327 -36.64 5.02 5.71
N LYS G 2328 -37.73 5.77 5.75
CA LYS G 2328 -37.70 7.14 5.23
C LYS G 2328 -36.72 8.01 6.01
N GLN G 2329 -36.73 7.88 7.34
CA GLN G 2329 -35.84 8.66 8.17
C GLN G 2329 -34.39 8.28 7.94
N ILE G 2330 -34.12 6.99 7.76
CA ILE G 2330 -32.76 6.54 7.48
C ILE G 2330 -32.27 7.14 6.16
N TYR G 2331 -33.12 7.07 5.13
CA TYR G 2331 -32.74 7.65 3.86
C TYR G 2331 -32.51 9.15 3.98
N GLN G 2332 -33.37 9.83 4.73
CA GLN G 2332 -33.24 11.28 4.89
C GLN G 2332 -31.96 11.64 5.64
N ASP G 2333 -31.65 10.89 6.69
CA ASP G 2333 -30.51 11.24 7.53
C ASP G 2333 -29.18 10.87 6.87
N LEU G 2334 -29.15 9.79 6.10
CA LEU G 2334 -27.90 9.26 5.57
C LEU G 2334 -27.73 9.48 4.08
N PHE G 2335 -28.81 9.62 3.31
CA PHE G 2335 -28.73 9.65 1.87
C PHE G 2335 -29.50 10.78 1.21
N GLN G 2336 -30.31 11.54 1.94
CA GLN G 2336 -31.14 12.55 1.30
C GLN G 2336 -30.29 13.66 0.68
N ASP G 2337 -29.39 14.24 1.47
CA ASP G 2337 -28.55 15.34 0.99
C ASP G 2337 -27.21 14.86 0.47
N CYS G 2338 -26.81 13.63 0.80
CA CYS G 2338 -25.59 13.07 0.23
C CYS G 2338 -25.74 12.79 -1.24
N HIS G 2339 -26.89 12.24 -1.65
CA HIS G 2339 -27.12 11.92 -3.05
C HIS G 2339 -27.26 13.16 -3.94
N PHE G 2340 -27.38 14.34 -3.34
CA PHE G 2340 -27.56 15.58 -4.10
C PHE G 2340 -26.32 15.98 -4.90
N TYR G 2341 -25.18 15.31 -4.70
CA TYR G 2341 -23.95 15.76 -5.35
C TYR G 2341 -24.06 15.69 -6.87
N HIS G 2342 -25.00 14.90 -7.38
CA HIS G 2342 -25.22 14.73 -8.82
C HIS G 2342 -23.99 14.11 -9.46
N GLN H 183 -118.93 -12.98 -7.35
CA GLN H 183 -117.71 -13.17 -8.13
C GLN H 183 -116.65 -12.16 -7.72
N GLU H 184 -117.06 -10.88 -7.61
CA GLU H 184 -116.14 -9.85 -7.16
C GLU H 184 -115.70 -10.10 -5.72
N LEU H 185 -116.62 -10.54 -4.86
CA LEU H 185 -116.26 -10.87 -3.49
C LEU H 185 -115.26 -12.01 -3.44
N ASP H 186 -115.48 -13.04 -4.26
CA ASP H 186 -114.55 -14.18 -4.30
C ASP H 186 -113.17 -13.74 -4.79
N ARG H 187 -113.14 -12.90 -5.82
CA ARG H 187 -111.86 -12.41 -6.34
C ARG H 187 -111.13 -11.58 -5.30
N VAL H 188 -111.84 -10.72 -4.58
CA VAL H 188 -111.22 -9.90 -3.55
C VAL H 188 -110.72 -10.78 -2.40
N PHE H 189 -111.48 -11.82 -2.05
CA PHE H 189 -111.04 -12.75 -1.02
C PHE H 189 -109.77 -13.48 -1.44
N GLN H 190 -109.70 -13.92 -2.69
CA GLN H 190 -108.50 -14.58 -3.18
C GLN H 190 -107.30 -13.64 -3.16
N LYS H 191 -107.51 -12.38 -3.58
CA LYS H 191 -106.44 -11.40 -3.54
C LYS H 191 -105.97 -11.14 -2.11
N LEU H 192 -106.92 -11.05 -1.17
CA LEU H 192 -106.57 -10.86 0.23
C LEU H 192 -105.78 -12.04 0.77
N GLY H 193 -106.17 -13.27 0.39
CA GLY H 193 -105.42 -14.44 0.82
C GLY H 193 -104.00 -14.45 0.26
N ASN H 194 -103.84 -14.08 -1.02
CA ASN H 194 -102.51 -14.01 -1.61
C ASN H 194 -101.67 -12.95 -0.91
N LEU H 195 -102.26 -11.79 -0.60
CA LEU H 195 -101.53 -10.74 0.09
C LEU H 195 -101.16 -11.18 1.51
N LYS H 196 -102.04 -11.93 2.17
CA LYS H 196 -101.72 -12.46 3.49
C LYS H 196 -100.56 -13.46 3.43
N GLN H 197 -100.54 -14.30 2.40
CA GLN H 197 -99.43 -15.22 2.23
C GLN H 197 -98.12 -14.47 1.98
N GLN H 198 -98.17 -13.42 1.16
CA GLN H 198 -97.00 -12.58 0.95
C GLN H 198 -96.55 -11.92 2.25
N ALA H 199 -97.51 -11.47 3.06
CA ALA H 199 -97.18 -10.86 4.35
C ALA H 199 -96.52 -11.87 5.27
N GLU H 200 -97.02 -13.10 5.30
CA GLU H 200 -96.40 -14.15 6.11
C GLU H 200 -94.98 -14.44 5.65
N GLN H 201 -94.78 -14.51 4.32
CA GLN H 201 -93.43 -14.73 3.79
C GLN H 201 -92.49 -13.61 4.20
N GLU H 202 -92.95 -12.36 4.07
CA GLU H 202 -92.09 -11.23 4.40
C GLU H 202 -91.82 -11.16 5.90
N ARG H 203 -92.80 -11.55 6.71
CA ARG H 203 -92.59 -11.59 8.16
C ARG H 203 -91.57 -12.66 8.53
N ASP H 204 -91.64 -13.82 7.89
CA ASP H 204 -90.65 -14.86 8.13
C ASP H 204 -89.27 -14.40 7.69
N LYS H 205 -89.21 -13.63 6.61
CA LYS H 205 -87.93 -13.18 6.08
C LYS H 205 -87.39 -11.98 6.87
N LEU H 206 -88.25 -11.33 7.66
CA LEU H 206 -87.83 -10.19 8.48
C LEU H 206 -86.93 -10.60 9.64
N GLN H 207 -87.34 -11.65 10.38
CA GLN H 207 -86.56 -12.08 11.53
C GLN H 207 -85.13 -12.44 11.13
N ARG H 208 -84.95 -12.84 9.87
CA ARG H 208 -83.61 -13.14 9.37
C ARG H 208 -82.69 -11.96 9.60
N TYR H 209 -82.97 -10.84 8.94
CA TYR H 209 -82.11 -9.67 9.05
C TYR H 209 -82.17 -9.04 10.44
N GLN H 210 -83.30 -9.19 11.13
CA GLN H 210 -83.36 -8.64 12.48
C GLN H 210 -82.35 -9.31 13.42
N THR H 211 -82.37 -10.65 13.47
CA THR H 211 -81.42 -11.33 14.34
C THR H 211 -80.01 -11.21 13.79
N PHE H 212 -79.86 -11.16 12.47
CA PHE H 212 -78.55 -10.89 11.86
C PHE H 212 -77.97 -9.58 12.40
N LEU H 213 -78.75 -8.51 12.32
CA LEU H 213 -78.28 -7.20 12.75
C LEU H 213 -77.99 -7.17 14.25
N GLN H 214 -78.83 -7.80 15.06
CA GLN H 214 -78.58 -7.73 16.49
C GLN H 214 -77.43 -8.63 16.92
N LEU H 215 -77.14 -9.72 16.21
CA LEU H 215 -75.86 -10.40 16.43
C LEU H 215 -74.67 -9.53 16.05
N LEU H 216 -74.74 -8.81 14.94
CA LEU H 216 -73.64 -7.89 14.66
C LEU H 216 -73.51 -6.82 15.75
N TYR H 217 -74.64 -6.38 16.31
CA TYR H 217 -74.57 -5.46 17.45
C TYR H 217 -73.86 -6.09 18.65
N THR H 218 -74.22 -7.33 18.99
CA THR H 218 -73.62 -7.97 20.16
C THR H 218 -72.14 -8.25 19.95
N LEU H 219 -71.76 -8.69 18.74
CA LEU H 219 -70.36 -8.97 18.44
C LEU H 219 -69.53 -7.69 18.40
N GLN H 220 -70.09 -6.60 17.86
CA GLN H 220 -69.35 -5.36 17.78
C GLN H 220 -69.20 -4.67 19.13
N GLY H 221 -69.97 -5.07 20.14
CA GLY H 221 -69.89 -4.49 21.45
C GLY H 221 -70.39 -5.42 22.54
#